data_7HMV
# 
_entry.id   7HMV 
# 
_audit_conform.dict_name       mmcif_pdbx.dic 
_audit_conform.dict_version    5.399 
_audit_conform.dict_location   http://mmcif.pdb.org/dictionaries/ascii/mmcif_pdbx.dic 
# 
loop_
_database_2.database_id 
_database_2.database_code 
_database_2.pdbx_database_accession 
_database_2.pdbx_DOI 
PDB   7HMV         pdb_00007hmv 10.2210/pdb7hmv/pdb 
WWPDB D_1001407673 ?            ?                   
# 
_pdbx_audit_revision_history.ordinal             1 
_pdbx_audit_revision_history.data_content_type   'Structure model' 
_pdbx_audit_revision_history.major_revision      1 
_pdbx_audit_revision_history.minor_revision      0 
_pdbx_audit_revision_history.revision_date       2024-11-27 
# 
_pdbx_audit_revision_details.ordinal             1 
_pdbx_audit_revision_details.revision_ordinal    1 
_pdbx_audit_revision_details.data_content_type   'Structure model' 
_pdbx_audit_revision_details.provider            repository 
_pdbx_audit_revision_details.type                'Initial release' 
_pdbx_audit_revision_details.description         ? 
_pdbx_audit_revision_details.details             ? 
# 
_pdbx_database_status.entry_id                        7HMV 
_pdbx_database_status.status_code                     REL 
_pdbx_database_status.status_code_sf                  REL 
_pdbx_database_status.status_code_mr                  ? 
_pdbx_database_status.status_code_cs                  ? 
_pdbx_database_status.recvd_initial_deposition_date   2024-11-04 
_pdbx_database_status.status_code_nmr_data            ? 
_pdbx_database_status.deposit_site                    RCSB 
_pdbx_database_status.process_site                    RCSB 
_pdbx_database_status.SG_entry                        ? 
_pdbx_database_status.pdb_format_compatible           Y 
_pdbx_database_status.methods_development_category    ? 
# 
_pdbx_contact_author.id                 1 
_pdbx_contact_author.email              knapp@pharmchem.uni-frankfurt.de 
_pdbx_contact_author.name_first         Stefan 
_pdbx_contact_author.name_last          Knapp 
_pdbx_contact_author.role               'principal investigator/group leader' 
_pdbx_contact_author.identifier_ORCID   0000-0001-5995-6494 
_pdbx_contact_author.name_mi            ? 
# 
loop_
_audit_author.name 
_audit_author.pdbx_ordinal 
'Kim, Y.'                              1 
'Marples, P.'                          2 
'Fearon, D.'                           3 
'von Delft, F.'                        4 
'Knapp, S.'                            5 
'Kraemer, A.'                          6 
'Structural Genomics Consortium (SGC)' 7 
# 
_citation.id                        primary 
_citation.title                     'PanDDA analysis group deposition' 
_citation.journal_abbrev            'To Be Published' 
_citation.journal_volume            ? 
_citation.page_first                ? 
_citation.page_last                 ? 
_citation.year                      ? 
_citation.journal_id_ASTM           ? 
_citation.country                   ? 
_citation.journal_id_ISSN           ? 
_citation.journal_id_CSD            0353 
_citation.book_publisher            ? 
_citation.pdbx_database_id_PubMed   ? 
_citation.pdbx_database_id_DOI      ? 
# 
loop_
_citation_author.citation_id 
_citation_author.name 
_citation_author.identifier_ORCID 
_citation_author.ordinal 
primary 'Kim, Y.'                              ? 1 
primary 'Marples, P.'                          ? 2 
primary 'Fearon, D.'                           ? 3 
primary 'von Delft, F.'                        ? 4 
primary 'Knapp, S.'                            ? 5 
primary 'Kraemer, A.'                          ? 6 
primary 'Structural Genomics Consortium (SGC)' ? 7 
# 
loop_
_entity.id 
_entity.type 
_entity.src_method 
_entity.pdbx_description 
_entity.formula_weight 
_entity.pdbx_number_of_molecules 
_entity.pdbx_ec 
_entity.pdbx_mutation 
_entity.pdbx_fragment 
_entity.details 
1 polymer     man 'E3 ubiquitin-protein ligase TRIM21' 21596.361 1   2.3.2.27 ? ? ? 
2 non-polymer syn '(4-fluorophenoxy)acetic acid'       170.138   1   ?        ? ? ? 
3 non-polymer syn 1,2-ETHANEDIOL                       62.068    1   ?        ? ? ? 
4 non-polymer syn 'SULFATE ION'                        96.063    1   ?        ? ? ? 
5 water       nat water                                18.015    144 ?        ? ? ? 
# 
_entity_name_com.entity_id   1 
_entity_name_com.name        
;52 kDa Ro protein,52 kDa ribonucleoprotein autoantigen Ro/SS-A,Ro(SS-A),Sjoegren syndrome type A antigen,SS-A,Tripartite motif-containing protein 21
;
# 
_entity_poly.entity_id                      1 
_entity_poly.type                           'polypeptide(L)' 
_entity_poly.nstd_linkage                   no 
_entity_poly.nstd_monomer                   no 
_entity_poly.pdbx_seq_one_letter_code       
;MHHHHHHMVHITLDRNTANSWLIISKDRRQVRMGDTHQNVSDNKERFSNYPMVLGAQRFSSGKMYWEVDVTQKEAWDLGV
CRDSVQRKGQFSLSPENGFWTIWLWQDSYEAGTSPQTTLHIQVPPCQIGIFVDYEAGVVSFYNITDHGSLIYTFSECVFA
GPLRPFFNVGFNYSGGNAAPLKLCPLKM
;
_entity_poly.pdbx_seq_one_letter_code_can   
;MHHHHHHMVHITLDRNTANSWLIISKDRRQVRMGDTHQNVSDNKERFSNYPMVLGAQRFSSGKMYWEVDVTQKEAWDLGV
CRDSVQRKGQFSLSPENGFWTIWLWQDSYEAGTSPQTTLHIQVPPCQIGIFVDYEAGVVSFYNITDHGSLIYTFSECVFA
GPLRPFFNVGFNYSGGNAAPLKLCPLKM
;
_entity_poly.pdbx_strand_id                 B 
_entity_poly.pdbx_target_identifier         ? 
# 
loop_
_pdbx_entity_nonpoly.entity_id 
_pdbx_entity_nonpoly.name 
_pdbx_entity_nonpoly.comp_id 
2 '(4-fluorophenoxy)acetic acid' U2R 
3 1,2-ETHANEDIOL                 EDO 
4 'SULFATE ION'                  SO4 
5 water                          HOH 
# 
loop_
_entity_poly_seq.entity_id 
_entity_poly_seq.num 
_entity_poly_seq.mon_id 
_entity_poly_seq.hetero 
1 1   MET n 
1 2   HIS n 
1 3   HIS n 
1 4   HIS n 
1 5   HIS n 
1 6   HIS n 
1 7   HIS n 
1 8   MET n 
1 9   VAL n 
1 10  HIS n 
1 11  ILE n 
1 12  THR n 
1 13  LEU n 
1 14  ASP n 
1 15  ARG n 
1 16  ASN n 
1 17  THR n 
1 18  ALA n 
1 19  ASN n 
1 20  SER n 
1 21  TRP n 
1 22  LEU n 
1 23  ILE n 
1 24  ILE n 
1 25  SER n 
1 26  LYS n 
1 27  ASP n 
1 28  ARG n 
1 29  ARG n 
1 30  GLN n 
1 31  VAL n 
1 32  ARG n 
1 33  MET n 
1 34  GLY n 
1 35  ASP n 
1 36  THR n 
1 37  HIS n 
1 38  GLN n 
1 39  ASN n 
1 40  VAL n 
1 41  SER n 
1 42  ASP n 
1 43  ASN n 
1 44  LYS n 
1 45  GLU n 
1 46  ARG n 
1 47  PHE n 
1 48  SER n 
1 49  ASN n 
1 50  TYR n 
1 51  PRO n 
1 52  MET n 
1 53  VAL n 
1 54  LEU n 
1 55  GLY n 
1 56  ALA n 
1 57  GLN n 
1 58  ARG n 
1 59  PHE n 
1 60  SER n 
1 61  SER n 
1 62  GLY n 
1 63  LYS n 
1 64  MET n 
1 65  TYR n 
1 66  TRP n 
1 67  GLU n 
1 68  VAL n 
1 69  ASP n 
1 70  VAL n 
1 71  THR n 
1 72  GLN n 
1 73  LYS n 
1 74  GLU n 
1 75  ALA n 
1 76  TRP n 
1 77  ASP n 
1 78  LEU n 
1 79  GLY n 
1 80  VAL n 
1 81  CYS n 
1 82  ARG n 
1 83  ASP n 
1 84  SER n 
1 85  VAL n 
1 86  GLN n 
1 87  ARG n 
1 88  LYS n 
1 89  GLY n 
1 90  GLN n 
1 91  PHE n 
1 92  SER n 
1 93  LEU n 
1 94  SER n 
1 95  PRO n 
1 96  GLU n 
1 97  ASN n 
1 98  GLY n 
1 99  PHE n 
1 100 TRP n 
1 101 THR n 
1 102 ILE n 
1 103 TRP n 
1 104 LEU n 
1 105 TRP n 
1 106 GLN n 
1 107 ASP n 
1 108 SER n 
1 109 TYR n 
1 110 GLU n 
1 111 ALA n 
1 112 GLY n 
1 113 THR n 
1 114 SER n 
1 115 PRO n 
1 116 GLN n 
1 117 THR n 
1 118 THR n 
1 119 LEU n 
1 120 HIS n 
1 121 ILE n 
1 122 GLN n 
1 123 VAL n 
1 124 PRO n 
1 125 PRO n 
1 126 CYS n 
1 127 GLN n 
1 128 ILE n 
1 129 GLY n 
1 130 ILE n 
1 131 PHE n 
1 132 VAL n 
1 133 ASP n 
1 134 TYR n 
1 135 GLU n 
1 136 ALA n 
1 137 GLY n 
1 138 VAL n 
1 139 VAL n 
1 140 SER n 
1 141 PHE n 
1 142 TYR n 
1 143 ASN n 
1 144 ILE n 
1 145 THR n 
1 146 ASP n 
1 147 HIS n 
1 148 GLY n 
1 149 SER n 
1 150 LEU n 
1 151 ILE n 
1 152 TYR n 
1 153 THR n 
1 154 PHE n 
1 155 SER n 
1 156 GLU n 
1 157 CYS n 
1 158 VAL n 
1 159 PHE n 
1 160 ALA n 
1 161 GLY n 
1 162 PRO n 
1 163 LEU n 
1 164 ARG n 
1 165 PRO n 
1 166 PHE n 
1 167 PHE n 
1 168 ASN n 
1 169 VAL n 
1 170 GLY n 
1 171 PHE n 
1 172 ASN n 
1 173 TYR n 
1 174 SER n 
1 175 GLY n 
1 176 GLY n 
1 177 ASN n 
1 178 ALA n 
1 179 ALA n 
1 180 PRO n 
1 181 LEU n 
1 182 LYS n 
1 183 LEU n 
1 184 CYS n 
1 185 PRO n 
1 186 LEU n 
1 187 LYS n 
1 188 MET n 
# 
_entity_src_gen.entity_id                          1 
_entity_src_gen.pdbx_src_id                        1 
_entity_src_gen.pdbx_alt_source_flag               sample 
_entity_src_gen.pdbx_seq_type                      'Biological sequence' 
_entity_src_gen.pdbx_beg_seq_num                   1 
_entity_src_gen.pdbx_end_seq_num                   188 
_entity_src_gen.gene_src_common_name               'house mouse' 
_entity_src_gen.gene_src_genus                     ? 
_entity_src_gen.pdbx_gene_src_gene                 'Trim21, Ro52, Ssa1' 
_entity_src_gen.gene_src_species                   ? 
_entity_src_gen.gene_src_strain                    ? 
_entity_src_gen.gene_src_tissue                    ? 
_entity_src_gen.gene_src_tissue_fraction           ? 
_entity_src_gen.gene_src_details                   ? 
_entity_src_gen.pdbx_gene_src_fragment             ? 
_entity_src_gen.pdbx_gene_src_scientific_name      'Mus musculus' 
_entity_src_gen.pdbx_gene_src_ncbi_taxonomy_id     10090 
_entity_src_gen.pdbx_gene_src_variant              ? 
_entity_src_gen.pdbx_gene_src_cell_line            ? 
_entity_src_gen.pdbx_gene_src_atcc                 ? 
_entity_src_gen.pdbx_gene_src_organ                ? 
_entity_src_gen.pdbx_gene_src_organelle            ? 
_entity_src_gen.pdbx_gene_src_cell                 ? 
_entity_src_gen.pdbx_gene_src_cellular_location    ? 
_entity_src_gen.host_org_common_name               ? 
_entity_src_gen.pdbx_host_org_scientific_name      'Escherichia coli' 
_entity_src_gen.pdbx_host_org_ncbi_taxonomy_id     562 
_entity_src_gen.host_org_genus                     ? 
_entity_src_gen.pdbx_host_org_gene                 ? 
_entity_src_gen.pdbx_host_org_organ                ? 
_entity_src_gen.host_org_species                   ? 
_entity_src_gen.pdbx_host_org_tissue               ? 
_entity_src_gen.pdbx_host_org_tissue_fraction      ? 
_entity_src_gen.pdbx_host_org_strain               ? 
_entity_src_gen.pdbx_host_org_variant              ? 
_entity_src_gen.pdbx_host_org_cell_line            ? 
_entity_src_gen.pdbx_host_org_atcc                 ? 
_entity_src_gen.pdbx_host_org_culture_collection   ? 
_entity_src_gen.pdbx_host_org_cell                 ? 
_entity_src_gen.pdbx_host_org_organelle            ? 
_entity_src_gen.pdbx_host_org_cellular_location    ? 
_entity_src_gen.pdbx_host_org_vector_type          ? 
_entity_src_gen.pdbx_host_org_vector               ? 
_entity_src_gen.host_org_details                   ? 
_entity_src_gen.expression_system_id               ? 
_entity_src_gen.plasmid_name                       ? 
_entity_src_gen.plasmid_details                    ? 
_entity_src_gen.pdbx_description                   ? 
# 
loop_
_chem_comp.id 
_chem_comp.type 
_chem_comp.mon_nstd_flag 
_chem_comp.name 
_chem_comp.pdbx_synonyms 
_chem_comp.formula 
_chem_comp.formula_weight 
ALA 'L-peptide linking' y ALANINE                        ?                 'C3 H7 N O2'     89.093  
ARG 'L-peptide linking' y ARGININE                       ?                 'C6 H15 N4 O2 1' 175.209 
ASN 'L-peptide linking' y ASPARAGINE                     ?                 'C4 H8 N2 O3'    132.118 
ASP 'L-peptide linking' y 'ASPARTIC ACID'                ?                 'C4 H7 N O4'     133.103 
CYS 'L-peptide linking' y CYSTEINE                       ?                 'C3 H7 N O2 S'   121.158 
EDO non-polymer         . 1,2-ETHANEDIOL                 'ETHYLENE GLYCOL' 'C2 H6 O2'       62.068  
GLN 'L-peptide linking' y GLUTAMINE                      ?                 'C5 H10 N2 O3'   146.144 
GLU 'L-peptide linking' y 'GLUTAMIC ACID'                ?                 'C5 H9 N O4'     147.129 
GLY 'peptide linking'   y GLYCINE                        ?                 'C2 H5 N O2'     75.067  
HIS 'L-peptide linking' y HISTIDINE                      ?                 'C6 H10 N3 O2 1' 156.162 
HOH non-polymer         . WATER                          ?                 'H2 O'           18.015  
ILE 'L-peptide linking' y ISOLEUCINE                     ?                 'C6 H13 N O2'    131.173 
LEU 'L-peptide linking' y LEUCINE                        ?                 'C6 H13 N O2'    131.173 
LYS 'L-peptide linking' y LYSINE                         ?                 'C6 H15 N2 O2 1' 147.195 
MET 'L-peptide linking' y METHIONINE                     ?                 'C5 H11 N O2 S'  149.211 
PHE 'L-peptide linking' y PHENYLALANINE                  ?                 'C9 H11 N O2'    165.189 
PRO 'L-peptide linking' y PROLINE                        ?                 'C5 H9 N O2'     115.130 
SER 'L-peptide linking' y SERINE                         ?                 'C3 H7 N O3'     105.093 
SO4 non-polymer         . 'SULFATE ION'                  ?                 'O4 S -2'        96.063  
THR 'L-peptide linking' y THREONINE                      ?                 'C4 H9 N O3'     119.119 
TRP 'L-peptide linking' y TRYPTOPHAN                     ?                 'C11 H12 N2 O2'  204.225 
TYR 'L-peptide linking' y TYROSINE                       ?                 'C9 H11 N O3'    181.189 
U2R non-polymer         . '(4-fluorophenoxy)acetic acid' ?                 'C8 H7 F O3'     170.138 
VAL 'L-peptide linking' y VALINE                         ?                 'C5 H11 N O2'    117.146 
# 
loop_
_pdbx_poly_seq_scheme.asym_id 
_pdbx_poly_seq_scheme.entity_id 
_pdbx_poly_seq_scheme.seq_id 
_pdbx_poly_seq_scheme.mon_id 
_pdbx_poly_seq_scheme.ndb_seq_num 
_pdbx_poly_seq_scheme.pdb_seq_num 
_pdbx_poly_seq_scheme.auth_seq_num 
_pdbx_poly_seq_scheme.pdb_mon_id 
_pdbx_poly_seq_scheme.auth_mon_id 
_pdbx_poly_seq_scheme.pdb_strand_id 
_pdbx_poly_seq_scheme.pdb_ins_code 
_pdbx_poly_seq_scheme.hetero 
A 1 1   MET 1   7   ?   ?   ?   B . n 
A 1 2   HIS 2   8   8   HIS HIS B . n 
A 1 3   HIS 3   9   9   HIS HIS B . n 
A 1 4   HIS 4   10  10  HIS HIS B . n 
A 1 5   HIS 5   11  11  HIS HIS B . n 
A 1 6   HIS 6   12  12  HIS HIS B . n 
A 1 7   HIS 7   13  13  HIS HIS B . n 
A 1 8   MET 8   14  14  MET MET B . n 
A 1 9   VAL 9   15  15  VAL VAL B . n 
A 1 10  HIS 10  16  16  HIS HIS B . n 
A 1 11  ILE 11  17  17  ILE ILE B . n 
A 1 12  THR 12  18  18  THR THR B . n 
A 1 13  LEU 13  19  19  LEU LEU B . n 
A 1 14  ASP 14  20  20  ASP ASP B . n 
A 1 15  ARG 15  21  21  ARG ARG B . n 
A 1 16  ASN 16  22  22  ASN ASN B . n 
A 1 17  THR 17  23  23  THR THR B . n 
A 1 18  ALA 18  24  24  ALA ALA B . n 
A 1 19  ASN 19  25  25  ASN ASN B . n 
A 1 20  SER 20  26  26  SER SER B . n 
A 1 21  TRP 21  27  27  TRP TRP B . n 
A 1 22  LEU 22  28  28  LEU LEU B . n 
A 1 23  ILE 23  29  29  ILE ILE B . n 
A 1 24  ILE 24  30  30  ILE ILE B . n 
A 1 25  SER 25  31  31  SER SER B . n 
A 1 26  LYS 26  32  32  LYS LYS B . n 
A 1 27  ASP 27  33  33  ASP ASP B . n 
A 1 28  ARG 28  34  34  ARG ARG B . n 
A 1 29  ARG 29  35  35  ARG ARG B . n 
A 1 30  GLN 30  36  36  GLN GLN B . n 
A 1 31  VAL 31  37  37  VAL VAL B . n 
A 1 32  ARG 32  38  38  ARG ARG B . n 
A 1 33  MET 33  39  39  MET MET B . n 
A 1 34  GLY 34  40  40  GLY GLY B . n 
A 1 35  ASP 35  41  41  ASP ASP B . n 
A 1 36  THR 36  42  42  THR THR B . n 
A 1 37  HIS 37  43  43  HIS HIS B . n 
A 1 38  GLN 38  44  44  GLN GLN B . n 
A 1 39  ASN 39  45  45  ASN ASN B . n 
A 1 40  VAL 40  46  46  VAL VAL B . n 
A 1 41  SER 41  47  47  SER SER B . n 
A 1 42  ASP 42  48  48  ASP ASP B . n 
A 1 43  ASN 43  49  49  ASN ASN B . n 
A 1 44  LYS 44  50  50  LYS LYS B . n 
A 1 45  GLU 45  51  51  GLU GLU B . n 
A 1 46  ARG 46  52  52  ARG ARG B . n 
A 1 47  PHE 47  53  53  PHE PHE B . n 
A 1 48  SER 48  54  54  SER SER B . n 
A 1 49  ASN 49  55  55  ASN ASN B . n 
A 1 50  TYR 50  56  56  TYR TYR B . n 
A 1 51  PRO 51  57  57  PRO PRO B . n 
A 1 52  MET 52  58  58  MET MET B . n 
A 1 53  VAL 53  59  59  VAL VAL B . n 
A 1 54  LEU 54  60  60  LEU LEU B . n 
A 1 55  GLY 55  61  61  GLY GLY B . n 
A 1 56  ALA 56  62  62  ALA ALA B . n 
A 1 57  GLN 57  63  63  GLN GLN B . n 
A 1 58  ARG 58  64  64  ARG ARG B . n 
A 1 59  PHE 59  65  65  PHE PHE B . n 
A 1 60  SER 60  66  66  SER SER B . n 
A 1 61  SER 61  67  67  SER SER B . n 
A 1 62  GLY 62  68  68  GLY GLY B . n 
A 1 63  LYS 63  69  69  LYS LYS B . n 
A 1 64  MET 64  70  70  MET MET B . n 
A 1 65  TYR 65  71  71  TYR TYR B . n 
A 1 66  TRP 66  72  72  TRP TRP B . n 
A 1 67  GLU 67  73  73  GLU GLU B . n 
A 1 68  VAL 68  74  74  VAL VAL B . n 
A 1 69  ASP 69  75  75  ASP ASP B . n 
A 1 70  VAL 70  76  76  VAL VAL B . n 
A 1 71  THR 71  77  77  THR THR B . n 
A 1 72  GLN 72  78  78  GLN GLN B . n 
A 1 73  LYS 73  79  79  LYS LYS B . n 
A 1 74  GLU 74  80  80  GLU GLU B . n 
A 1 75  ALA 75  81  81  ALA ALA B . n 
A 1 76  TRP 76  82  82  TRP TRP B . n 
A 1 77  ASP 77  83  83  ASP ASP B . n 
A 1 78  LEU 78  84  84  LEU LEU B . n 
A 1 79  GLY 79  85  85  GLY GLY B . n 
A 1 80  VAL 80  86  86  VAL VAL B . n 
A 1 81  CYS 81  87  87  CYS CYS B . n 
A 1 82  ARG 82  88  88  ARG ARG B . n 
A 1 83  ASP 83  89  89  ASP ASP B . n 
A 1 84  SER 84  90  90  SER SER B . n 
A 1 85  VAL 85  91  91  VAL VAL B . n 
A 1 86  GLN 86  92  92  GLN GLN B . n 
A 1 87  ARG 87  93  93  ARG ARG B . n 
A 1 88  LYS 88  94  94  LYS LYS B . n 
A 1 89  GLY 89  95  95  GLY GLY B . n 
A 1 90  GLN 90  96  96  GLN GLN B . n 
A 1 91  PHE 91  97  97  PHE PHE B . n 
A 1 92  SER 92  98  98  SER SER B . n 
A 1 93  LEU 93  99  99  LEU LEU B . n 
A 1 94  SER 94  100 100 SER SER B . n 
A 1 95  PRO 95  101 101 PRO PRO B . n 
A 1 96  GLU 96  102 102 GLU GLU B . n 
A 1 97  ASN 97  103 103 ASN ASN B . n 
A 1 98  GLY 98  104 104 GLY GLY B . n 
A 1 99  PHE 99  105 105 PHE PHE B . n 
A 1 100 TRP 100 106 106 TRP TRP B . n 
A 1 101 THR 101 107 107 THR THR B . n 
A 1 102 ILE 102 108 108 ILE ILE B . n 
A 1 103 TRP 103 109 109 TRP TRP B . n 
A 1 104 LEU 104 110 110 LEU LEU B . n 
A 1 105 TRP 105 111 111 TRP TRP B . n 
A 1 106 GLN 106 112 112 GLN GLN B . n 
A 1 107 ASP 107 113 113 ASP ASP B . n 
A 1 108 SER 108 114 114 SER SER B . n 
A 1 109 TYR 109 115 115 TYR TYR B . n 
A 1 110 GLU 110 116 116 GLU GLU B . n 
A 1 111 ALA 111 117 117 ALA ALA B . n 
A 1 112 GLY 112 118 118 GLY GLY B . n 
A 1 113 THR 113 119 119 THR THR B . n 
A 1 114 SER 114 120 120 SER SER B . n 
A 1 115 PRO 115 121 121 PRO PRO B . n 
A 1 116 GLN 116 122 122 GLN GLN B . n 
A 1 117 THR 117 123 123 THR THR B . n 
A 1 118 THR 118 124 124 THR THR B . n 
A 1 119 LEU 119 125 125 LEU LEU B . n 
A 1 120 HIS 120 126 126 HIS HIS B . n 
A 1 121 ILE 121 127 127 ILE ILE B . n 
A 1 122 GLN 122 128 128 GLN GLN B . n 
A 1 123 VAL 123 129 129 VAL VAL B . n 
A 1 124 PRO 124 130 130 PRO PRO B . n 
A 1 125 PRO 125 131 131 PRO PRO B . n 
A 1 126 CYS 126 132 132 CYS CYS B . n 
A 1 127 GLN 127 133 133 GLN GLN B . n 
A 1 128 ILE 128 134 134 ILE ILE B . n 
A 1 129 GLY 129 135 135 GLY GLY B . n 
A 1 130 ILE 130 136 136 ILE ILE B . n 
A 1 131 PHE 131 137 137 PHE PHE B . n 
A 1 132 VAL 132 138 138 VAL VAL B . n 
A 1 133 ASP 133 139 139 ASP ASP B . n 
A 1 134 TYR 134 140 140 TYR TYR B . n 
A 1 135 GLU 135 141 141 GLU GLU B . n 
A 1 136 ALA 136 142 142 ALA ALA B . n 
A 1 137 GLY 137 143 143 GLY GLY B . n 
A 1 138 VAL 138 144 144 VAL VAL B . n 
A 1 139 VAL 139 145 145 VAL VAL B . n 
A 1 140 SER 140 146 146 SER SER B . n 
A 1 141 PHE 141 147 147 PHE PHE B . n 
A 1 142 TYR 142 148 148 TYR TYR B . n 
A 1 143 ASN 143 149 149 ASN ASN B . n 
A 1 144 ILE 144 150 150 ILE ILE B . n 
A 1 145 THR 145 151 151 THR THR B . n 
A 1 146 ASP 146 152 152 ASP ASP B . n 
A 1 147 HIS 147 153 153 HIS HIS B . n 
A 1 148 GLY 148 154 154 GLY GLY B . n 
A 1 149 SER 149 155 155 SER SER B . n 
A 1 150 LEU 150 156 156 LEU LEU B . n 
A 1 151 ILE 151 157 157 ILE ILE B . n 
A 1 152 TYR 152 158 158 TYR TYR B . n 
A 1 153 THR 153 159 159 THR THR B . n 
A 1 154 PHE 154 160 160 PHE PHE B . n 
A 1 155 SER 155 161 161 SER SER B . n 
A 1 156 GLU 156 162 162 GLU GLU B . n 
A 1 157 CYS 157 163 163 CYS CYS B . n 
A 1 158 VAL 158 164 164 VAL VAL B . n 
A 1 159 PHE 159 165 165 PHE PHE B . n 
A 1 160 ALA 160 166 166 ALA ALA B . n 
A 1 161 GLY 161 167 167 GLY GLY B . n 
A 1 162 PRO 162 168 168 PRO PRO B . n 
A 1 163 LEU 163 169 169 LEU LEU B . n 
A 1 164 ARG 164 170 170 ARG ARG B . n 
A 1 165 PRO 165 171 171 PRO PRO B . n 
A 1 166 PHE 166 172 172 PHE PHE B . n 
A 1 167 PHE 167 173 173 PHE PHE B . n 
A 1 168 ASN 168 174 174 ASN ASN B . n 
A 1 169 VAL 169 175 175 VAL VAL B . n 
A 1 170 GLY 170 176 176 GLY GLY B . n 
A 1 171 PHE 171 177 177 PHE PHE B . n 
A 1 172 ASN 172 178 178 ASN ASN B . n 
A 1 173 TYR 173 179 179 TYR TYR B . n 
A 1 174 SER 174 180 180 SER SER B . n 
A 1 175 GLY 175 181 181 GLY GLY B . n 
A 1 176 GLY 176 182 182 GLY GLY B . n 
A 1 177 ASN 177 183 183 ASN ASN B . n 
A 1 178 ALA 178 184 184 ALA ALA B . n 
A 1 179 ALA 179 185 185 ALA ALA B . n 
A 1 180 PRO 180 186 186 PRO PRO B . n 
A 1 181 LEU 181 187 187 LEU LEU B . n 
A 1 182 LYS 182 188 188 LYS LYS B . n 
A 1 183 LEU 183 189 189 LEU LEU B . n 
A 1 184 CYS 184 190 190 CYS CYS B . n 
A 1 185 PRO 185 191 191 PRO PRO B . n 
A 1 186 LEU 186 192 192 LEU LEU B . n 
A 1 187 LYS 187 193 ?   ?   ?   B . n 
A 1 188 MET 188 194 ?   ?   ?   B . n 
# 
_pdbx_entity_instance_feature.ordinal        1 
_pdbx_entity_instance_feature.comp_id        U2R 
_pdbx_entity_instance_feature.asym_id        ? 
_pdbx_entity_instance_feature.seq_num        ? 
_pdbx_entity_instance_feature.auth_comp_id   U2R 
_pdbx_entity_instance_feature.auth_asym_id   ? 
_pdbx_entity_instance_feature.auth_seq_num   ? 
_pdbx_entity_instance_feature.feature_type   'SUBJECT OF INVESTIGATION' 
_pdbx_entity_instance_feature.details        ? 
# 
loop_
_pdbx_nonpoly_scheme.asym_id 
_pdbx_nonpoly_scheme.entity_id 
_pdbx_nonpoly_scheme.mon_id 
_pdbx_nonpoly_scheme.ndb_seq_num 
_pdbx_nonpoly_scheme.pdb_seq_num 
_pdbx_nonpoly_scheme.auth_seq_num 
_pdbx_nonpoly_scheme.pdb_mon_id 
_pdbx_nonpoly_scheme.auth_mon_id 
_pdbx_nonpoly_scheme.pdb_strand_id 
_pdbx_nonpoly_scheme.pdb_ins_code 
B 2 U2R 1   201 302 U2R LIG B . 
C 3 EDO 1   202 305 EDO EDO B . 
D 4 SO4 1   203 1   SO4 SO4 B . 
E 5 HOH 1   301 11  HOH HOH B . 
E 5 HOH 2   302 129 HOH HOH B . 
E 5 HOH 3   303 29  HOH HOH B . 
E 5 HOH 4   304 12  HOH HOH B . 
E 5 HOH 5   305 2   HOH HOH B . 
E 5 HOH 6   306 4   HOH HOH B . 
E 5 HOH 7   307 63  HOH HOH B . 
E 5 HOH 8   308 27  HOH HOH B . 
E 5 HOH 9   309 21  HOH HOH B . 
E 5 HOH 10  310 1   HOH HOH B . 
E 5 HOH 11  311 26  HOH HOH B . 
E 5 HOH 12  312 33  HOH HOH B . 
E 5 HOH 13  313 34  HOH HOH B . 
E 5 HOH 14  314 89  HOH HOH B . 
E 5 HOH 15  315 99  HOH HOH B . 
E 5 HOH 16  316 184 HOH HOH B . 
E 5 HOH 17  317 102 HOH HOH B . 
E 5 HOH 18  318 90  HOH HOH B . 
E 5 HOH 19  319 36  HOH HOH B . 
E 5 HOH 20  320 70  HOH HOH B . 
E 5 HOH 21  321 16  HOH HOH B . 
E 5 HOH 22  322 95  HOH HOH B . 
E 5 HOH 23  323 25  HOH HOH B . 
E 5 HOH 24  324 28  HOH HOH B . 
E 5 HOH 25  325 11  HOH HOH B . 
E 5 HOH 26  326 10  HOH HOH B . 
E 5 HOH 27  327 15  HOH HOH B . 
E 5 HOH 28  328 68  HOH HOH B . 
E 5 HOH 29  329 72  HOH HOH B . 
E 5 HOH 30  330 51  HOH HOH B . 
E 5 HOH 31  331 39  HOH HOH B . 
E 5 HOH 32  332 31  HOH HOH B . 
E 5 HOH 33  333 80  HOH HOH B . 
E 5 HOH 34  334 16  HOH HOH B . 
E 5 HOH 35  335 18  HOH HOH B . 
E 5 HOH 36  336 267 HOH HOH B . 
E 5 HOH 37  337 5   HOH HOH B . 
E 5 HOH 38  338 55  HOH HOH B . 
E 5 HOH 39  339 32  HOH HOH B . 
E 5 HOH 40  340 27  HOH HOH B . 
E 5 HOH 41  341 100 HOH HOH B . 
E 5 HOH 42  342 85  HOH HOH B . 
E 5 HOH 43  343 2   HOH HOH B . 
E 5 HOH 44  344 7   HOH HOH B . 
E 5 HOH 45  345 22  HOH HOH B . 
E 5 HOH 46  346 86  HOH HOH B . 
E 5 HOH 47  347 62  HOH HOH B . 
E 5 HOH 48  348 20  HOH HOH B . 
E 5 HOH 49  349 26  HOH HOH B . 
E 5 HOH 50  350 81  HOH HOH B . 
E 5 HOH 51  351 126 HOH HOH B . 
E 5 HOH 52  352 157 HOH HOH B . 
E 5 HOH 53  353 214 HOH HOH B . 
E 5 HOH 54  354 19  HOH HOH B . 
E 5 HOH 55  355 58  HOH HOH B . 
E 5 HOH 56  356 50  HOH HOH B . 
E 5 HOH 57  357 29  HOH HOH B . 
E 5 HOH 58  358 1   HOH HOH B . 
E 5 HOH 59  359 3   HOH HOH B . 
E 5 HOH 60  360 10  HOH HOH B . 
E 5 HOH 61  361 8   HOH HOH B . 
E 5 HOH 62  362 17  HOH HOH B . 
E 5 HOH 63  363 6   HOH HOH B . 
E 5 HOH 64  364 125 HOH HOH B . 
E 5 HOH 65  365 47  HOH HOH B . 
E 5 HOH 66  366 25  HOH HOH B . 
E 5 HOH 67  367 93  HOH HOH B . 
E 5 HOH 68  368 61  HOH HOH B . 
E 5 HOH 69  369 43  HOH HOH B . 
E 5 HOH 70  370 14  HOH HOH B . 
E 5 HOH 71  371 66  HOH HOH B . 
E 5 HOH 72  372 304 HOH HOH B . 
E 5 HOH 73  373 76  HOH HOH B . 
E 5 HOH 74  374 71  HOH HOH B . 
E 5 HOH 75  375 172 HOH HOH B . 
E 5 HOH 76  376 4   HOH HOH B . 
E 5 HOH 77  377 9   HOH HOH B . 
E 5 HOH 78  378 3   HOH HOH B . 
E 5 HOH 79  379 13  HOH HOH B . 
E 5 HOH 80  380 33  HOH HOH B . 
E 5 HOH 81  381 59  HOH HOH B . 
E 5 HOH 82  382 82  HOH HOH B . 
E 5 HOH 83  383 137 HOH HOH B . 
E 5 HOH 84  384 46  HOH HOH B . 
E 5 HOH 85  385 281 HOH HOH B . 
E 5 HOH 86  386 154 HOH HOH B . 
E 5 HOH 87  387 60  HOH HOH B . 
E 5 HOH 88  388 32  HOH HOH B . 
E 5 HOH 89  389 303 HOH HOH B . 
E 5 HOH 90  390 48  HOH HOH B . 
E 5 HOH 91  391 73  HOH HOH B . 
E 5 HOH 92  392 116 HOH HOH B . 
E 5 HOH 93  393 211 HOH HOH B . 
E 5 HOH 94  394 56  HOH HOH B . 
E 5 HOH 95  395 64  HOH HOH B . 
E 5 HOH 96  396 24  HOH HOH B . 
E 5 HOH 97  397 23  HOH HOH B . 
E 5 HOH 98  398 97  HOH HOH B . 
E 5 HOH 99  399 12  HOH HOH B . 
E 5 HOH 100 400 8   HOH HOH B . 
E 5 HOH 101 401 30  HOH HOH B . 
E 5 HOH 102 402 57  HOH HOH B . 
E 5 HOH 103 403 20  HOH HOH B . 
E 5 HOH 104 404 103 HOH HOH B . 
E 5 HOH 105 405 197 HOH HOH B . 
E 5 HOH 106 406 49  HOH HOH B . 
E 5 HOH 107 407 69  HOH HOH B . 
E 5 HOH 108 408 7   HOH HOH B . 
E 5 HOH 109 409 38  HOH HOH B . 
E 5 HOH 110 410 257 HOH HOH B . 
E 5 HOH 111 411 140 HOH HOH B . 
E 5 HOH 112 412 42  HOH HOH B . 
E 5 HOH 113 413 22  HOH HOH B . 
E 5 HOH 114 414 15  HOH HOH B . 
E 5 HOH 115 415 44  HOH HOH B . 
E 5 HOH 116 416 263 HOH HOH B . 
E 5 HOH 117 417 120 HOH HOH B . 
E 5 HOH 118 418 18  HOH HOH B . 
E 5 HOH 119 419 45  HOH HOH B . 
E 5 HOH 120 420 54  HOH HOH B . 
E 5 HOH 121 421 5   HOH HOH B . 
E 5 HOH 122 422 41  HOH HOH B . 
E 5 HOH 123 423 264 HOH HOH B . 
E 5 HOH 124 424 53  HOH HOH B . 
E 5 HOH 125 425 133 HOH HOH B . 
E 5 HOH 126 426 19  HOH HOH B . 
E 5 HOH 127 427 112 HOH HOH B . 
E 5 HOH 128 428 30  HOH HOH B . 
E 5 HOH 129 429 114 HOH HOH B . 
E 5 HOH 130 430 266 HOH HOH B . 
E 5 HOH 131 431 23  HOH HOH B . 
E 5 HOH 132 432 115 HOH HOH B . 
E 5 HOH 133 433 13  HOH HOH B . 
E 5 HOH 134 434 21  HOH HOH B . 
E 5 HOH 135 435 107 HOH HOH B . 
E 5 HOH 136 436 98  HOH HOH B . 
E 5 HOH 137 437 104 HOH HOH B . 
E 5 HOH 138 438 205 HOH HOH B . 
E 5 HOH 139 439 166 HOH HOH B . 
E 5 HOH 140 440 127 HOH HOH B . 
E 5 HOH 141 441 14  HOH HOH B . 
E 5 HOH 142 442 270 HOH HOH B . 
E 5 HOH 143 443 131 HOH HOH B . 
E 5 HOH 144 444 259 HOH HOH B . 
# 
loop_
_pdbx_unobs_or_zero_occ_atoms.id 
_pdbx_unobs_or_zero_occ_atoms.PDB_model_num 
_pdbx_unobs_or_zero_occ_atoms.polymer_flag 
_pdbx_unobs_or_zero_occ_atoms.occupancy_flag 
_pdbx_unobs_or_zero_occ_atoms.auth_asym_id 
_pdbx_unobs_or_zero_occ_atoms.auth_comp_id 
_pdbx_unobs_or_zero_occ_atoms.auth_seq_id 
_pdbx_unobs_or_zero_occ_atoms.PDB_ins_code 
_pdbx_unobs_or_zero_occ_atoms.auth_atom_id 
_pdbx_unobs_or_zero_occ_atoms.label_alt_id 
_pdbx_unobs_or_zero_occ_atoms.label_asym_id 
_pdbx_unobs_or_zero_occ_atoms.label_comp_id 
_pdbx_unobs_or_zero_occ_atoms.label_seq_id 
_pdbx_unobs_or_zero_occ_atoms.label_atom_id 
1 1 Y 1 B LEU 192 ? CG  ? A LEU 186 CG  
2 1 Y 1 B LEU 192 ? CD1 ? A LEU 186 CD1 
3 1 Y 1 B LEU 192 ? CD2 ? A LEU 186 CD2 
# 
loop_
_software.pdbx_ordinal 
_software.name 
_software.version 
_software.date 
_software.type 
_software.contact_author 
_software.contact_author_email 
_software.classification 
_software.location 
_software.language 
_software.citation_id 
1 REFMAC      5.8.0267 ?               program 'Garib N. Murshudov' garib@ysbl.york.ac.uk    refinement        
http://www.ccp4.ac.uk/dist/html/refmac5.html        Fortran_77 ? 
2 Aimless     0.7.7    23/04/21        program 'Phil Evans'         ?                        'data scaling'    
http://www.mrc-lmb.cam.ac.uk/harry/pre/aimless.html ?          ? 
3 PDB_EXTRACT 3.23     'SEP. 23, 2016' package PDB                  deposit@deposit.rcsb.org 'data extraction' 
http://sw-tools.pdb.org/apps/PDB_EXTRACT/           C++        ? 
4 XDS         .        ?               program ?                    ?                        'data reduction'  ? ?          ? 
5 REFMAC      .        ?               program ?                    ?                        phasing           ? ?          ? 
# 
_cell.entry_id           7HMV 
_cell.length_a           95.369 
_cell.length_b           95.369 
_cell.length_c           45.820 
_cell.angle_alpha        90.000 
_cell.angle_beta         90.000 
_cell.angle_gamma        90.000 
_cell.Z_PDB              8 
_cell.pdbx_unique_axis   ? 
# 
_symmetry.entry_id                         7HMV 
_symmetry.space_group_name_H-M             'I 4' 
_symmetry.pdbx_full_space_group_name_H-M   ? 
_symmetry.cell_setting                     ? 
_symmetry.Int_Tables_number                79 
# 
_exptl.crystals_number   1 
_exptl.entry_id          7HMV 
_exptl.method            'X-RAY DIFFRACTION' 
# 
_exptl_crystal.id                    1 
_exptl_crystal.pdbx_mosaicity        0.000 
_exptl_crystal.pdbx_mosaicity_esd    ? 
_exptl_crystal.density_Matthews      2.41 
_exptl_crystal.density_diffrn        ? 
_exptl_crystal.density_meas          ? 
_exptl_crystal.density_meas_temp     ? 
_exptl_crystal.density_percent_sol   49.01 
_exptl_crystal.size_max              ? 
_exptl_crystal.size_mid              ? 
_exptl_crystal.size_min              ? 
_exptl_crystal.size_rad              ? 
_exptl_crystal.description           ? 
# 
_exptl_crystal_grow.crystal_id      1 
_exptl_crystal_grow.method          'VAPOR DIFFUSION, SITTING DROP' 
_exptl_crystal_grow.pH              8 
_exptl_crystal_grow.temp            293 
_exptl_crystal_grow.pdbx_details    '4 % PEG 400, 2 M AmmSO4, 0.1 M HEPES pH 8' 
_exptl_crystal_grow.temp_details    ? 
_exptl_crystal_grow.pdbx_pH_range   ? 
# 
_diffrn.id                     1 
_diffrn.ambient_temp           100 
_diffrn.crystal_id             1 
_diffrn.ambient_temp_details   ? 
# 
_diffrn_detector.detector               PIXEL 
_diffrn_detector.type                   'DECTRIS EIGER2 XE 9M' 
_diffrn_detector.pdbx_collection_date   2024-05-24 
_diffrn_detector.diffrn_id              1 
_diffrn_detector.details                ? 
# 
_diffrn_radiation.diffrn_id                        1 
_diffrn_radiation.wavelength_id                    1 
_diffrn_radiation.pdbx_diffrn_protocol             'SINGLE WAVELENGTH' 
_diffrn_radiation.pdbx_monochromatic_or_laue_m_l   ? 
_diffrn_radiation.monochromator                    ? 
_diffrn_radiation.pdbx_scattering_type             x-ray 
# 
_diffrn_radiation_wavelength.id           1 
_diffrn_radiation_wavelength.wavelength   0.92124 
_diffrn_radiation_wavelength.wt           1.0 
# 
_diffrn_source.diffrn_id                   1 
_diffrn_source.source                      SYNCHROTRON 
_diffrn_source.type                        'DIAMOND BEAMLINE I04-1' 
_diffrn_source.pdbx_wavelength_list        0.92124 
_diffrn_source.pdbx_synchrotron_site       Diamond 
_diffrn_source.pdbx_synchrotron_beamline   I04-1 
_diffrn_source.pdbx_wavelength             ? 
# 
_reflns.entry_id                     7HMV 
_reflns.pdbx_diffrn_id               1 
_reflns.pdbx_ordinal                 1 
_reflns.observed_criterion_sigma_I   ? 
_reflns.observed_criterion_sigma_F   ? 
_reflns.d_resolution_low             33.720 
_reflns.d_resolution_high            1.150 
_reflns.number_obs                   57034 
_reflns.number_all                   ? 
_reflns.percent_possible_obs         77.200 
_reflns.pdbx_Rmerge_I_obs            0.053 
_reflns.pdbx_Rsym_value              ? 
_reflns.pdbx_netI_over_sigmaI        16.400 
_reflns.B_iso_Wilson_estimate        ? 
_reflns.pdbx_redundancy              10.300 
_reflns.pdbx_Rrim_I_all              0.055 
_reflns.pdbx_Rpim_I_all              0.016 
_reflns.pdbx_CC_half                 0.999 
_reflns.pdbx_netI_over_av_sigmaI     ? 
_reflns.pdbx_number_measured_all     587897 
_reflns.pdbx_scaling_rejects         0 
_reflns.pdbx_chi_squared             ? 
_reflns.Rmerge_F_all                 ? 
_reflns.Rmerge_F_obs                 ? 
_reflns.observed_criterion_F_max     ? 
_reflns.observed_criterion_F_min     ? 
_reflns.observed_criterion_I_max     ? 
_reflns.observed_criterion_I_min     ? 
_reflns.pdbx_d_res_high_opt          ? 
_reflns.pdbx_d_res_low_opt           ? 
_reflns.details                      ? 
# 
loop_
_reflns_shell.pdbx_diffrn_id 
_reflns_shell.pdbx_ordinal 
_reflns_shell.d_res_high 
_reflns_shell.d_res_low 
_reflns_shell.number_measured_obs 
_reflns_shell.number_measured_all 
_reflns_shell.number_unique_obs 
_reflns_shell.pdbx_rejects 
_reflns_shell.Rmerge_I_obs 
_reflns_shell.meanI_over_sigI_obs 
_reflns_shell.pdbx_Rsym_value 
_reflns_shell.pdbx_chi_squared 
_reflns_shell.pdbx_redundancy 
_reflns_shell.percent_possible_obs 
_reflns_shell.pdbx_netI_over_sigmaI_obs 
_reflns_shell.number_possible 
_reflns_shell.number_unique_all 
_reflns_shell.Rmerge_F_all 
_reflns_shell.Rmerge_F_obs 
_reflns_shell.Rmerge_I_all 
_reflns_shell.meanI_over_sigI_all 
_reflns_shell.percent_possible_all 
_reflns_shell.pdbx_Rrim_I_all 
_reflns_shell.pdbx_Rpim_I_all 
_reflns_shell.pdbx_CC_half 
1 1 1.150 1.170  ? 303  281 ? 1.078 ? ? ? 1.100  ? 0.400  ? ? ? ? ? ? 7.800  1.524 1.078 ?     
1 2 6.280 33.720 ? 6253 487 ? 0.044 ? ? ? 12.800 ? 52.200 ? ? ? ? ? ? 99.500 0.046 0.014 0.990 
# 
_refine.entry_id                                 7HMV 
_refine.pdbx_refine_id                           'X-RAY DIFFRACTION' 
_refine.ls_d_res_high                            1.1500 
_refine.ls_d_res_low                             33.7400 
_refine.pdbx_ls_sigma_F                          0.000 
_refine.pdbx_data_cutoff_high_absF               ? 
_refine.pdbx_data_cutoff_low_absF                ? 
_refine.ls_percent_reflns_obs                    77.1300 
_refine.ls_number_reflns_obs                     54183 
_refine.ls_number_reflns_all                     ? 
_refine.pdbx_ls_cross_valid_method               THROUGHOUT 
_refine.ls_matrix_type                           ? 
_refine.pdbx_R_Free_selection_details            RANDOM 
_refine.details                                  
'HYDROGENS HAVE BEEN ADDED IN THE RIDING POSITIONS U VALUES      : REFINED INDIVIDUALLY' 
_refine.ls_R_factor_all                          ? 
_refine.ls_R_factor_obs                          0.1775 
_refine.ls_R_factor_R_work                       0.1766 
_refine.ls_wR_factor_R_work                      ? 
_refine.ls_R_factor_R_free                       0.1939 
_refine.ls_wR_factor_R_free                      ? 
_refine.ls_percent_reflns_R_free                 4.8000 
_refine.ls_number_reflns_R_free                  2730 
_refine.ls_number_reflns_R_work                  ? 
_refine.ls_R_factor_R_free_error                 ? 
_refine.B_iso_mean                               14.9410 
_refine.solvent_model_param_bsol                 ? 
_refine.solvent_model_param_ksol                 ? 
_refine.pdbx_isotropic_thermal_model             ? 
_refine.aniso_B[1][1]                            0.1300 
_refine.aniso_B[2][2]                            0.1300 
_refine.aniso_B[3][3]                            -0.2500 
_refine.aniso_B[1][2]                            -0.0000 
_refine.aniso_B[1][3]                            -0.0000 
_refine.aniso_B[2][3]                            -0.0000 
_refine.correlation_coeff_Fo_to_Fc               0.9690 
_refine.correlation_coeff_Fo_to_Fc_free          0.9630 
_refine.overall_SU_R_Cruickshank_DPI             ? 
_refine.pdbx_overall_SU_R_free_Cruickshank_DPI   ? 
_refine.pdbx_overall_SU_R_Blow_DPI               ? 
_refine.pdbx_overall_SU_R_free_Blow_DPI          ? 
_refine.overall_SU_R_free                        ? 
_refine.pdbx_overall_ESU_R                       0.0450 
_refine.pdbx_overall_ESU_R_Free                  0.0460 
_refine.overall_SU_ML                            0.0330 
_refine.overall_SU_B                             0.7480 
_refine.solvent_model_details                    MASK 
_refine.pdbx_solvent_vdw_probe_radii             1.2000 
_refine.pdbx_solvent_ion_probe_radii             0.8000 
_refine.pdbx_solvent_shrinkage_radii             0.8000 
_refine.ls_number_parameters                     ? 
_refine.ls_number_restraints                     ? 
_refine.pdbx_starting_model                      ? 
_refine.pdbx_method_to_determine_struct          'FOURIER SYNTHESIS' 
_refine.pdbx_stereochemistry_target_values       'MAXIMUM LIKELIHOOD' 
_refine.pdbx_stereochem_target_val_spec_case     ? 
_refine.overall_FOM_work_R_set                   ? 
_refine.B_iso_max                                60.480 
_refine.B_iso_min                                7.840 
_refine.pdbx_overall_phase_error                 ? 
_refine.occupancy_max                            ? 
_refine.occupancy_min                            ? 
_refine.pdbx_diffrn_id                           1 
_refine.pdbx_TLS_residual_ADP_flag               ? 
_refine.pdbx_ls_sigma_I                          ? 
_refine.pdbx_data_cutoff_high_rms_absF           ? 
_refine.ls_R_factor_R_free_error_details         ? 
# 
_refine_hist.cycle_id                         final 
_refine_hist.pdbx_refine_id                   'X-RAY DIFFRACTION' 
_refine_hist.d_res_high                       1.1500 
_refine_hist.d_res_low                        33.7400 
_refine_hist.pdbx_number_atoms_ligand         21 
_refine_hist.number_atoms_solvent             144 
_refine_hist.number_atoms_total               1658 
_refine_hist.pdbx_number_residues_total       185 
_refine_hist.pdbx_B_iso_mean_ligand           28.74 
_refine_hist.pdbx_B_iso_mean_solvent          25.25 
_refine_hist.pdbx_number_atoms_protein        1493 
_refine_hist.pdbx_number_atoms_nucleic_acid   0 
# 
loop_
_refine_ls_restr.pdbx_refine_id 
_refine_ls_restr.type 
_refine_ls_restr.number 
_refine_ls_restr.dev_ideal 
_refine_ls_restr.dev_ideal_target 
_refine_ls_restr.weight 
_refine_ls_restr.pdbx_restraint_function 
'X-RAY DIFFRACTION' r_bond_refined_d       1988 0.013  0.013  ? ? 
'X-RAY DIFFRACTION' r_bond_other_d         1597 0.001  0.015  ? ? 
'X-RAY DIFFRACTION' r_angle_refined_deg    2498 1.839  1.654  ? ? 
'X-RAY DIFFRACTION' r_angle_other_deg      3686 1.429  1.589  ? ? 
'X-RAY DIFFRACTION' r_dihedral_angle_1_deg 235  7.175  5.000  ? ? 
'X-RAY DIFFRACTION' r_dihedral_angle_2_deg 107  28.075 21.215 ? ? 
'X-RAY DIFFRACTION' r_dihedral_angle_3_deg 285  11.451 15.000 ? ? 
'X-RAY DIFFRACTION' r_dihedral_angle_4_deg 15   22.266 15.000 ? ? 
'X-RAY DIFFRACTION' r_chiral_restr         217  0.084  0.200  ? ? 
'X-RAY DIFFRACTION' r_gen_planes_refined   2224 0.011  0.020  ? ? 
'X-RAY DIFFRACTION' r_gen_planes_other     494  0.002  0.020  ? ? 
'X-RAY DIFFRACTION' r_mcbond_it            948  1.260  1.346  ? ? 
'X-RAY DIFFRACTION' r_mcbond_other         942  1.237  1.331  ? ? 
'X-RAY DIFFRACTION' r_mcangle_it           1129 1.970  2.008  ? ? 
# 
_refine_ls_shell.d_res_high                       1.1460 
_refine_ls_shell.d_res_low                        1.1760 
_refine_ls_shell.pdbx_total_number_of_bins_used   20 
_refine_ls_shell.percent_reflns_obs               9.9900 
_refine_ls_shell.number_reflns_R_work             516 
_refine_ls_shell.R_factor_all                     ? 
_refine_ls_shell.R_factor_R_work                  0.3450 
_refine_ls_shell.R_factor_R_free                  0.3440 
_refine_ls_shell.percent_reflns_R_free            ? 
_refine_ls_shell.number_reflns_R_free             25 
_refine_ls_shell.R_factor_R_free_error            ? 
_refine_ls_shell.number_reflns_all                541 
_refine_ls_shell.number_reflns_obs                ? 
_refine_ls_shell.pdbx_refine_id                   'X-RAY DIFFRACTION' 
# 
_struct.entry_id                  7HMV 
_struct.title                     'PanDDA analysis group deposition -- Crystal Structure of TRIM21 in complex with Z56978034' 
_struct.pdbx_model_details        ? 
_struct.pdbx_CASP_flag            ? 
_struct.pdbx_model_type_details   ? 
# 
_struct_keywords.entry_id        7HMV 
_struct_keywords.text            'SGC - Diamond I04-1 fragment screening, PanDDA, XChemExplorer, TRIM21, LIGASE' 
_struct_keywords.pdbx_keywords   LIGASE 
# 
loop_
_struct_asym.id 
_struct_asym.pdbx_blank_PDB_chainid_flag 
_struct_asym.pdbx_modified 
_struct_asym.entity_id 
_struct_asym.details 
A N N 1 ? 
B N N 2 ? 
C N N 3 ? 
D N N 4 ? 
E N N 5 ? 
# 
_struct_ref.id                         1 
_struct_ref.db_name                    UNP 
_struct_ref.db_code                    RO52_MOUSE 
_struct_ref.pdbx_db_accession          Q62191 
_struct_ref.pdbx_db_isoform            ? 
_struct_ref.entity_id                  1 
_struct_ref.pdbx_seq_one_letter_code   
;VHITLDRNTANSWLIISKDRRQVRMGDTHQNVSDNKERFSNYPMVLGAQRFSSGKMYWEVDVTQKEAWDLGVCRDSVQRK
GQFSLSPENGFWTIWLWQDSYEAGTSPQTTLHIQVPPCQIGIFVDYEAGVVSFYNITDHGSLIYTFSECVFAGPLRPFFN
VGFNYSGGNAAPLKLCPLKM
;
_struct_ref.pdbx_align_begin           291 
# 
_struct_ref_seq.align_id                      1 
_struct_ref_seq.ref_id                        1 
_struct_ref_seq.pdbx_PDB_id_code              7HMV 
_struct_ref_seq.pdbx_strand_id                B 
_struct_ref_seq.seq_align_beg                 9 
_struct_ref_seq.pdbx_seq_align_beg_ins_code   ? 
_struct_ref_seq.seq_align_end                 188 
_struct_ref_seq.pdbx_seq_align_end_ins_code   ? 
_struct_ref_seq.pdbx_db_accession             Q62191 
_struct_ref_seq.db_align_beg                  291 
_struct_ref_seq.pdbx_db_align_beg_ins_code    ? 
_struct_ref_seq.db_align_end                  470 
_struct_ref_seq.pdbx_db_align_end_ins_code    ? 
_struct_ref_seq.pdbx_auth_seq_align_beg       15 
_struct_ref_seq.pdbx_auth_seq_align_end       194 
# 
loop_
_struct_ref_seq_dif.align_id 
_struct_ref_seq_dif.pdbx_pdb_id_code 
_struct_ref_seq_dif.mon_id 
_struct_ref_seq_dif.pdbx_pdb_strand_id 
_struct_ref_seq_dif.seq_num 
_struct_ref_seq_dif.pdbx_pdb_ins_code 
_struct_ref_seq_dif.pdbx_seq_db_name 
_struct_ref_seq_dif.pdbx_seq_db_accession_code 
_struct_ref_seq_dif.db_mon_id 
_struct_ref_seq_dif.pdbx_seq_db_seq_num 
_struct_ref_seq_dif.details 
_struct_ref_seq_dif.pdbx_auth_seq_num 
_struct_ref_seq_dif.pdbx_ordinal 
1 7HMV MET B 1 ? UNP Q62191 ? ? 'initiating methionine' 7  1 
1 7HMV HIS B 2 ? UNP Q62191 ? ? 'expression tag'        8  2 
1 7HMV HIS B 3 ? UNP Q62191 ? ? 'expression tag'        9  3 
1 7HMV HIS B 4 ? UNP Q62191 ? ? 'expression tag'        10 4 
1 7HMV HIS B 5 ? UNP Q62191 ? ? 'expression tag'        11 5 
1 7HMV HIS B 6 ? UNP Q62191 ? ? 'expression tag'        12 6 
1 7HMV HIS B 7 ? UNP Q62191 ? ? 'expression tag'        13 7 
1 7HMV MET B 8 ? UNP Q62191 ? ? 'expression tag'        14 8 
# 
_pdbx_struct_assembly.id                   1 
_pdbx_struct_assembly.details              author_defined_assembly 
_pdbx_struct_assembly.method_details       ? 
_pdbx_struct_assembly.oligomeric_details   monomeric 
_pdbx_struct_assembly.oligomeric_count     1 
# 
_pdbx_struct_assembly_gen.assembly_id       1 
_pdbx_struct_assembly_gen.oper_expression   1 
_pdbx_struct_assembly_gen.asym_id_list      A,B,C,D,E 
# 
_pdbx_struct_oper_list.id                   1 
_pdbx_struct_oper_list.type                 'identity operation' 
_pdbx_struct_oper_list.name                 1_555 
_pdbx_struct_oper_list.symmetry_operation   x,y,z 
_pdbx_struct_oper_list.matrix[1][1]         1.0000000000 
_pdbx_struct_oper_list.matrix[1][2]         0.0000000000 
_pdbx_struct_oper_list.matrix[1][3]         0.0000000000 
_pdbx_struct_oper_list.vector[1]            0.0000000000 
_pdbx_struct_oper_list.matrix[2][1]         0.0000000000 
_pdbx_struct_oper_list.matrix[2][2]         1.0000000000 
_pdbx_struct_oper_list.matrix[2][3]         0.0000000000 
_pdbx_struct_oper_list.vector[2]            0.0000000000 
_pdbx_struct_oper_list.matrix[3][1]         0.0000000000 
_pdbx_struct_oper_list.matrix[3][2]         0.0000000000 
_pdbx_struct_oper_list.matrix[3][3]         1.0000000000 
_pdbx_struct_oper_list.vector[3]            0.0000000000 
# 
loop_
_struct_conf.conf_type_id 
_struct_conf.id 
_struct_conf.pdbx_PDB_helix_id 
_struct_conf.beg_label_comp_id 
_struct_conf.beg_label_asym_id 
_struct_conf.beg_label_seq_id 
_struct_conf.pdbx_beg_PDB_ins_code 
_struct_conf.end_label_comp_id 
_struct_conf.end_label_asym_id 
_struct_conf.end_label_seq_id 
_struct_conf.pdbx_end_PDB_ins_code 
_struct_conf.beg_auth_comp_id 
_struct_conf.beg_auth_asym_id 
_struct_conf.beg_auth_seq_id 
_struct_conf.end_auth_comp_id 
_struct_conf.end_auth_asym_id 
_struct_conf.end_auth_seq_id 
_struct_conf.pdbx_PDB_helix_class 
_struct_conf.details 
_struct_conf.pdbx_PDB_helix_length 
HELX_P HELX_P1 AA1 HIS A 4  ? MET A 8  ? HIS B 10  MET B 14  5 ? 5 
HELX_P HELX_P2 AA2 ASP A 14 ? ALA A 18 ? ASP B 20  ALA B 24  5 ? 5 
HELX_P HELX_P3 AA3 SER A 94 ? ASN A 97 ? SER B 100 ASN B 103 5 ? 4 
# 
_struct_conf_type.id          HELX_P 
_struct_conf_type.criteria    ? 
_struct_conf_type.reference   ? 
# 
_struct_mon_prot_cis.pdbx_id                1 
_struct_mon_prot_cis.label_comp_id          SER 
_struct_mon_prot_cis.label_seq_id           114 
_struct_mon_prot_cis.label_asym_id          A 
_struct_mon_prot_cis.label_alt_id           . 
_struct_mon_prot_cis.pdbx_PDB_ins_code      ? 
_struct_mon_prot_cis.auth_comp_id           SER 
_struct_mon_prot_cis.auth_seq_id            120 
_struct_mon_prot_cis.auth_asym_id           B 
_struct_mon_prot_cis.pdbx_label_comp_id_2   PRO 
_struct_mon_prot_cis.pdbx_label_seq_id_2    115 
_struct_mon_prot_cis.pdbx_label_asym_id_2   A 
_struct_mon_prot_cis.pdbx_PDB_ins_code_2    ? 
_struct_mon_prot_cis.pdbx_auth_comp_id_2    PRO 
_struct_mon_prot_cis.pdbx_auth_seq_id_2     121 
_struct_mon_prot_cis.pdbx_auth_asym_id_2    B 
_struct_mon_prot_cis.pdbx_PDB_model_num     1 
_struct_mon_prot_cis.pdbx_omega_angle       -2.07 
# 
loop_
_struct_sheet.id 
_struct_sheet.type 
_struct_sheet.number_strands 
_struct_sheet.details 
AA1 ? 7 ? 
AA2 ? 6 ? 
# 
loop_
_struct_sheet_order.sheet_id 
_struct_sheet_order.range_id_1 
_struct_sheet_order.range_id_2 
_struct_sheet_order.offset 
_struct_sheet_order.sense 
AA1 1 2 ? anti-parallel 
AA1 2 3 ? anti-parallel 
AA1 3 4 ? anti-parallel 
AA1 4 5 ? anti-parallel 
AA1 5 6 ? anti-parallel 
AA1 6 7 ? anti-parallel 
AA2 1 2 ? anti-parallel 
AA2 2 3 ? anti-parallel 
AA2 3 4 ? anti-parallel 
AA2 4 5 ? anti-parallel 
AA2 5 6 ? anti-parallel 
# 
loop_
_struct_sheet_range.sheet_id 
_struct_sheet_range.id 
_struct_sheet_range.beg_label_comp_id 
_struct_sheet_range.beg_label_asym_id 
_struct_sheet_range.beg_label_seq_id 
_struct_sheet_range.pdbx_beg_PDB_ins_code 
_struct_sheet_range.end_label_comp_id 
_struct_sheet_range.end_label_asym_id 
_struct_sheet_range.end_label_seq_id 
_struct_sheet_range.pdbx_end_PDB_ins_code 
_struct_sheet_range.beg_auth_comp_id 
_struct_sheet_range.beg_auth_asym_id 
_struct_sheet_range.beg_auth_seq_id 
_struct_sheet_range.end_auth_comp_id 
_struct_sheet_range.end_auth_asym_id 
_struct_sheet_range.end_auth_seq_id 
AA1 1 LEU A 22  ? ILE A 24  ? LEU B 28  ILE B 30  
AA1 2 GLN A 30  ? MET A 33  ? GLN B 36  MET B 39  
AA1 3 LEU A 181 ? LEU A 183 ? LEU B 187 LEU B 189 
AA1 4 LYS A 63  ? ASP A 69  ? LYS B 69  ASP B 75  
AA1 5 GLN A 127 ? ASP A 133 ? GLN B 133 ASP B 139 
AA1 6 VAL A 138 ? ASN A 143 ? VAL B 144 ASN B 149 
AA1 7 SER A 149 ? PHE A 154 ? SER B 155 PHE B 160 
AA2 1 MET A 52  ? LEU A 54  ? MET B 58  LEU B 60  
AA2 2 LEU A 163 ? ASN A 168 ? LEU B 169 ASN B 174 
AA2 3 TRP A 76  ? ARG A 82  ? TRP B 82  ARG B 88  
AA2 4 PHE A 99  ? TRP A 105 ? PHE B 105 TRP B 111 
AA2 5 SER A 108 ? ALA A 111 ? SER B 114 ALA B 117 
AA2 6 THR A 117 ? THR A 118 ? THR B 123 THR B 124 
# 
loop_
_pdbx_struct_sheet_hbond.sheet_id 
_pdbx_struct_sheet_hbond.range_id_1 
_pdbx_struct_sheet_hbond.range_id_2 
_pdbx_struct_sheet_hbond.range_1_label_atom_id 
_pdbx_struct_sheet_hbond.range_1_label_comp_id 
_pdbx_struct_sheet_hbond.range_1_label_asym_id 
_pdbx_struct_sheet_hbond.range_1_label_seq_id 
_pdbx_struct_sheet_hbond.range_1_PDB_ins_code 
_pdbx_struct_sheet_hbond.range_1_auth_atom_id 
_pdbx_struct_sheet_hbond.range_1_auth_comp_id 
_pdbx_struct_sheet_hbond.range_1_auth_asym_id 
_pdbx_struct_sheet_hbond.range_1_auth_seq_id 
_pdbx_struct_sheet_hbond.range_2_label_atom_id 
_pdbx_struct_sheet_hbond.range_2_label_comp_id 
_pdbx_struct_sheet_hbond.range_2_label_asym_id 
_pdbx_struct_sheet_hbond.range_2_label_seq_id 
_pdbx_struct_sheet_hbond.range_2_PDB_ins_code 
_pdbx_struct_sheet_hbond.range_2_auth_atom_id 
_pdbx_struct_sheet_hbond.range_2_auth_comp_id 
_pdbx_struct_sheet_hbond.range_2_auth_asym_id 
_pdbx_struct_sheet_hbond.range_2_auth_seq_id 
AA1 1 2 N ILE A 23  ? N ILE B 29  O ARG A 32  ? O ARG B 38  
AA1 2 3 N VAL A 31  ? N VAL B 37  O LEU A 181 ? O LEU B 187 
AA1 3 4 O LYS A 182 ? O LYS B 188 N ASP A 69  ? N ASP B 75  
AA1 4 5 N TRP A 66  ? N TRP B 72  O ILE A 130 ? O ILE B 136 
AA1 5 6 N PHE A 131 ? N PHE B 137 O SER A 140 ? O SER B 146 
AA1 6 7 N PHE A 141 ? N PHE B 147 O ILE A 151 ? O ILE B 157 
AA2 1 2 N VAL A 53  ? N VAL B 59  O PHE A 167 ? O PHE B 173 
AA2 2 3 O ARG A 164 ? O ARG B 170 N CYS A 81  ? N CYS B 87  
AA2 3 4 N VAL A 80  ? N VAL B 86  O TRP A 100 ? O TRP B 106 
AA2 4 5 N TRP A 105 ? N TRP B 111 O SER A 108 ? O SER B 114 
AA2 5 6 N ALA A 111 ? N ALA B 117 O THR A 117 ? O THR B 123 
# 
_pdbx_entry_details.entry_id                   7HMV 
_pdbx_entry_details.compound_details           ? 
_pdbx_entry_details.source_details             ? 
_pdbx_entry_details.nonpolymer_details         ? 
_pdbx_entry_details.sequence_details           ? 
_pdbx_entry_details.has_ligand_of_interest     Y 
_pdbx_entry_details.has_protein_modification   N 
# 
_pdbx_validate_rmsd_angle.id                         1 
_pdbx_validate_rmsd_angle.PDB_model_num              1 
_pdbx_validate_rmsd_angle.auth_atom_id_1             CG 
_pdbx_validate_rmsd_angle.auth_asym_id_1             B 
_pdbx_validate_rmsd_angle.auth_comp_id_1             ARG 
_pdbx_validate_rmsd_angle.auth_seq_id_1              64 
_pdbx_validate_rmsd_angle.PDB_ins_code_1             ? 
_pdbx_validate_rmsd_angle.label_alt_id_1             ? 
_pdbx_validate_rmsd_angle.auth_atom_id_2             CD 
_pdbx_validate_rmsd_angle.auth_asym_id_2             B 
_pdbx_validate_rmsd_angle.auth_comp_id_2             ARG 
_pdbx_validate_rmsd_angle.auth_seq_id_2              64 
_pdbx_validate_rmsd_angle.PDB_ins_code_2             ? 
_pdbx_validate_rmsd_angle.label_alt_id_2             ? 
_pdbx_validate_rmsd_angle.auth_atom_id_3             NE 
_pdbx_validate_rmsd_angle.auth_asym_id_3             B 
_pdbx_validate_rmsd_angle.auth_comp_id_3             ARG 
_pdbx_validate_rmsd_angle.auth_seq_id_3              64 
_pdbx_validate_rmsd_angle.PDB_ins_code_3             ? 
_pdbx_validate_rmsd_angle.label_alt_id_3             ? 
_pdbx_validate_rmsd_angle.angle_value                128.15 
_pdbx_validate_rmsd_angle.angle_target_value         111.80 
_pdbx_validate_rmsd_angle.angle_deviation            16.35 
_pdbx_validate_rmsd_angle.angle_standard_deviation   2.10 
_pdbx_validate_rmsd_angle.linker_flag                N 
# 
loop_
_pdbx_validate_torsion.id 
_pdbx_validate_torsion.PDB_model_num 
_pdbx_validate_torsion.auth_comp_id 
_pdbx_validate_torsion.auth_asym_id 
_pdbx_validate_torsion.auth_seq_id 
_pdbx_validate_torsion.PDB_ins_code 
_pdbx_validate_torsion.label_alt_id 
_pdbx_validate_torsion.phi 
_pdbx_validate_torsion.psi 
1 1 ASN B 45  ? ? 70.12   35.62 
2 1 ASP B 152 ? ? -103.70 52.10 
# 
_pdbx_struct_special_symmetry.id              1 
_pdbx_struct_special_symmetry.PDB_model_num   1 
_pdbx_struct_special_symmetry.auth_asym_id    B 
_pdbx_struct_special_symmetry.auth_comp_id    HOH 
_pdbx_struct_special_symmetry.auth_seq_id     429 
_pdbx_struct_special_symmetry.PDB_ins_code    ? 
_pdbx_struct_special_symmetry.label_asym_id   E 
_pdbx_struct_special_symmetry.label_comp_id   HOH 
_pdbx_struct_special_symmetry.label_seq_id    . 
# 
_phasing.method   MR 
# 
loop_
_pdbx_unobs_or_zero_occ_residues.id 
_pdbx_unobs_or_zero_occ_residues.PDB_model_num 
_pdbx_unobs_or_zero_occ_residues.polymer_flag 
_pdbx_unobs_or_zero_occ_residues.occupancy_flag 
_pdbx_unobs_or_zero_occ_residues.auth_asym_id 
_pdbx_unobs_or_zero_occ_residues.auth_comp_id 
_pdbx_unobs_or_zero_occ_residues.auth_seq_id 
_pdbx_unobs_or_zero_occ_residues.PDB_ins_code 
_pdbx_unobs_or_zero_occ_residues.label_asym_id 
_pdbx_unobs_or_zero_occ_residues.label_comp_id 
_pdbx_unobs_or_zero_occ_residues.label_seq_id 
1 1 Y 1 B MET 7   ? A MET 1   
2 1 Y 1 B LYS 193 ? A LYS 187 
3 1 Y 1 B MET 194 ? A MET 188 
# 
loop_
_chem_comp_atom.comp_id 
_chem_comp_atom.atom_id 
_chem_comp_atom.type_symbol 
_chem_comp_atom.pdbx_aromatic_flag 
_chem_comp_atom.pdbx_stereo_config 
_chem_comp_atom.pdbx_ordinal 
ALA N    N N N 1   
ALA CA   C N S 2   
ALA C    C N N 3   
ALA O    O N N 4   
ALA CB   C N N 5   
ALA OXT  O N N 6   
ALA H    H N N 7   
ALA H2   H N N 8   
ALA HA   H N N 9   
ALA HB1  H N N 10  
ALA HB2  H N N 11  
ALA HB3  H N N 12  
ALA HXT  H N N 13  
ARG N    N N N 14  
ARG CA   C N S 15  
ARG C    C N N 16  
ARG O    O N N 17  
ARG CB   C N N 18  
ARG CG   C N N 19  
ARG CD   C N N 20  
ARG NE   N N N 21  
ARG CZ   C N N 22  
ARG NH1  N N N 23  
ARG NH2  N N N 24  
ARG OXT  O N N 25  
ARG H    H N N 26  
ARG H2   H N N 27  
ARG HA   H N N 28  
ARG HB2  H N N 29  
ARG HB3  H N N 30  
ARG HG2  H N N 31  
ARG HG3  H N N 32  
ARG HD2  H N N 33  
ARG HD3  H N N 34  
ARG HE   H N N 35  
ARG HH11 H N N 36  
ARG HH12 H N N 37  
ARG HH21 H N N 38  
ARG HH22 H N N 39  
ARG HXT  H N N 40  
ASN N    N N N 41  
ASN CA   C N S 42  
ASN C    C N N 43  
ASN O    O N N 44  
ASN CB   C N N 45  
ASN CG   C N N 46  
ASN OD1  O N N 47  
ASN ND2  N N N 48  
ASN OXT  O N N 49  
ASN H    H N N 50  
ASN H2   H N N 51  
ASN HA   H N N 52  
ASN HB2  H N N 53  
ASN HB3  H N N 54  
ASN HD21 H N N 55  
ASN HD22 H N N 56  
ASN HXT  H N N 57  
ASP N    N N N 58  
ASP CA   C N S 59  
ASP C    C N N 60  
ASP O    O N N 61  
ASP CB   C N N 62  
ASP CG   C N N 63  
ASP OD1  O N N 64  
ASP OD2  O N N 65  
ASP OXT  O N N 66  
ASP H    H N N 67  
ASP H2   H N N 68  
ASP HA   H N N 69  
ASP HB2  H N N 70  
ASP HB3  H N N 71  
ASP HD2  H N N 72  
ASP HXT  H N N 73  
CYS N    N N N 74  
CYS CA   C N R 75  
CYS C    C N N 76  
CYS O    O N N 77  
CYS CB   C N N 78  
CYS SG   S N N 79  
CYS OXT  O N N 80  
CYS H    H N N 81  
CYS H2   H N N 82  
CYS HA   H N N 83  
CYS HB2  H N N 84  
CYS HB3  H N N 85  
CYS HG   H N N 86  
CYS HXT  H N N 87  
EDO C1   C N N 88  
EDO O1   O N N 89  
EDO C2   C N N 90  
EDO O2   O N N 91  
EDO H11  H N N 92  
EDO H12  H N N 93  
EDO HO1  H N N 94  
EDO H21  H N N 95  
EDO H22  H N N 96  
EDO HO2  H N N 97  
GLN N    N N N 98  
GLN CA   C N S 99  
GLN C    C N N 100 
GLN O    O N N 101 
GLN CB   C N N 102 
GLN CG   C N N 103 
GLN CD   C N N 104 
GLN OE1  O N N 105 
GLN NE2  N N N 106 
GLN OXT  O N N 107 
GLN H    H N N 108 
GLN H2   H N N 109 
GLN HA   H N N 110 
GLN HB2  H N N 111 
GLN HB3  H N N 112 
GLN HG2  H N N 113 
GLN HG3  H N N 114 
GLN HE21 H N N 115 
GLN HE22 H N N 116 
GLN HXT  H N N 117 
GLU N    N N N 118 
GLU CA   C N S 119 
GLU C    C N N 120 
GLU O    O N N 121 
GLU CB   C N N 122 
GLU CG   C N N 123 
GLU CD   C N N 124 
GLU OE1  O N N 125 
GLU OE2  O N N 126 
GLU OXT  O N N 127 
GLU H    H N N 128 
GLU H2   H N N 129 
GLU HA   H N N 130 
GLU HB2  H N N 131 
GLU HB3  H N N 132 
GLU HG2  H N N 133 
GLU HG3  H N N 134 
GLU HE2  H N N 135 
GLU HXT  H N N 136 
GLY N    N N N 137 
GLY CA   C N N 138 
GLY C    C N N 139 
GLY O    O N N 140 
GLY OXT  O N N 141 
GLY H    H N N 142 
GLY H2   H N N 143 
GLY HA2  H N N 144 
GLY HA3  H N N 145 
GLY HXT  H N N 146 
HIS N    N N N 147 
HIS CA   C N S 148 
HIS C    C N N 149 
HIS O    O N N 150 
HIS CB   C N N 151 
HIS CG   C Y N 152 
HIS ND1  N Y N 153 
HIS CD2  C Y N 154 
HIS CE1  C Y N 155 
HIS NE2  N Y N 156 
HIS OXT  O N N 157 
HIS H    H N N 158 
HIS H2   H N N 159 
HIS HA   H N N 160 
HIS HB2  H N N 161 
HIS HB3  H N N 162 
HIS HD1  H N N 163 
HIS HD2  H N N 164 
HIS HE1  H N N 165 
HIS HE2  H N N 166 
HIS HXT  H N N 167 
HOH O    O N N 168 
HOH H1   H N N 169 
HOH H2   H N N 170 
ILE N    N N N 171 
ILE CA   C N S 172 
ILE C    C N N 173 
ILE O    O N N 174 
ILE CB   C N S 175 
ILE CG1  C N N 176 
ILE CG2  C N N 177 
ILE CD1  C N N 178 
ILE OXT  O N N 179 
ILE H    H N N 180 
ILE H2   H N N 181 
ILE HA   H N N 182 
ILE HB   H N N 183 
ILE HG12 H N N 184 
ILE HG13 H N N 185 
ILE HG21 H N N 186 
ILE HG22 H N N 187 
ILE HG23 H N N 188 
ILE HD11 H N N 189 
ILE HD12 H N N 190 
ILE HD13 H N N 191 
ILE HXT  H N N 192 
LEU N    N N N 193 
LEU CA   C N S 194 
LEU C    C N N 195 
LEU O    O N N 196 
LEU CB   C N N 197 
LEU CG   C N N 198 
LEU CD1  C N N 199 
LEU CD2  C N N 200 
LEU OXT  O N N 201 
LEU H    H N N 202 
LEU H2   H N N 203 
LEU HA   H N N 204 
LEU HB2  H N N 205 
LEU HB3  H N N 206 
LEU HG   H N N 207 
LEU HD11 H N N 208 
LEU HD12 H N N 209 
LEU HD13 H N N 210 
LEU HD21 H N N 211 
LEU HD22 H N N 212 
LEU HD23 H N N 213 
LEU HXT  H N N 214 
LYS N    N N N 215 
LYS CA   C N S 216 
LYS C    C N N 217 
LYS O    O N N 218 
LYS CB   C N N 219 
LYS CG   C N N 220 
LYS CD   C N N 221 
LYS CE   C N N 222 
LYS NZ   N N N 223 
LYS OXT  O N N 224 
LYS H    H N N 225 
LYS H2   H N N 226 
LYS HA   H N N 227 
LYS HB2  H N N 228 
LYS HB3  H N N 229 
LYS HG2  H N N 230 
LYS HG3  H N N 231 
LYS HD2  H N N 232 
LYS HD3  H N N 233 
LYS HE2  H N N 234 
LYS HE3  H N N 235 
LYS HZ1  H N N 236 
LYS HZ2  H N N 237 
LYS HZ3  H N N 238 
LYS HXT  H N N 239 
MET N    N N N 240 
MET CA   C N S 241 
MET C    C N N 242 
MET O    O N N 243 
MET CB   C N N 244 
MET CG   C N N 245 
MET SD   S N N 246 
MET CE   C N N 247 
MET OXT  O N N 248 
MET H    H N N 249 
MET H2   H N N 250 
MET HA   H N N 251 
MET HB2  H N N 252 
MET HB3  H N N 253 
MET HG2  H N N 254 
MET HG3  H N N 255 
MET HE1  H N N 256 
MET HE2  H N N 257 
MET HE3  H N N 258 
MET HXT  H N N 259 
PHE N    N N N 260 
PHE CA   C N S 261 
PHE C    C N N 262 
PHE O    O N N 263 
PHE CB   C N N 264 
PHE CG   C Y N 265 
PHE CD1  C Y N 266 
PHE CD2  C Y N 267 
PHE CE1  C Y N 268 
PHE CE2  C Y N 269 
PHE CZ   C Y N 270 
PHE OXT  O N N 271 
PHE H    H N N 272 
PHE H2   H N N 273 
PHE HA   H N N 274 
PHE HB2  H N N 275 
PHE HB3  H N N 276 
PHE HD1  H N N 277 
PHE HD2  H N N 278 
PHE HE1  H N N 279 
PHE HE2  H N N 280 
PHE HZ   H N N 281 
PHE HXT  H N N 282 
PRO N    N N N 283 
PRO CA   C N S 284 
PRO C    C N N 285 
PRO O    O N N 286 
PRO CB   C N N 287 
PRO CG   C N N 288 
PRO CD   C N N 289 
PRO OXT  O N N 290 
PRO H    H N N 291 
PRO HA   H N N 292 
PRO HB2  H N N 293 
PRO HB3  H N N 294 
PRO HG2  H N N 295 
PRO HG3  H N N 296 
PRO HD2  H N N 297 
PRO HD3  H N N 298 
PRO HXT  H N N 299 
SER N    N N N 300 
SER CA   C N S 301 
SER C    C N N 302 
SER O    O N N 303 
SER CB   C N N 304 
SER OG   O N N 305 
SER OXT  O N N 306 
SER H    H N N 307 
SER H2   H N N 308 
SER HA   H N N 309 
SER HB2  H N N 310 
SER HB3  H N N 311 
SER HG   H N N 312 
SER HXT  H N N 313 
SO4 S    S N N 314 
SO4 O1   O N N 315 
SO4 O2   O N N 316 
SO4 O3   O N N 317 
SO4 O4   O N N 318 
THR N    N N N 319 
THR CA   C N S 320 
THR C    C N N 321 
THR O    O N N 322 
THR CB   C N R 323 
THR OG1  O N N 324 
THR CG2  C N N 325 
THR OXT  O N N 326 
THR H    H N N 327 
THR H2   H N N 328 
THR HA   H N N 329 
THR HB   H N N 330 
THR HG1  H N N 331 
THR HG21 H N N 332 
THR HG22 H N N 333 
THR HG23 H N N 334 
THR HXT  H N N 335 
TRP N    N N N 336 
TRP CA   C N S 337 
TRP C    C N N 338 
TRP O    O N N 339 
TRP CB   C N N 340 
TRP CG   C Y N 341 
TRP CD1  C Y N 342 
TRP CD2  C Y N 343 
TRP NE1  N Y N 344 
TRP CE2  C Y N 345 
TRP CE3  C Y N 346 
TRP CZ2  C Y N 347 
TRP CZ3  C Y N 348 
TRP CH2  C Y N 349 
TRP OXT  O N N 350 
TRP H    H N N 351 
TRP H2   H N N 352 
TRP HA   H N N 353 
TRP HB2  H N N 354 
TRP HB3  H N N 355 
TRP HD1  H N N 356 
TRP HE1  H N N 357 
TRP HE3  H N N 358 
TRP HZ2  H N N 359 
TRP HZ3  H N N 360 
TRP HH2  H N N 361 
TRP HXT  H N N 362 
TYR N    N N N 363 
TYR CA   C N S 364 
TYR C    C N N 365 
TYR O    O N N 366 
TYR CB   C N N 367 
TYR CG   C Y N 368 
TYR CD1  C Y N 369 
TYR CD2  C Y N 370 
TYR CE1  C Y N 371 
TYR CE2  C Y N 372 
TYR CZ   C Y N 373 
TYR OH   O N N 374 
TYR OXT  O N N 375 
TYR H    H N N 376 
TYR H2   H N N 377 
TYR HA   H N N 378 
TYR HB2  H N N 379 
TYR HB3  H N N 380 
TYR HD1  H N N 381 
TYR HD2  H N N 382 
TYR HE1  H N N 383 
TYR HE2  H N N 384 
TYR HH   H N N 385 
TYR HXT  H N N 386 
U2R C4   C Y N 387 
U2R C5   C Y N 388 
U2R C6   C Y N 389 
U2R C7   C Y N 390 
U2R C    C N N 391 
U2R O    O N N 392 
U2R C1   C N N 393 
U2R C2   C Y N 394 
U2R C3   C Y N 395 
U2R F    F N N 396 
U2R O1   O N N 397 
U2R O2   O N N 398 
U2R H1   H N N 399 
U2R H2   H N N 400 
U2R H3   H N N 401 
U2R H4   H N N 402 
U2R H5   H N N 403 
U2R H6   H N N 404 
U2R H7   H N N 405 
VAL N    N N N 406 
VAL CA   C N S 407 
VAL C    C N N 408 
VAL O    O N N 409 
VAL CB   C N N 410 
VAL CG1  C N N 411 
VAL CG2  C N N 412 
VAL OXT  O N N 413 
VAL H    H N N 414 
VAL H2   H N N 415 
VAL HA   H N N 416 
VAL HB   H N N 417 
VAL HG11 H N N 418 
VAL HG12 H N N 419 
VAL HG13 H N N 420 
VAL HG21 H N N 421 
VAL HG22 H N N 422 
VAL HG23 H N N 423 
VAL HXT  H N N 424 
# 
loop_
_chem_comp_bond.comp_id 
_chem_comp_bond.atom_id_1 
_chem_comp_bond.atom_id_2 
_chem_comp_bond.value_order 
_chem_comp_bond.pdbx_aromatic_flag 
_chem_comp_bond.pdbx_stereo_config 
_chem_comp_bond.pdbx_ordinal 
ALA N   CA   sing N N 1   
ALA N   H    sing N N 2   
ALA N   H2   sing N N 3   
ALA CA  C    sing N N 4   
ALA CA  CB   sing N N 5   
ALA CA  HA   sing N N 6   
ALA C   O    doub N N 7   
ALA C   OXT  sing N N 8   
ALA CB  HB1  sing N N 9   
ALA CB  HB2  sing N N 10  
ALA CB  HB3  sing N N 11  
ALA OXT HXT  sing N N 12  
ARG N   CA   sing N N 13  
ARG N   H    sing N N 14  
ARG N   H2   sing N N 15  
ARG CA  C    sing N N 16  
ARG CA  CB   sing N N 17  
ARG CA  HA   sing N N 18  
ARG C   O    doub N N 19  
ARG C   OXT  sing N N 20  
ARG CB  CG   sing N N 21  
ARG CB  HB2  sing N N 22  
ARG CB  HB3  sing N N 23  
ARG CG  CD   sing N N 24  
ARG CG  HG2  sing N N 25  
ARG CG  HG3  sing N N 26  
ARG CD  NE   sing N N 27  
ARG CD  HD2  sing N N 28  
ARG CD  HD3  sing N N 29  
ARG NE  CZ   sing N N 30  
ARG NE  HE   sing N N 31  
ARG CZ  NH1  sing N N 32  
ARG CZ  NH2  doub N N 33  
ARG NH1 HH11 sing N N 34  
ARG NH1 HH12 sing N N 35  
ARG NH2 HH21 sing N N 36  
ARG NH2 HH22 sing N N 37  
ARG OXT HXT  sing N N 38  
ASN N   CA   sing N N 39  
ASN N   H    sing N N 40  
ASN N   H2   sing N N 41  
ASN CA  C    sing N N 42  
ASN CA  CB   sing N N 43  
ASN CA  HA   sing N N 44  
ASN C   O    doub N N 45  
ASN C   OXT  sing N N 46  
ASN CB  CG   sing N N 47  
ASN CB  HB2  sing N N 48  
ASN CB  HB3  sing N N 49  
ASN CG  OD1  doub N N 50  
ASN CG  ND2  sing N N 51  
ASN ND2 HD21 sing N N 52  
ASN ND2 HD22 sing N N 53  
ASN OXT HXT  sing N N 54  
ASP N   CA   sing N N 55  
ASP N   H    sing N N 56  
ASP N   H2   sing N N 57  
ASP CA  C    sing N N 58  
ASP CA  CB   sing N N 59  
ASP CA  HA   sing N N 60  
ASP C   O    doub N N 61  
ASP C   OXT  sing N N 62  
ASP CB  CG   sing N N 63  
ASP CB  HB2  sing N N 64  
ASP CB  HB3  sing N N 65  
ASP CG  OD1  doub N N 66  
ASP CG  OD2  sing N N 67  
ASP OD2 HD2  sing N N 68  
ASP OXT HXT  sing N N 69  
CYS N   CA   sing N N 70  
CYS N   H    sing N N 71  
CYS N   H2   sing N N 72  
CYS CA  C    sing N N 73  
CYS CA  CB   sing N N 74  
CYS CA  HA   sing N N 75  
CYS C   O    doub N N 76  
CYS C   OXT  sing N N 77  
CYS CB  SG   sing N N 78  
CYS CB  HB2  sing N N 79  
CYS CB  HB3  sing N N 80  
CYS SG  HG   sing N N 81  
CYS OXT HXT  sing N N 82  
EDO C1  O1   sing N N 83  
EDO C1  C2   sing N N 84  
EDO C1  H11  sing N N 85  
EDO C1  H12  sing N N 86  
EDO O1  HO1  sing N N 87  
EDO C2  O2   sing N N 88  
EDO C2  H21  sing N N 89  
EDO C2  H22  sing N N 90  
EDO O2  HO2  sing N N 91  
GLN N   CA   sing N N 92  
GLN N   H    sing N N 93  
GLN N   H2   sing N N 94  
GLN CA  C    sing N N 95  
GLN CA  CB   sing N N 96  
GLN CA  HA   sing N N 97  
GLN C   O    doub N N 98  
GLN C   OXT  sing N N 99  
GLN CB  CG   sing N N 100 
GLN CB  HB2  sing N N 101 
GLN CB  HB3  sing N N 102 
GLN CG  CD   sing N N 103 
GLN CG  HG2  sing N N 104 
GLN CG  HG3  sing N N 105 
GLN CD  OE1  doub N N 106 
GLN CD  NE2  sing N N 107 
GLN NE2 HE21 sing N N 108 
GLN NE2 HE22 sing N N 109 
GLN OXT HXT  sing N N 110 
GLU N   CA   sing N N 111 
GLU N   H    sing N N 112 
GLU N   H2   sing N N 113 
GLU CA  C    sing N N 114 
GLU CA  CB   sing N N 115 
GLU CA  HA   sing N N 116 
GLU C   O    doub N N 117 
GLU C   OXT  sing N N 118 
GLU CB  CG   sing N N 119 
GLU CB  HB2  sing N N 120 
GLU CB  HB3  sing N N 121 
GLU CG  CD   sing N N 122 
GLU CG  HG2  sing N N 123 
GLU CG  HG3  sing N N 124 
GLU CD  OE1  doub N N 125 
GLU CD  OE2  sing N N 126 
GLU OE2 HE2  sing N N 127 
GLU OXT HXT  sing N N 128 
GLY N   CA   sing N N 129 
GLY N   H    sing N N 130 
GLY N   H2   sing N N 131 
GLY CA  C    sing N N 132 
GLY CA  HA2  sing N N 133 
GLY CA  HA3  sing N N 134 
GLY C   O    doub N N 135 
GLY C   OXT  sing N N 136 
GLY OXT HXT  sing N N 137 
HIS N   CA   sing N N 138 
HIS N   H    sing N N 139 
HIS N   H2   sing N N 140 
HIS CA  C    sing N N 141 
HIS CA  CB   sing N N 142 
HIS CA  HA   sing N N 143 
HIS C   O    doub N N 144 
HIS C   OXT  sing N N 145 
HIS CB  CG   sing N N 146 
HIS CB  HB2  sing N N 147 
HIS CB  HB3  sing N N 148 
HIS CG  ND1  sing Y N 149 
HIS CG  CD2  doub Y N 150 
HIS ND1 CE1  doub Y N 151 
HIS ND1 HD1  sing N N 152 
HIS CD2 NE2  sing Y N 153 
HIS CD2 HD2  sing N N 154 
HIS CE1 NE2  sing Y N 155 
HIS CE1 HE1  sing N N 156 
HIS NE2 HE2  sing N N 157 
HIS OXT HXT  sing N N 158 
HOH O   H1   sing N N 159 
HOH O   H2   sing N N 160 
ILE N   CA   sing N N 161 
ILE N   H    sing N N 162 
ILE N   H2   sing N N 163 
ILE CA  C    sing N N 164 
ILE CA  CB   sing N N 165 
ILE CA  HA   sing N N 166 
ILE C   O    doub N N 167 
ILE C   OXT  sing N N 168 
ILE CB  CG1  sing N N 169 
ILE CB  CG2  sing N N 170 
ILE CB  HB   sing N N 171 
ILE CG1 CD1  sing N N 172 
ILE CG1 HG12 sing N N 173 
ILE CG1 HG13 sing N N 174 
ILE CG2 HG21 sing N N 175 
ILE CG2 HG22 sing N N 176 
ILE CG2 HG23 sing N N 177 
ILE CD1 HD11 sing N N 178 
ILE CD1 HD12 sing N N 179 
ILE CD1 HD13 sing N N 180 
ILE OXT HXT  sing N N 181 
LEU N   CA   sing N N 182 
LEU N   H    sing N N 183 
LEU N   H2   sing N N 184 
LEU CA  C    sing N N 185 
LEU CA  CB   sing N N 186 
LEU CA  HA   sing N N 187 
LEU C   O    doub N N 188 
LEU C   OXT  sing N N 189 
LEU CB  CG   sing N N 190 
LEU CB  HB2  sing N N 191 
LEU CB  HB3  sing N N 192 
LEU CG  CD1  sing N N 193 
LEU CG  CD2  sing N N 194 
LEU CG  HG   sing N N 195 
LEU CD1 HD11 sing N N 196 
LEU CD1 HD12 sing N N 197 
LEU CD1 HD13 sing N N 198 
LEU CD2 HD21 sing N N 199 
LEU CD2 HD22 sing N N 200 
LEU CD2 HD23 sing N N 201 
LEU OXT HXT  sing N N 202 
LYS N   CA   sing N N 203 
LYS N   H    sing N N 204 
LYS N   H2   sing N N 205 
LYS CA  C    sing N N 206 
LYS CA  CB   sing N N 207 
LYS CA  HA   sing N N 208 
LYS C   O    doub N N 209 
LYS C   OXT  sing N N 210 
LYS CB  CG   sing N N 211 
LYS CB  HB2  sing N N 212 
LYS CB  HB3  sing N N 213 
LYS CG  CD   sing N N 214 
LYS CG  HG2  sing N N 215 
LYS CG  HG3  sing N N 216 
LYS CD  CE   sing N N 217 
LYS CD  HD2  sing N N 218 
LYS CD  HD3  sing N N 219 
LYS CE  NZ   sing N N 220 
LYS CE  HE2  sing N N 221 
LYS CE  HE3  sing N N 222 
LYS NZ  HZ1  sing N N 223 
LYS NZ  HZ2  sing N N 224 
LYS NZ  HZ3  sing N N 225 
LYS OXT HXT  sing N N 226 
MET N   CA   sing N N 227 
MET N   H    sing N N 228 
MET N   H2   sing N N 229 
MET CA  C    sing N N 230 
MET CA  CB   sing N N 231 
MET CA  HA   sing N N 232 
MET C   O    doub N N 233 
MET C   OXT  sing N N 234 
MET CB  CG   sing N N 235 
MET CB  HB2  sing N N 236 
MET CB  HB3  sing N N 237 
MET CG  SD   sing N N 238 
MET CG  HG2  sing N N 239 
MET CG  HG3  sing N N 240 
MET SD  CE   sing N N 241 
MET CE  HE1  sing N N 242 
MET CE  HE2  sing N N 243 
MET CE  HE3  sing N N 244 
MET OXT HXT  sing N N 245 
PHE N   CA   sing N N 246 
PHE N   H    sing N N 247 
PHE N   H2   sing N N 248 
PHE CA  C    sing N N 249 
PHE CA  CB   sing N N 250 
PHE CA  HA   sing N N 251 
PHE C   O    doub N N 252 
PHE C   OXT  sing N N 253 
PHE CB  CG   sing N N 254 
PHE CB  HB2  sing N N 255 
PHE CB  HB3  sing N N 256 
PHE CG  CD1  doub Y N 257 
PHE CG  CD2  sing Y N 258 
PHE CD1 CE1  sing Y N 259 
PHE CD1 HD1  sing N N 260 
PHE CD2 CE2  doub Y N 261 
PHE CD2 HD2  sing N N 262 
PHE CE1 CZ   doub Y N 263 
PHE CE1 HE1  sing N N 264 
PHE CE2 CZ   sing Y N 265 
PHE CE2 HE2  sing N N 266 
PHE CZ  HZ   sing N N 267 
PHE OXT HXT  sing N N 268 
PRO N   CA   sing N N 269 
PRO N   CD   sing N N 270 
PRO N   H    sing N N 271 
PRO CA  C    sing N N 272 
PRO CA  CB   sing N N 273 
PRO CA  HA   sing N N 274 
PRO C   O    doub N N 275 
PRO C   OXT  sing N N 276 
PRO CB  CG   sing N N 277 
PRO CB  HB2  sing N N 278 
PRO CB  HB3  sing N N 279 
PRO CG  CD   sing N N 280 
PRO CG  HG2  sing N N 281 
PRO CG  HG3  sing N N 282 
PRO CD  HD2  sing N N 283 
PRO CD  HD3  sing N N 284 
PRO OXT HXT  sing N N 285 
SER N   CA   sing N N 286 
SER N   H    sing N N 287 
SER N   H2   sing N N 288 
SER CA  C    sing N N 289 
SER CA  CB   sing N N 290 
SER CA  HA   sing N N 291 
SER C   O    doub N N 292 
SER C   OXT  sing N N 293 
SER CB  OG   sing N N 294 
SER CB  HB2  sing N N 295 
SER CB  HB3  sing N N 296 
SER OG  HG   sing N N 297 
SER OXT HXT  sing N N 298 
SO4 S   O1   doub N N 299 
SO4 S   O2   doub N N 300 
SO4 S   O3   sing N N 301 
SO4 S   O4   sing N N 302 
THR N   CA   sing N N 303 
THR N   H    sing N N 304 
THR N   H2   sing N N 305 
THR CA  C    sing N N 306 
THR CA  CB   sing N N 307 
THR CA  HA   sing N N 308 
THR C   O    doub N N 309 
THR C   OXT  sing N N 310 
THR CB  OG1  sing N N 311 
THR CB  CG2  sing N N 312 
THR CB  HB   sing N N 313 
THR OG1 HG1  sing N N 314 
THR CG2 HG21 sing N N 315 
THR CG2 HG22 sing N N 316 
THR CG2 HG23 sing N N 317 
THR OXT HXT  sing N N 318 
TRP N   CA   sing N N 319 
TRP N   H    sing N N 320 
TRP N   H2   sing N N 321 
TRP CA  C    sing N N 322 
TRP CA  CB   sing N N 323 
TRP CA  HA   sing N N 324 
TRP C   O    doub N N 325 
TRP C   OXT  sing N N 326 
TRP CB  CG   sing N N 327 
TRP CB  HB2  sing N N 328 
TRP CB  HB3  sing N N 329 
TRP CG  CD1  doub Y N 330 
TRP CG  CD2  sing Y N 331 
TRP CD1 NE1  sing Y N 332 
TRP CD1 HD1  sing N N 333 
TRP CD2 CE2  doub Y N 334 
TRP CD2 CE3  sing Y N 335 
TRP NE1 CE2  sing Y N 336 
TRP NE1 HE1  sing N N 337 
TRP CE2 CZ2  sing Y N 338 
TRP CE3 CZ3  doub Y N 339 
TRP CE3 HE3  sing N N 340 
TRP CZ2 CH2  doub Y N 341 
TRP CZ2 HZ2  sing N N 342 
TRP CZ3 CH2  sing Y N 343 
TRP CZ3 HZ3  sing N N 344 
TRP CH2 HH2  sing N N 345 
TRP OXT HXT  sing N N 346 
TYR N   CA   sing N N 347 
TYR N   H    sing N N 348 
TYR N   H2   sing N N 349 
TYR CA  C    sing N N 350 
TYR CA  CB   sing N N 351 
TYR CA  HA   sing N N 352 
TYR C   O    doub N N 353 
TYR C   OXT  sing N N 354 
TYR CB  CG   sing N N 355 
TYR CB  HB2  sing N N 356 
TYR CB  HB3  sing N N 357 
TYR CG  CD1  doub Y N 358 
TYR CG  CD2  sing Y N 359 
TYR CD1 CE1  sing Y N 360 
TYR CD1 HD1  sing N N 361 
TYR CD2 CE2  doub Y N 362 
TYR CD2 HD2  sing N N 363 
TYR CE1 CZ   doub Y N 364 
TYR CE1 HE1  sing N N 365 
TYR CE2 CZ   sing Y N 366 
TYR CE2 HE2  sing N N 367 
TYR CZ  OH   sing N N 368 
TYR OH  HH   sing N N 369 
TYR OXT HXT  sing N N 370 
U2R O   C    doub N N 371 
U2R C1  C    sing N N 372 
U2R C1  O2   sing N N 373 
U2R C   O1   sing N N 374 
U2R O2  C2   sing N N 375 
U2R C2  C7   doub Y N 376 
U2R C2  C3   sing Y N 377 
U2R C7  C6   sing Y N 378 
U2R C3  C4   doub Y N 379 
U2R C6  C5   doub Y N 380 
U2R C4  C5   sing Y N 381 
U2R C5  F    sing N N 382 
U2R C4  H1   sing N N 383 
U2R C6  H2   sing N N 384 
U2R C7  H3   sing N N 385 
U2R C1  H4   sing N N 386 
U2R C1  H5   sing N N 387 
U2R C3  H6   sing N N 388 
U2R O1  H7   sing N N 389 
VAL N   CA   sing N N 390 
VAL N   H    sing N N 391 
VAL N   H2   sing N N 392 
VAL CA  C    sing N N 393 
VAL CA  CB   sing N N 394 
VAL CA  HA   sing N N 395 
VAL C   O    doub N N 396 
VAL C   OXT  sing N N 397 
VAL CB  CG1  sing N N 398 
VAL CB  CG2  sing N N 399 
VAL CB  HB   sing N N 400 
VAL CG1 HG11 sing N N 401 
VAL CG1 HG12 sing N N 402 
VAL CG1 HG13 sing N N 403 
VAL CG2 HG21 sing N N 404 
VAL CG2 HG22 sing N N 405 
VAL CG2 HG23 sing N N 406 
VAL OXT HXT  sing N N 407 
# 
_pdbx_audit_support.ordinal                1 
_pdbx_audit_support.funding_organization   'European Union (EU)' 
_pdbx_audit_support.grant_number           875510 
_pdbx_audit_support.country                'European Union' 
# 
_pdbx_deposit_group.group_id            G_1002320 
_pdbx_deposit_group.group_description   
;PRYSPRY domain of murine TRIM21 screened against the DSI-poised Fragment Library by X-ray Crystallography at the XChem facility of Diamon Light Source
;
_pdbx_deposit_group.group_title         'PanDDA analysis group deposition' 
_pdbx_deposit_group.group_type          'changed state' 
# 
_pdbx_initial_refinement_model.id               1 
_pdbx_initial_refinement_model.entity_id_list   ? 
_pdbx_initial_refinement_model.type             'experimental model' 
_pdbx_initial_refinement_model.source_name      PDB 
_pdbx_initial_refinement_model.accession_code   2VOK 
_pdbx_initial_refinement_model.details          ? 
# 
_atom_sites.entry_id                    7HMV 
_atom_sites.fract_transf_matrix[1][1]   -0.00501121 
_atom_sites.fract_transf_matrix[1][2]   -0.00914372 
_atom_sites.fract_transf_matrix[1][3]   0.00111188 
_atom_sites.fract_transf_matrix[2][1]   0.00913785 
_atom_sites.fract_transf_matrix[2][2]   -0.00509431 
_atom_sites.fract_transf_matrix[2][3]   -0.00070987 
_atom_sites.fract_transf_matrix[3][1]   0.00241264 
_atom_sites.fract_transf_matrix[3][2]   0.00131059 
_atom_sites.fract_transf_matrix[3][3]   0.02165161 
_atom_sites.fract_transf_vector[1]      -0.298510 
_atom_sites.fract_transf_vector[2]      -0.116896 
_atom_sites.fract_transf_vector[3]      -0.503491 
# 
loop_
_atom_type.symbol 
C 
F 
N 
O 
S 
# 
loop_
_atom_site.group_PDB 
_atom_site.id 
_atom_site.type_symbol 
_atom_site.label_atom_id 
_atom_site.label_alt_id 
_atom_site.label_comp_id 
_atom_site.label_asym_id 
_atom_site.label_entity_id 
_atom_site.label_seq_id 
_atom_site.pdbx_PDB_ins_code 
_atom_site.Cartn_x 
_atom_site.Cartn_y 
_atom_site.Cartn_z 
_atom_site.occupancy 
_atom_site.B_iso_or_equiv 
_atom_site.pdbx_formal_charge 
_atom_site.auth_seq_id 
_atom_site.auth_comp_id 
_atom_site.auth_asym_id 
_atom_site.auth_atom_id 
_atom_site.pdbx_PDB_model_num 
ATOM   1    N N   . HIS A 1 2   ? -7.047  -11.626 14.850  1.00 49.38 ? 8   HIS B N   1 
ATOM   2    C CA  . HIS A 1 2   ? -8.036  -11.805 13.725  1.00 45.45 ? 8   HIS B CA  1 
ATOM   3    C C   . HIS A 1 2   ? -7.938  -13.229 13.166  1.00 43.13 ? 8   HIS B C   1 
ATOM   4    O O   . HIS A 1 2   ? -6.916  -13.911 13.433  1.00 45.44 ? 8   HIS B O   1 
ATOM   5    C CB  . HIS A 1 2   ? -7.824  -10.747 12.619  1.00 39.99 ? 8   HIS B CB  1 
ATOM   6    C CG  . HIS A 1 2   ? -6.584  -10.932 11.804  1.00 35.13 ? 8   HIS B CG  1 
ATOM   7    N ND1 . HIS A 1 2   ? -6.521  -11.810 10.729  1.00 34.22 ? 8   HIS B ND1 1 
ATOM   8    C CD2 . HIS A 1 2   ? -5.374  -10.339 11.870  1.00 31.29 ? 8   HIS B CD2 1 
ATOM   9    C CE1 . HIS A 1 2   ? -5.310  -11.764 10.191  1.00 33.24 ? 8   HIS B CE1 1 
ATOM   10   N NE2 . HIS A 1 2   ? -4.573  -10.883 10.891  1.00 28.79 ? 8   HIS B NE2 1 
ATOM   11   N N   . HIS A 1 3   ? -8.932  -13.630 12.370  1.00 39.36 ? 9   HIS B N   1 
ATOM   12   C CA  . HIS A 1 3   ? -9.038  -14.974 11.741  1.00 39.28 ? 9   HIS B CA  1 
ATOM   13   C C   . HIS A 1 3   ? -9.206  -14.844 10.216  1.00 34.60 ? 9   HIS B C   1 
ATOM   14   O O   . HIS A 1 3   ? -9.923  -15.682 9.624   1.00 35.66 ? 9   HIS B O   1 
ATOM   15   C CB  . HIS A 1 3   ? -10.149 -15.759 12.469  1.00 46.95 ? 9   HIS B CB  1 
ATOM   16   C CG  . HIS A 1 3   ? -9.867  -15.902 13.933  1.00 54.53 ? 9   HIS B CG  1 
ATOM   17   N ND1 . HIS A 1 3   ? -8.841  -16.705 14.416  1.00 56.96 ? 9   HIS B ND1 1 
ATOM   18   C CD2 . HIS A 1 3   ? -10.423 -15.313 15.017  1.00 59.36 ? 9   HIS B CD2 1 
ATOM   19   C CE1 . HIS A 1 3   ? -8.794  -16.620 15.733  1.00 59.08 ? 9   HIS B CE1 1 
ATOM   20   N NE2 . HIS A 1 3   ? -9.760  -15.776 16.126  1.00 60.48 ? 9   HIS B NE2 1 
ATOM   21   N N   . HIS A 1 4   ? -8.519  -13.872 9.583   1.00 28.28 ? 10  HIS B N   1 
ATOM   22   C CA  . HIS A 1 4   ? -8.663  -13.530 8.136   1.00 23.70 ? 10  HIS B CA  1 
ATOM   23   C C   . HIS A 1 4   ? -7.609  -14.264 7.304   1.00 24.19 ? 10  HIS B C   1 
ATOM   24   O O   . HIS A 1 4   ? -7.687  -14.226 6.065   1.00 22.23 ? 10  HIS B O   1 
ATOM   25   C CB  . HIS A 1 4   ? -8.569  -12.005 7.888   1.00 23.78 ? 10  HIS B CB  1 
ATOM   26   C CG  . HIS A 1 4   ? -9.623  -11.197 8.556   1.00 25.40 ? 10  HIS B CG  1 
ATOM   27   N ND1 . HIS A 1 4   ? -10.966 -11.498 8.454   1.00 25.34 ? 10  HIS B ND1 1 
ATOM   28   C CD2 . HIS A 1 4   ? -9.540  -10.069 9.302   1.00 25.30 ? 10  HIS B CD2 1 
ATOM   29   C CE1 . HIS A 1 4   ? -11.665 -10.605 9.131   1.00 29.60 ? 10  HIS B CE1 1 
ATOM   30   N NE2 . HIS A 1 4   ? -10.815 -9.720  9.651   1.00 29.27 ? 10  HIS B NE2 1 
ATOM   31   N N   . HIS A 1 5   ? -6.671  -14.959 7.946   1.00 25.59 ? 11  HIS B N   1 
ATOM   32   C CA  . HIS A 1 5   ? -5.479  -15.547 7.286   1.00 25.16 ? 11  HIS B CA  1 
ATOM   33   C C   . HIS A 1 5   ? -5.855  -16.491 6.137   1.00 25.16 ? 11  HIS B C   1 
ATOM   34   O O   . HIS A 1 5   ? -5.123  -16.488 5.139   1.00 26.24 ? 11  HIS B O   1 
ATOM   35   C CB  . HIS A 1 5   ? -4.572  -16.249 8.312   1.00 31.23 ? 11  HIS B CB  1 
ATOM   36   C CG  . HIS A 1 5   ? -4.141  -15.345 9.414   1.00 36.12 ? 11  HIS B CG  1 
ATOM   37   N ND1 . HIS A 1 5   ? -4.882  -15.198 10.583  1.00 42.32 ? 11  HIS B ND1 1 
ATOM   38   C CD2 . HIS A 1 5   ? -3.071  -14.521 9.529   1.00 38.85 ? 11  HIS B CD2 1 
ATOM   39   C CE1 . HIS A 1 5   ? -4.278  -14.327 11.376  1.00 42.18 ? 11  HIS B CE1 1 
ATOM   40   N NE2 . HIS A 1 5   ? -3.167  -13.887 10.746  1.00 41.18 ? 11  HIS B NE2 1 
ATOM   41   N N   . HIS A 1 6   ? -6.972  -17.234 6.224   1.00 25.31 ? 12  HIS B N   1 
ATOM   42   C CA  . HIS A 1 6   ? -7.415  -18.212 5.200   1.00 25.99 ? 12  HIS B CA  1 
ATOM   43   C C   . HIS A 1 6   ? -7.839  -17.539 3.891   1.00 23.96 ? 12  HIS B C   1 
ATOM   44   O O   . HIS A 1 6   ? -8.008  -18.261 2.905   1.00 26.21 ? 12  HIS B O   1 
ATOM   45   C CB  . HIS A 1 6   ? -8.553  -19.093 5.742   1.00 29.15 ? 12  HIS B CB  1 
ATOM   46   C CG  . HIS A 1 6   ? -9.735  -18.353 6.263   1.00 28.37 ? 12  HIS B CG  1 
ATOM   47   N ND1 . HIS A 1 6   ? -10.981 -18.414 5.645   1.00 34.79 ? 12  HIS B ND1 1 
ATOM   48   C CD2 . HIS A 1 6   ? -9.903  -17.598 7.370   1.00 30.18 ? 12  HIS B CD2 1 
ATOM   49   C CE1 . HIS A 1 6   ? -11.848 -17.708 6.332   1.00 28.52 ? 12  HIS B CE1 1 
ATOM   50   N NE2 . HIS A 1 6   ? -11.214 -17.184 7.391   1.00 35.69 ? 12  HIS B NE2 1 
ATOM   51   N N   . HIS A 1 7   ? -8.036  -16.209 3.856   1.00 21.16 ? 13  HIS B N   1 
ATOM   52   C CA  . HIS A 1 7   ? -8.326  -15.424 2.624   1.00 19.12 ? 13  HIS B CA  1 
ATOM   53   C C   . HIS A 1 7   ? -7.040  -14.950 1.955   1.00 16.95 ? 13  HIS B C   1 
ATOM   54   O O   . HIS A 1 7   ? -7.150  -14.066 1.108   1.00 15.26 ? 13  HIS B O   1 
ATOM   55   C CB  . HIS A 1 7   ? -9.227  -14.241 2.950   1.00 18.40 ? 13  HIS B CB  1 
ATOM   56   C CG  . HIS A 1 7   ? -10.552 -14.659 3.520   1.00 18.73 ? 13  HIS B CG  1 
ATOM   57   N ND1 . HIS A 1 7   ? -11.431 -15.464 2.800   1.00 19.49 ? 13  HIS B ND1 1 
ATOM   58   C CD2 . HIS A 1 7   ? -11.131 -14.376 4.700   1.00 19.02 ? 13  HIS B CD2 1 
ATOM   59   C CE1 . HIS A 1 7   ? -12.489 -15.677 3.555   1.00 19.05 ? 13  HIS B CE1 1 
ATOM   60   N NE2 . HIS A 1 7   ? -12.343 -15.045 4.718   1.00 20.81 ? 13  HIS B NE2 1 
ATOM   61   N N   . MET A 1 8   ? -5.892  -15.431 2.399   1.00 17.02 ? 14  MET B N   1 
ATOM   62   C CA  . MET A 1 8   ? -4.576  -15.042 1.853   1.00 18.95 ? 14  MET B CA  1 
ATOM   63   C C   . MET A 1 8   ? -4.582  -15.128 0.332   1.00 18.28 ? 14  MET B C   1 
ATOM   64   O O   . MET A 1 8   ? -5.038  -16.170 -0.261  1.00 21.01 ? 14  MET B O   1 
ATOM   65   C CB  . MET A 1 8   ? -3.471  -15.960 2.378   1.00 22.50 ? 14  MET B CB  1 
ATOM   66   C CG  . MET A 1 8   ? -2.059  -15.567 1.965   1.00 28.33 ? 14  MET B CG  1 
ATOM   67   S SD  . MET A 1 8   ? -1.429  -14.061 2.803   1.00 38.29 ? 14  MET B SD  1 
ATOM   68   C CE  . MET A 1 8   ? -0.911  -14.745 4.370   1.00 32.95 ? 14  MET B CE  1 
ATOM   69   N N   . VAL A 1 9   ? -4.065  -14.106 -0.324  1.00 16.34 ? 15  VAL B N   1 
ATOM   70   C CA  . VAL A 1 9   ? -3.866  -14.060 -1.793  1.00 17.20 ? 15  VAL B CA  1 
ATOM   71   C C   . VAL A 1 9   ? -2.377  -13.776 -2.050  1.00 17.36 ? 15  VAL B C   1 
ATOM   72   O O   . VAL A 1 9   ? -1.754  -13.022 -1.282  1.00 17.47 ? 15  VAL B O   1 
ATOM   73   C CB  . VAL A 1 9   ? -4.796  -13.054 -2.495  1.00 18.85 ? 15  VAL B CB  1 
ATOM   74   C CG1 . VAL A 1 9   ? -6.236  -13.529 -2.439  1.00 22.28 ? 15  VAL B CG1 1 
ATOM   75   C CG2 . VAL A 1 9   ? -4.696  -11.656 -1.921  1.00 19.94 ? 15  VAL B CG2 1 
ATOM   76   N N   . HIS A 1 10  ? -1.847  -14.294 -3.148  1.00 17.85 ? 16  HIS B N   1 
ATOM   77   C CA  . HIS A 1 10  ? -0.449  -14.110 -3.591  1.00 17.37 ? 16  HIS B CA  1 
ATOM   78   C C   . HIS A 1 10  ? -0.413  -12.850 -4.447  1.00 17.98 ? 16  HIS B C   1 
ATOM   79   O O   . HIS A 1 10  ? -0.972  -12.810 -5.537  1.00 21.26 ? 16  HIS B O   1 
ATOM   80   C CB  . HIS A 1 10  ? 0.028   -15.329 -4.380  1.00 18.32 ? 16  HIS B CB  1 
ATOM   81   C CG  . HIS A 1 10  ? 1.486   -15.288 -4.703  1.00 23.19 ? 16  HIS B CG  1 
ATOM   82   N ND1 . HIS A 1 10  ? 2.452   -15.593 -3.781  1.00 26.40 ? 16  HIS B ND1 1 
ATOM   83   C CD2 . HIS A 1 10  ? 2.125   -14.936 -5.839  1.00 26.47 ? 16  HIS B CD2 1 
ATOM   84   C CE1 . HIS A 1 10  ? 3.644   -15.475 -4.351  1.00 24.60 ? 16  HIS B CE1 1 
ATOM   85   N NE2 . HIS A 1 10  ? 3.461   -15.058 -5.614  1.00 28.81 ? 16  HIS B NE2 1 
ATOM   86   N N   . ILE A 1 11  ? 0.116   -11.781 -3.880  1.00 14.37 ? 17  ILE B N   1 
ATOM   87   C CA  . ILE A 1 11  ? 0.207   -10.490 -4.592  1.00 14.73 ? 17  ILE B CA  1 
ATOM   88   C C   . ILE A 1 11  ? 1.578   -10.394 -5.290  1.00 14.17 ? 17  ILE B C   1 
ATOM   89   O O   . ILE A 1 11  ? 2.566   -10.757 -4.694  1.00 14.33 ? 17  ILE B O   1 
ATOM   90   C CB  . ILE A 1 11  ? -0.007  -9.322  -3.604  1.00 13.87 ? 17  ILE B CB  1 
ATOM   91   C CG1 . ILE A 1 11  ? -1.386  -9.412  -2.936  1.00 14.98 ? 17  ILE B CG1 1 
ATOM   92   C CG2 . ILE A 1 11  ? 0.195   -7.987  -4.307  1.00 13.93 ? 17  ILE B CG2 1 
ATOM   93   C CD1 . ILE A 1 11  ? -2.563  -9.518  -3.893  1.00 15.78 ? 17  ILE B CD1 1 
ATOM   94   N N   . THR A 1 12  ? 1.579   -9.841  -6.488  1.00 13.40 ? 18  THR B N   1 
ATOM   95   C CA  . THR A 1 12  ? 2.833   -9.493  -7.208  1.00 14.45 ? 18  THR B CA  1 
ATOM   96   C C   . THR A 1 12  ? 2.724   -8.049  -7.664  1.00 15.16 ? 18  THR B C   1 
ATOM   97   O O   . THR A 1 12  ? 1.603   -7.517  -7.849  1.00 15.89 ? 18  THR B O   1 
ATOM   98   C CB  . THR A 1 12  ? 3.130   -10.469 -8.352  1.00 17.55 ? 18  THR B CB  1 
ATOM   99   O OG1 . THR A 1 12  ? 2.068   -10.400 -9.288  1.00 19.49 ? 18  THR B OG1 1 
ATOM   100  C CG2 . THR A 1 12  ? 3.411   -11.882 -7.876  1.00 19.44 ? 18  THR B CG2 1 
ATOM   101  N N   . LEU A 1 13  ? 3.887   -7.407  -7.831  1.00 13.22 ? 19  LEU B N   1 
ATOM   102  C CA  . LEU A 1 13  ? 3.913   -5.978  -8.217  1.00 13.66 ? 19  LEU B CA  1 
ATOM   103  C C   . LEU A 1 13  ? 3.876   -5.833  -9.737  1.00 13.80 ? 19  LEU B C   1 
ATOM   104  O O   . LEU A 1 13  ? 4.526   -6.640  -10.447 1.00 14.56 ? 19  LEU B O   1 
ATOM   105  C CB  . LEU A 1 13  ? 5.170   -5.351  -7.623  1.00 13.65 ? 19  LEU B CB  1 
ATOM   106  C CG  . LEU A 1 13  ? 5.188   -5.389  -6.105  1.00 13.45 ? 19  LEU B CG  1 
ATOM   107  C CD1 . LEU A 1 13  ? 6.528   -4.924  -5.531  1.00 15.11 ? 19  LEU B CD1 1 
ATOM   108  C CD2 . LEU A 1 13  ? 4.038   -4.566  -5.529  1.00 15.13 ? 19  LEU B CD2 1 
ATOM   109  N N   . ASP A 1 14  ? 3.196   -4.837  -10.234 1.00 12.68 ? 20  ASP B N   1 
ATOM   110  C CA  . ASP A 1 14  ? 3.061   -4.507  -11.674 1.00 13.19 ? 20  ASP B CA  1 
ATOM   111  C C   . ASP A 1 14  ? 4.101   -3.412  -12.031 1.00 14.08 ? 20  ASP B C   1 
ATOM   112  O O   . ASP A 1 14  ? 3.879   -2.259  -11.779 1.00 13.00 ? 20  ASP B O   1 
ATOM   113  C CB  . ASP A 1 14  ? 1.628   -4.084  -12.020 1.00 13.04 ? 20  ASP B CB  1 
ATOM   114  C CG  . ASP A 1 14  ? 1.381   -3.776  -13.481 1.00 16.98 ? 20  ASP B CG  1 
ATOM   115  O OD1 . ASP A 1 14  ? 2.384   -3.700  -14.225 1.00 17.25 ? 20  ASP B OD1 1 
ATOM   116  O OD2 . ASP A 1 14  ? 0.220   -3.507  -13.894 1.00 18.02 ? 20  ASP B OD2 1 
ATOM   117  N N   A ARG A 1 15  ? 5.217   -3.863  -12.628 0.25 14.49 ? 21  ARG B N   1 
ATOM   118  N N   B ARG A 1 15  ? 5.225   -3.832  -12.627 0.25 15.11 ? 21  ARG B N   1 
ATOM   119  C CA  A ARG A 1 15  ? 6.374   -3.042  -13.088 0.25 15.52 ? 21  ARG B CA  1 
ATOM   120  C CA  B ARG A 1 15  ? 6.366   -2.945  -12.994 0.25 16.42 ? 21  ARG B CA  1 
ATOM   121  C C   A ARG A 1 15  ? 5.900   -1.829  -13.884 0.25 14.91 ? 21  ARG B C   1 
ATOM   122  C C   B ARG A 1 15  ? 5.897   -1.796  -13.885 0.25 15.51 ? 21  ARG B C   1 
ATOM   123  O O   A ARG A 1 15  ? 6.493   -0.750  -13.742 0.25 14.76 ? 21  ARG B O   1 
ATOM   124  O O   B ARG A 1 15  ? 6.477   -0.700  -13.793 0.25 15.14 ? 21  ARG B O   1 
ATOM   125  C CB  A ARG A 1 15  ? 7.292   -3.865  -14.006 0.25 16.28 ? 21  ARG B CB  1 
ATOM   126  C CB  B ARG A 1 15  ? 7.460   -3.734  -13.727 0.25 18.46 ? 21  ARG B CB  1 
ATOM   127  C CG  A ARG A 1 15  ? 7.841   -5.131  -13.366 0.25 17.62 ? 21  ARG B CG  1 
ATOM   128  C CG  B ARG A 1 15  ? 8.341   -4.571  -12.814 0.25 20.76 ? 21  ARG B CG  1 
ATOM   129  C CD  A ARG A 1 15  ? 8.905   -5.812  -14.221 0.25 18.33 ? 21  ARG B CD  1 
ATOM   130  C CD  B ARG A 1 15  ? 8.091   -6.062  -12.938 0.25 23.61 ? 21  ARG B CD  1 
ATOM   131  N NE  A ARG A 1 15  ? 9.664   -6.724  -13.388 0.25 19.56 ? 21  ARG B NE  1 
ATOM   132  N NE  B ARG A 1 15  ? 8.820   -6.713  -14.028 0.25 25.91 ? 21  ARG B NE  1 
ATOM   133  C CZ  A ARG A 1 15  ? 10.625  -6.340  -12.574 0.25 18.91 ? 21  ARG B CZ  1 
ATOM   134  C CZ  B ARG A 1 15  ? 8.294   -7.080  -15.196 0.25 29.40 ? 21  ARG B CZ  1 
ATOM   135  N NH1 A ARG A 1 15  ? 10.967  -5.068  -12.537 0.25 20.46 ? 21  ARG B NH1 1 
ATOM   136  N NH1 B ARG A 1 15  ? 7.024   -6.844  -15.475 0.25 30.68 ? 21  ARG B NH1 1 
ATOM   137  N NH2 A ARG A 1 15  ? 11.250  -7.219  -11.822 0.25 20.02 ? 21  ARG B NH2 1 
ATOM   138  N NH2 B ARG A 1 15  ? 9.053   -7.672  -16.099 0.25 31.30 ? 21  ARG B NH2 1 
ATOM   139  N N   . ASN A 1 16  ? 4.887   -2.013  -14.730 1.00 14.68 ? 22  ASN B N   1 
ATOM   140  C CA  . ASN A 1 16  ? 4.434   -0.964  -15.665 1.00 16.35 ? 22  ASN B CA  1 
ATOM   141  C C   . ASN A 1 16  ? 3.841   0.232   -14.934 1.00 13.99 ? 22  ASN B C   1 
ATOM   142  O O   . ASN A 1 16  ? 3.795   1.304   -15.486 1.00 14.15 ? 22  ASN B O   1 
ATOM   143  C CB  . ASN A 1 16  ? 3.496   -1.547  -16.726 1.00 19.72 ? 22  ASN B CB  1 
ATOM   144  C CG  . ASN A 1 16  ? 4.275   -2.332  -17.762 1.00 26.27 ? 22  ASN B CG  1 
ATOM   145  O OD1 . ASN A 1 16  ? 5.480   -2.141  -17.926 1.00 33.16 ? 22  ASN B OD1 1 
ATOM   146  N ND2 . ASN A 1 16  ? 3.600   -3.240  -18.440 1.00 36.72 ? 22  ASN B ND2 1 
ATOM   147  N N   . THR A 1 17  ? 3.329   0.042   -13.696 1.00 12.09 ? 23  THR B N   1 
ATOM   148  C CA  . THR A 1 17  ? 2.697   1.109   -12.901 1.00 11.71 ? 23  THR B CA  1 
ATOM   149  C C   . THR A 1 17  ? 3.721   1.827   -12.026 1.00 11.02 ? 23  THR B C   1 
ATOM   150  O O   . THR A 1 17  ? 3.385   2.885   -11.460 1.00 11.85 ? 23  THR B O   1 
ATOM   151  C CB  . THR A 1 17  ? 1.565   0.594   -11.995 1.00 12.15 ? 23  THR B CB  1 
ATOM   152  O OG1 . THR A 1 17  ? 2.110   -0.228  -10.958 1.00 12.90 ? 23  THR B OG1 1 
ATOM   153  C CG2 . THR A 1 17  ? 0.478   -0.105  -12.796 1.00 13.74 ? 23  THR B CG2 1 
ATOM   154  N N   . ALA A 1 18  ? 4.929   1.285   -11.916 1.00 11.50 ? 24  ALA B N   1 
ATOM   155  C CA  . ALA A 1 18  ? 5.916   1.793   -10.930 1.00 11.59 ? 24  ALA B CA  1 
ATOM   156  C C   . ALA A 1 18  ? 6.397   3.174   -11.331 1.00 12.23 ? 24  ALA B C   1 
ATOM   157  O O   . ALA A 1 18  ? 6.757   3.409   -12.524 1.00 13.34 ? 24  ALA B O   1 
ATOM   158  C CB  . ALA A 1 18  ? 7.052   0.844   -10.811 1.00 12.57 ? 24  ALA B CB  1 
ATOM   159  N N   . ASN A 1 19  ? 6.625   4.044   -10.395 1.00 11.76 ? 25  ASN B N   1 
ATOM   160  C CA  . ASN A 1 19  ? 7.479   5.222   -10.617 1.00 11.33 ? 25  ASN B CA  1 
ATOM   161  C C   . ASN A 1 19  ? 8.823   4.731   -11.179 1.00 10.76 ? 25  ASN B C   1 
ATOM   162  O O   . ASN A 1 19  ? 9.344   3.698   -10.798 1.00 11.04 ? 25  ASN B O   1 
ATOM   163  C CB  . ASN A 1 19  ? 7.595   5.955   -9.290  1.00 12.34 ? 25  ASN B CB  1 
ATOM   164  C CG  . ASN A 1 19  ? 8.545   7.108   -9.374  1.00 13.72 ? 25  ASN B CG  1 
ATOM   165  O OD1 . ASN A 1 19  ? 9.752   6.963   -9.192  1.00 13.77 ? 25  ASN B OD1 1 
ATOM   166  N ND2 . ASN A 1 19  ? 8.023   8.213   -9.803  1.00 16.63 ? 25  ASN B ND2 1 
ATOM   167  N N   . SER A 1 20  ? 9.380   5.561   -12.052 1.00 11.10 ? 26  SER B N   1 
ATOM   168  C CA  . SER A 1 20  ? 10.605  5.217   -12.806 1.00 11.21 ? 26  SER B CA  1 
ATOM   169  C C   . SER A 1 20  ? 11.832  5.089   -11.909 1.00 11.31 ? 26  SER B C   1 
ATOM   170  O O   . SER A 1 20  ? 12.849  4.614   -12.459 1.00 12.35 ? 26  SER B O   1 
ATOM   171  C CB  . SER A 1 20  ? 10.856  6.246   -13.885 1.00 12.82 ? 26  SER B CB  1 
ATOM   172  O OG  . SER A 1 20  ? 11.035  7.496   -13.273 1.00 14.84 ? 26  SER B OG  1 
ATOM   173  N N   . TRP A 1 21  ? 11.835  5.474   -10.644 1.00 10.49 ? 27  TRP B N   1 
ATOM   174  C CA  . TRP A 1 21  ? 12.990  5.301   -9.739  1.00 10.69 ? 27  TRP B CA  1 
ATOM   175  C C   . TRP A 1 21  ? 12.921  3.991   -8.957  1.00 11.23 ? 27  TRP B C   1 
ATOM   176  O O   . TRP A 1 21  ? 13.853  3.710   -8.186  1.00 12.40 ? 27  TRP B O   1 
ATOM   177  C CB  . TRP A 1 21  ? 13.081  6.484   -8.809  1.00 11.86 ? 27  TRP B CB  1 
ATOM   178  C CG  . TRP A 1 21  ? 13.577  7.733   -9.499  1.00 12.47 ? 27  TRP B CG  1 
ATOM   179  C CD1 . TRP A 1 21  ? 13.136  8.279   -10.671 1.00 12.17 ? 27  TRP B CD1 1 
ATOM   180  C CD2 . TRP A 1 21  ? 14.624  8.574   -9.035  1.00 13.21 ? 27  TRP B CD2 1 
ATOM   181  N NE1 . TRP A 1 21  ? 13.847  9.426   -10.950 1.00 14.40 ? 27  TRP B NE1 1 
ATOM   182  C CE2 . TRP A 1 21  ? 14.749  9.629   -9.967  1.00 12.95 ? 27  TRP B CE2 1 
ATOM   183  C CE3 . TRP A 1 21  ? 15.468  8.535   -7.924  1.00 14.64 ? 27  TRP B CE3 1 
ATOM   184  C CZ2 . TRP A 1 21  ? 15.694  10.652  -9.799  1.00 15.86 ? 27  TRP B CZ2 1 
ATOM   185  C CZ3 . TRP A 1 21  ? 16.383  9.566   -7.742  1.00 17.50 ? 27  TRP B CZ3 1 
ATOM   186  C CH2 . TRP A 1 21  ? 16.475  10.602  -8.672  1.00 18.21 ? 27  TRP B CH2 1 
ATOM   187  N N   . LEU A 1 22  ? 11.792  3.259   -9.071  1.00 11.17 ? 28  LEU B N   1 
ATOM   188  C CA  . LEU A 1 22  ? 11.645  2.041   -8.241  1.00 11.57 ? 28  LEU B CA  1 
ATOM   189  C C   . LEU A 1 22  ? 12.375  0.865   -8.885  1.00 12.33 ? 28  LEU B C   1 
ATOM   190  O O   . LEU A 1 22  ? 12.405  0.714   -10.089 1.00 13.27 ? 28  LEU B O   1 
ATOM   191  C CB  . LEU A 1 22  ? 10.165  1.700   -8.075  1.00 10.95 ? 28  LEU B CB  1 
ATOM   192  C CG  . LEU A 1 22  ? 9.363   2.735   -7.312  1.00 11.91 ? 28  LEU B CG  1 
ATOM   193  C CD1 . LEU A 1 22  ? 7.928   2.277   -7.112  1.00 11.75 ? 28  LEU B CD1 1 
ATOM   194  C CD2 . LEU A 1 22  ? 9.968   3.113   -5.996  1.00 12.84 ? 28  LEU B CD2 1 
ATOM   195  N N   . ILE A 1 23  ? 12.857  0.010   -8.010  1.00 11.60 ? 29  ILE B N   1 
ATOM   196  C CA  . ILE A 1 23  ? 13.539  -1.272  -8.356  1.00 13.39 ? 29  ILE B CA  1 
ATOM   197  C C   . ILE A 1 23  ? 12.701  -2.408  -7.771  1.00 13.52 ? 29  ILE B C   1 
ATOM   198  O O   . ILE A 1 23  ? 12.577  -2.512  -6.515  1.00 13.33 ? 29  ILE B O   1 
ATOM   199  C CB  . ILE A 1 23  ? 14.960  -1.330  -7.831  1.00 13.67 ? 29  ILE B CB  1 
ATOM   200  C CG1 . ILE A 1 23  ? 15.822  -0.175  -8.400  1.00 14.40 ? 29  ILE B CG1 1 
ATOM   201  C CG2 . ILE A 1 23  ? 15.594  -2.698  -8.147  1.00 16.17 ? 29  ILE B CG2 1 
ATOM   202  C CD1 . ILE A 1 23  ? 17.150  -0.078  -7.802  1.00 16.94 ? 29  ILE B CD1 1 
ATOM   203  N N   . ILE A 1 24  ? 12.098  -3.186  -8.646  1.00 15.76 ? 30  ILE B N   1 
ATOM   204  C CA  . ILE A 1 24  ? 11.268  -4.353  -8.241  1.00 15.42 ? 30  ILE B CA  1 
ATOM   205  C C   . ILE A 1 24  ? 12.054  -5.641  -8.427  1.00 16.75 ? 30  ILE B C   1 
ATOM   206  O O   . ILE A 1 24  ? 12.771  -5.817  -9.473  1.00 17.24 ? 30  ILE B O   1 
ATOM   207  C CB  . ILE A 1 24  ? 9.988   -4.349  -9.041  1.00 16.17 ? 30  ILE B CB  1 
ATOM   208  C CG1 . ILE A 1 24  ? 9.167   -3.145  -8.622  1.00 19.77 ? 30  ILE B CG1 1 
ATOM   209  C CG2 . ILE A 1 24  ? 9.186   -5.645  -8.877  1.00 17.46 ? 30  ILE B CG2 1 
ATOM   210  C CD1 . ILE A 1 24  ? 8.072   -2.880  -9.481  1.00 19.75 ? 30  ILE B CD1 1 
ATOM   211  N N   . SER A 1 25  ? 12.062  -6.525  -7.459  1.00 16.55 ? 31  SER B N   1 
ATOM   212  C CA  . SER A 1 25  ? 12.825  -7.777  -7.527  1.00 17.05 ? 31  SER B CA  1 
ATOM   213  C C   . SER A 1 25  ? 12.308  -8.682  -8.669  1.00 15.39 ? 31  SER B C   1 
ATOM   214  O O   . SER A 1 25  ? 11.183  -8.539  -9.140  1.00 15.38 ? 31  SER B O   1 
ATOM   215  C CB  . SER A 1 25  ? 12.764  -8.438  -6.200  1.00 17.92 ? 31  SER B CB  1 
ATOM   216  O OG  . SER A 1 25  ? 11.396  -8.721  -5.867  1.00 17.39 ? 31  SER B OG  1 
ATOM   217  N N   . LYS A 1 26  ? 13.163  -9.660  -9.037  1.00 18.40 ? 32  LYS B N   1 
ATOM   218  C CA  . LYS A 1 26  ? 12.807  -10.644 -10.093 1.00 17.92 ? 32  LYS B CA  1 
ATOM   219  C C   . LYS A 1 26  ? 11.471  -11.312 -9.777  1.00 16.76 ? 32  LYS B C   1 
ATOM   220  O O   . LYS A 1 26  ? 10.703  -11.512 -10.725 1.00 18.52 ? 32  LYS B O   1 
ATOM   221  C CB  . LYS A 1 26  ? 13.924  -11.684 -10.234 1.00 19.70 ? 32  LYS B CB  1 
ATOM   222  C CG  . LYS A 1 26  ? 13.644  -12.703 -11.315 1.00 20.97 ? 32  LYS B CG  1 
ATOM   223  C CD  . LYS A 1 26  ? 14.928  -13.262 -11.852 1.00 21.54 ? 32  LYS B CD  1 
ATOM   224  C CE  . LYS A 1 26  ? 15.665  -13.978 -10.757 1.00 26.80 ? 32  LYS B CE  1 
ATOM   225  N NZ  . LYS A 1 26  ? 17.045  -14.243 -11.166 1.00 30.53 ? 32  LYS B NZ  1 
ATOM   226  N N   . ASP A 1 27  ? 11.277  -11.727 -8.527  1.00 17.40 ? 33  ASP B N   1 
ATOM   227  C CA  . ASP A 1 27  ? 10.027  -12.446 -8.149  1.00 16.51 ? 33  ASP B CA  1 
ATOM   228  C C   . ASP A 1 27  ? 8.824   -11.477 -8.071  1.00 15.36 ? 33  ASP B C   1 
ATOM   229  O O   . ASP A 1 27  ? 7.707   -11.955 -7.810  1.00 15.49 ? 33  ASP B O   1 
ATOM   230  C CB  . ASP A 1 27  ? 10.218  -13.277 -6.886  1.00 17.55 ? 33  ASP B CB  1 
ATOM   231  C CG  . ASP A 1 27  ? 10.475  -12.496 -5.607  1.00 16.71 ? 33  ASP B CG  1 
ATOM   232  O OD1 . ASP A 1 27  ? 10.474  -11.220 -5.675  1.00 18.53 ? 33  ASP B OD1 1 
ATOM   233  O OD2 . ASP A 1 27  ? 10.637  -13.158 -4.565  1.00 20.60 ? 33  ASP B OD2 1 
ATOM   234  N N   . ARG A 1 28  ? 8.999   -10.178 -8.279  1.00 14.08 ? 34  ARG B N   1 
ATOM   235  C CA  . ARG A 1 28  ? 7.916   -9.162  -8.220  1.00 13.82 ? 34  ARG B CA  1 
ATOM   236  C C   . ARG A 1 28  ? 7.285   -9.129  -6.817  1.00 11.68 ? 34  ARG B C   1 
ATOM   237  O O   . ARG A 1 28  ? 6.112   -8.674  -6.717  1.00 13.40 ? 34  ARG B O   1 
ATOM   238  C CB  . ARG A 1 28  ? 6.932   -9.339  -9.370  1.00 17.82 ? 34  ARG B CB  1 
ATOM   239  C CG  . ARG A 1 28  ? 7.621   -9.119  -10.713 1.00 21.89 ? 34  ARG B CG  1 
ATOM   240  C CD  . ARG A 1 28  ? 6.733   -9.182  -11.909 1.00 27.53 ? 34  ARG B CD  1 
ATOM   241  N NE  . ARG A 1 28  ? 5.906   -10.368 -11.949 1.00 33.11 ? 34  ARG B NE  1 
ATOM   242  C CZ  . ARG A 1 28  ? 4.587   -10.437 -11.690 1.00 44.24 ? 34  ARG B CZ  1 
ATOM   243  N NH1 . ARG A 1 28  ? 3.851   -9.366  -11.367 1.00 39.51 ? 34  ARG B NH1 1 
ATOM   244  N NH2 . ARG A 1 28  ? 3.993   -11.619 -11.783 1.00 50.04 ? 34  ARG B NH2 1 
ATOM   245  N N   . ARG A 1 29  ? 8.026   -9.464  -5.796  1.00 11.52 ? 35  ARG B N   1 
ATOM   246  C CA  . ARG A 1 29  ? 7.513   -9.448  -4.404  1.00 12.51 ? 35  ARG B CA  1 
ATOM   247  C C   . ARG A 1 29  ? 8.164   -8.382  -3.525  1.00 13.20 ? 35  ARG B C   1 
ATOM   248  O O   . ARG A 1 29  ? 7.679   -8.163  -2.399  1.00 13.82 ? 35  ARG B O   1 
ATOM   249  C CB  . ARG A 1 29  ? 7.701   -10.811 -3.740  1.00 13.49 ? 35  ARG B CB  1 
ATOM   250  C CG  . ARG A 1 29  ? 6.958   -11.928 -4.464  1.00 15.73 ? 35  ARG B CG  1 
ATOM   251  C CD  . ARG A 1 29  ? 5.511   -12.061 -4.061  1.00 16.37 ? 35  ARG B CD  1 
ATOM   252  N NE  . ARG A 1 29  ? 5.427   -12.712 -2.749  1.00 17.50 ? 35  ARG B NE  1 
ATOM   253  C CZ  . ARG A 1 29  ? 4.312   -12.884 -2.032  1.00 16.88 ? 35  ARG B CZ  1 
ATOM   254  N NH1 . ARG A 1 29  ? 3.188   -12.413 -2.493  1.00 17.11 ? 35  ARG B NH1 1 
ATOM   255  N NH2 . ARG A 1 29  ? 4.352   -13.503 -0.874  1.00 19.03 ? 35  ARG B NH2 1 
ATOM   256  N N   . GLN A 1 30  ? 9.210   -7.702  -3.985  1.00 12.13 ? 36  GLN B N   1 
ATOM   257  C CA  . GLN A 1 30  ? 9.875   -6.638  -3.226  1.00 12.81 ? 36  GLN B CA  1 
ATOM   258  C C   . GLN A 1 30  ? 10.030  -5.399  -4.088  1.00 12.30 ? 36  GLN B C   1 
ATOM   259  O O   . GLN A 1 30  ? 10.250  -5.497  -5.325  1.00 13.03 ? 36  GLN B O   1 
ATOM   260  C CB  . GLN A 1 30  ? 11.272  -7.085  -2.790  1.00 14.76 ? 36  GLN B CB  1 
ATOM   261  C CG  . GLN A 1 30  ? 11.277  -8.432  -2.103  1.00 18.01 ? 36  GLN B CG  1 
ATOM   262  C CD  . GLN A 1 30  ? 12.597  -8.718  -1.429  1.00 21.62 ? 36  GLN B CD  1 
ATOM   263  O OE1 . GLN A 1 30  ? 13.409  -7.813  -1.172  1.00 24.86 ? 36  GLN B OE1 1 
ATOM   264  N NE2 . GLN A 1 30  ? 12.838  -9.989  -1.166  1.00 25.59 ? 36  GLN B NE2 1 
ATOM   265  N N   . VAL A 1 31  ? 10.061  -4.252  -3.437  1.00 11.05 ? 37  VAL B N   1 
ATOM   266  C CA  . VAL A 1 31  ? 10.261  -2.956  -4.144  1.00 10.66 ? 37  VAL B CA  1 
ATOM   267  C C   . VAL A 1 31  ? 11.029  -2.011  -3.236  1.00 11.60 ? 37  VAL B C   1 
ATOM   268  O O   . VAL A 1 31  ? 10.726  -1.922  -2.054  1.00 10.80 ? 37  VAL B O   1 
ATOM   269  C CB  . VAL A 1 31  ? 8.937   -2.384  -4.658  1.00 10.77 ? 37  VAL B CB  1 
ATOM   270  C CG1 . VAL A 1 31  ? 7.904   -2.186  -3.544  1.00 10.77 ? 37  VAL B CG1 1 
ATOM   271  C CG2 . VAL A 1 31  ? 9.146   -1.093  -5.450  1.00 11.53 ? 37  VAL B CG2 1 
ATOM   272  N N   . ARG A 1 32  ? 11.988  -1.307  -3.813  1.00 11.41 ? 38  ARG B N   1 
ATOM   273  C CA  . ARG A 1 32  ? 12.686  -0.240  -3.094  1.00 11.80 ? 38  ARG B CA  1 
ATOM   274  C C   . ARG A 1 32  ? 12.943  0.946   -4.043  1.00 11.88 ? 38  ARG B C   1 
ATOM   275  O O   . ARG A 1 32  ? 12.884  0.825   -5.250  1.00 11.12 ? 38  ARG B O   1 
ATOM   276  C CB  . ARG A 1 32  ? 14.004  -0.741  -2.516  1.00 13.09 ? 38  ARG B CB  1 
ATOM   277  C CG  . ARG A 1 32  ? 15.025  -1.118  -3.577  1.00 14.96 ? 38  ARG B CG  1 
ATOM   278  C CD  . ARG A 1 32  ? 16.230  -1.783  -2.922  1.00 17.74 ? 38  ARG B CD  1 
ATOM   279  N NE  . ARG A 1 32  ? 17.267  -2.108  -3.884  1.00 21.70 ? 38  ARG B NE  1 
ATOM   280  C CZ  . ARG A 1 32  ? 18.226  -1.297  -4.299  1.00 19.06 ? 38  ARG B CZ  1 
ATOM   281  N NH1 . ARG A 1 32  ? 18.332  -0.049  -3.886  1.00 21.15 ? 38  ARG B NH1 1 
ATOM   282  N NH2 . ARG A 1 32  ? 19.103  -1.772  -5.182  1.00 24.25 ? 38  ARG B NH2 1 
ATOM   283  N N   A MET A 1 33  ? 13.249  2.071   -3.398  0.27 11.99 ? 39  MET B N   1 
ATOM   284  N N   B MET A 1 33  ? 13.173  2.121   -3.471  0.25 11.99 ? 39  MET B N   1 
ATOM   285  C CA  A MET A 1 33  ? 13.625  3.357   -4.036  0.27 13.03 ? 39  MET B CA  1 
ATOM   286  C CA  B MET A 1 33  ? 13.457  3.317   -4.306  0.25 12.57 ? 39  MET B CA  1 
ATOM   287  C C   A MET A 1 33  ? 15.080  3.248   -4.510  0.27 12.81 ? 39  MET B C   1 
ATOM   288  C C   B MET A 1 33  ? 14.968  3.413   -4.518  0.25 12.61 ? 39  MET B C   1 
ATOM   289  O O   A MET A 1 33  ? 15.952  2.935   -3.696  0.27 14.10 ? 39  MET B O   1 
ATOM   290  O O   B MET A 1 33  ? 15.724  3.518   -3.503  0.25 12.22 ? 39  MET B O   1 
ATOM   291  C CB  A MET A 1 33  ? 13.459  4.491   -3.013  0.27 13.38 ? 39  MET B CB  1 
ATOM   292  C CB  B MET A 1 33  ? 12.943  4.624   -3.697  0.25 13.51 ? 39  MET B CB  1 
ATOM   293  C CG  A MET A 1 33  ? 13.636  5.901   -3.567  0.27 15.28 ? 39  MET B CG  1 
ATOM   294  C CG  B MET A 1 33  ? 13.226  5.843   -4.601  0.25 14.17 ? 39  MET B CG  1 
ATOM   295  S SD  A MET A 1 33  ? 12.473  6.272   -4.924  0.27 17.24 ? 39  MET B SD  1 
ATOM   296  S SD  B MET A 1 33  ? 12.577  7.359   -3.871  0.25 14.28 ? 39  MET B SD  1 
ATOM   297  C CE  A MET A 1 33  ? 12.500  8.061   -4.982  0.27 17.61 ? 39  MET B CE  1 
ATOM   298  C CE  B MET A 1 33  ? 12.904  8.475   -5.238  0.25 14.85 ? 39  MET B CE  1 
ATOM   299  N N   . GLY A 1 34  ? 15.332  3.424   -5.804  1.00 13.03 ? 40  GLY B N   1 
ATOM   300  C CA  . GLY A 1 34  ? 16.723  3.597   -6.272  1.00 14.70 ? 40  GLY B CA  1 
ATOM   301  C C   . GLY A 1 34  ? 17.206  5.016   -6.045  1.00 15.97 ? 40  GLY B C   1 
ATOM   302  O O   . GLY A 1 34  ? 16.481  5.892   -5.592  1.00 16.08 ? 40  GLY B O   1 
ATOM   303  N N   . ASP A 1 35  ? 18.535  5.186   -6.191  1.00 19.34 ? 41  ASP B N   1 
ATOM   304  C CA  . ASP A 1 35  ? 19.203  6.507   -6.025  1.00 20.56 ? 41  ASP B CA  1 
ATOM   305  C C   . ASP A 1 35  ? 19.174  7.288   -7.367  1.00 18.86 ? 41  ASP B C   1 
ATOM   306  O O   . ASP A 1 35  ? 19.640  8.450   -7.374  1.00 19.40 ? 41  ASP B O   1 
ATOM   307  C CB  . ASP A 1 35  ? 20.624  6.355   -5.430  1.00 24.10 ? 41  ASP B CB  1 
ATOM   308  C CG  . ASP A 1 35  ? 20.721  5.956   -3.947  1.00 32.99 ? 41  ASP B CG  1 
ATOM   309  O OD1 . ASP A 1 35  ? 19.826  6.344   -3.149  1.00 36.40 ? 41  ASP B OD1 1 
ATOM   310  O OD2 . ASP A 1 35  ? 21.736  5.310   -3.561  1.00 35.92 ? 41  ASP B OD2 1 
ATOM   311  N N   . THR A 1 36  ? 18.553  6.771   -8.423  1.00 14.79 ? 42  THR B N   1 
ATOM   312  C CA  . THR A 1 36  ? 18.479  7.430   -9.765  1.00 15.19 ? 42  THR B CA  1 
ATOM   313  C C   . THR A 1 36  ? 17.304  6.886   -10.589 1.00 13.05 ? 42  THR B C   1 
ATOM   314  O O   . THR A 1 36  ? 16.710  5.771   -10.257 1.00 13.37 ? 42  THR B O   1 
ATOM   315  C CB  . THR A 1 36  ? 19.836  7.229   -10.440 1.00 16.81 ? 42  THR B CB  1 
ATOM   316  O OG1 . THR A 1 36  ? 19.891  8.084   -11.567 1.00 18.13 ? 42  THR B OG1 1 
ATOM   317  C CG2 . THR A 1 36  ? 20.064  5.791   -10.851 1.00 17.50 ? 42  THR B CG2 1 
ATOM   318  N N   . HIS A 1 37  ? 16.991  7.489   -11.728 1.00 13.12 ? 43  HIS B N   1 
ATOM   319  C CA  . HIS A 1 37  ? 16.040  6.931   -12.721 1.00 12.65 ? 43  HIS B CA  1 
ATOM   320  C C   . HIS A 1 37  ? 16.494  5.539   -13.150 1.00 14.11 ? 43  HIS B C   1 
ATOM   321  O O   . HIS A 1 37  ? 17.704  5.355   -13.467 1.00 14.10 ? 43  HIS B O   1 
ATOM   322  C CB  . HIS A 1 37  ? 15.908  7.919   -13.876 1.00 12.45 ? 43  HIS B CB  1 
ATOM   323  C CG  . HIS A 1 37  ? 14.910  7.614   -14.919 1.00 11.84 ? 43  HIS B CG  1 
ATOM   324  N ND1 . HIS A 1 37  ? 15.027  6.552   -15.826 1.00 12.37 ? 43  HIS B ND1 1 
ATOM   325  C CD2 . HIS A 1 37  ? 13.794  8.298   -15.296 1.00 12.28 ? 43  HIS B CD2 1 
ATOM   326  C CE1 . HIS A 1 37  ? 14.031  6.597   -16.671 1.00 13.17 ? 43  HIS B CE1 1 
ATOM   327  N NE2 . HIS A 1 37  ? 13.211  7.685   -16.364 1.00 12.93 ? 43  HIS B NE2 1 
ATOM   328  N N   . GLN A 1 38  ? 15.594  4.560   -13.235 1.00 12.50 ? 44  GLN B N   1 
ATOM   329  C CA  . GLN A 1 38  ? 15.961  3.148   -13.457 1.00 12.80 ? 44  GLN B CA  1 
ATOM   330  C C   . GLN A 1 38  ? 15.969  2.782   -14.943 1.00 13.41 ? 44  GLN B C   1 
ATOM   331  O O   . GLN A 1 38  ? 15.953  1.568   -15.268 1.00 15.17 ? 44  GLN B O   1 
ATOM   332  C CB  . GLN A 1 38  ? 15.059  2.236   -12.614 1.00 12.80 ? 44  GLN B CB  1 
ATOM   333  C CG  . GLN A 1 38  ? 15.330  2.402   -11.150 1.00 13.04 ? 44  GLN B CG  1 
ATOM   334  C CD  . GLN A 1 38  ? 16.771  2.204   -10.761 1.00 13.25 ? 44  GLN B CD  1 
ATOM   335  O OE1 . GLN A 1 38  ? 17.408  3.026   -10.093 1.00 16.57 ? 44  GLN B OE1 1 
ATOM   336  N NE2 . GLN A 1 38  ? 17.342  1.102   -11.202 1.00 12.84 ? 44  GLN B NE2 1 
ATOM   337  N N   . ASN A 1 39  ? 15.973  3.768   -15.829 1.00 12.80 ? 45  ASN B N   1 
ATOM   338  C CA  . ASN A 1 39  ? 16.241  3.526   -17.280 1.00 12.83 ? 45  ASN B CA  1 
ATOM   339  C C   . ASN A 1 39  ? 15.105  2.787   -17.951 1.00 13.15 ? 45  ASN B C   1 
ATOM   340  O O   . ASN A 1 39  ? 15.305  2.013   -18.892 1.00 15.08 ? 45  ASN B O   1 
ATOM   341  C CB  . ASN A 1 39  ? 17.599  2.838   -17.553 1.00 12.96 ? 45  ASN B CB  1 
ATOM   342  C CG  . ASN A 1 39  ? 18.110  3.118   -18.956 1.00 12.08 ? 45  ASN B CG  1 
ATOM   343  O OD1 . ASN A 1 39  ? 17.826  4.151   -19.570 1.00 11.81 ? 45  ASN B OD1 1 
ATOM   344  N ND2 . ASN A 1 39  ? 18.809  2.134   -19.547 1.00 12.55 ? 45  ASN B ND2 1 
ATOM   345  N N   . VAL A 1 40  ? 13.873  3.071   -17.541 1.00 15.01 ? 46  VAL B N   1 
ATOM   346  C CA  . VAL A 1 40  ? 12.610  2.563   -18.159 1.00 16.20 ? 46  VAL B CA  1 
ATOM   347  C C   . VAL A 1 40  ? 11.969  3.645   -19.042 1.00 15.80 ? 46  VAL B C   1 
ATOM   348  O O   . VAL A 1 40  ? 12.139  4.811   -18.751 1.00 15.26 ? 46  VAL B O   1 
ATOM   349  C CB  . VAL A 1 40  ? 11.612  2.071   -17.089 1.00 16.85 ? 46  VAL B CB  1 
ATOM   350  C CG1 . VAL A 1 40  ? 12.113  0.811   -16.411 1.00 19.42 ? 46  VAL B CG1 1 
ATOM   351  C CG2 . VAL A 1 40  ? 11.240  3.128   -16.056 1.00 17.84 ? 46  VAL B CG2 1 
ATOM   352  N N   . SER A 1 41  ? 11.164  3.266   -20.027 1.00 16.89 ? 47  SER B N   1 
ATOM   353  C CA  . SER A 1 41  ? 10.350  4.208   -20.815 1.00 17.86 ? 47  SER B CA  1 
ATOM   354  C C   . SER A 1 41  ? 9.207   4.760   -19.972 1.00 16.48 ? 47  SER B C   1 
ATOM   355  O O   . SER A 1 41  ? 8.709   4.046   -19.060 1.00 16.05 ? 47  SER B O   1 
ATOM   356  C CB  . SER A 1 41  ? 9.814   3.569   -22.092 1.00 19.02 ? 47  SER B CB  1 
ATOM   357  O OG  . SER A 1 41  ? 9.099   2.372   -21.816 1.00 21.94 ? 47  SER B OG  1 
ATOM   358  N N   . ASP A 1 42  ? 8.731   5.951   -20.264 1.00 17.41 ? 48  ASP B N   1 
ATOM   359  C CA  . ASP A 1 42  ? 7.522   6.511   -19.611 1.00 17.03 ? 48  ASP B CA  1 
ATOM   360  C C   . ASP A 1 42  ? 6.282   5.880   -20.238 1.00 19.25 ? 48  ASP B C   1 
ATOM   361  O O   . ASP A 1 42  ? 6.329   5.380   -21.391 1.00 19.21 ? 48  ASP B O   1 
ATOM   362  C CB  . ASP A 1 42  ? 7.533   8.029   -19.641 1.00 19.04 ? 48  ASP B CB  1 
ATOM   363  C CG  . ASP A 1 42  ? 6.465   8.599   -18.748 1.00 22.74 ? 48  ASP B CG  1 
ATOM   364  O OD1 . ASP A 1 42  ? 6.255   8.041   -17.606 1.00 18.28 ? 48  ASP B OD1 1 
ATOM   365  O OD2 . ASP A 1 42  ? 5.725   9.443   -19.287 1.00 26.78 ? 48  ASP B OD2 1 
ATOM   366  N N   . ASN A 1 43  ? 5.193   5.840   -19.465 1.00 17.01 ? 49  ASN B N   1 
ATOM   367  C CA  . ASN A 1 43  ? 3.888   5.346   -19.956 1.00 17.52 ? 49  ASN B CA  1 
ATOM   368  C C   . ASN A 1 43  ? 2.802   5.970   -19.084 1.00 17.99 ? 49  ASN B C   1 
ATOM   369  O O   . ASN A 1 43  ? 3.111   6.627   -18.055 1.00 18.92 ? 49  ASN B O   1 
ATOM   370  C CB  . ASN A 1 43  ? 3.822   3.835   -20.012 1.00 17.81 ? 49  ASN B CB  1 
ATOM   371  C CG  . ASN A 1 43  ? 3.789   3.202   -18.639 1.00 17.48 ? 49  ASN B CG  1 
ATOM   372  O OD1 . ASN A 1 43  ? 2.964   3.599   -17.805 1.00 19.48 ? 49  ASN B OD1 1 
ATOM   373  N ND2 . ASN A 1 43  ? 4.647   2.280   -18.344 1.00 17.18 ? 49  ASN B ND2 1 
ATOM   374  N N   . LYS A 1 44  ? 1.573   5.883   -19.538 1.00 18.62 ? 50  LYS B N   1 
ATOM   375  C CA  . LYS A 1 44  ? 0.454   6.605   -18.881 1.00 20.13 ? 50  LYS B CA  1 
ATOM   376  C C   . LYS A 1 44  ? 0.107   5.951   -17.530 1.00 17.58 ? 50  LYS B C   1 
ATOM   377  O O   . LYS A 1 44  ? -0.549  6.662   -16.737 1.00 18.85 ? 50  LYS B O   1 
ATOM   378  C CB  . LYS A 1 44  ? -0.801  6.588   -19.766 1.00 23.19 ? 50  LYS B CB  1 
ATOM   379  C CG  . LYS A 1 44  ? -1.333  5.201   -20.045 1.00 27.23 ? 50  LYS B CG  1 
ATOM   380  C CD  . LYS A 1 44  ? -2.298  5.134   -21.203 1.00 35.10 ? 50  LYS B CD  1 
ATOM   381  C CE  . LYS A 1 44  ? -3.125  3.869   -21.149 1.00 39.47 ? 50  LYS B CE  1 
ATOM   382  N NZ  . LYS A 1 44  ? -4.494  4.122   -21.653 1.00 45.64 ? 50  LYS B NZ  1 
ATOM   383  N N   . GLU A 1 45  ? 0.516   4.721   -17.278 1.00 16.60 ? 51  GLU B N   1 
ATOM   384  C CA  . GLU A 1 45  ? 0.230   3.991   -16.004 1.00 15.84 ? 51  GLU B CA  1 
ATOM   385  C C   . GLU A 1 45  ? 1.163   4.463   -14.866 1.00 15.49 ? 51  GLU B C   1 
ATOM   386  O O   . GLU A 1 45  ? 0.772   4.294   -13.681 1.00 16.21 ? 51  GLU B O   1 
ATOM   387  C CB  . GLU A 1 45  ? 0.382   2.491   -16.190 1.00 19.00 ? 51  GLU B CB  1 
ATOM   388  C CG  . GLU A 1 45  ? -0.554  1.836   -17.212 1.00 23.34 ? 51  GLU B CG  1 
ATOM   389  C CD  . GLU A 1 45  ? -0.279  0.338   -17.309 1.00 28.10 ? 51  GLU B CD  1 
ATOM   390  O OE1 . GLU A 1 45  ? 0.230   -0.120  -18.372 1.00 33.67 ? 51  GLU B OE1 1 
ATOM   391  O OE2 . GLU A 1 45  ? -0.512  -0.391  -16.323 1.00 32.37 ? 51  GLU B OE2 1 
ATOM   392  N N   . ARG A 1 46  ? 2.386   4.950   -15.125 1.00 14.18 ? 52  ARG B N   1 
ATOM   393  C CA  . ARG A 1 46  ? 3.377   5.167   -14.040 1.00 13.23 ? 52  ARG B CA  1 
ATOM   394  C C   . ARG A 1 46  ? 2.975   6.320   -13.144 1.00 13.50 ? 52  ARG B C   1 
ATOM   395  O O   . ARG A 1 46  ? 2.642   7.421   -13.577 1.00 14.12 ? 52  ARG B O   1 
ATOM   396  C CB  . ARG A 1 46  ? 4.755   5.505   -14.621 1.00 12.73 ? 52  ARG B CB  1 
ATOM   397  C CG  . ARG A 1 46  ? 5.379   4.400   -15.436 1.00 13.52 ? 52  ARG B CG  1 
ATOM   398  C CD  . ARG A 1 46  ? 6.920   4.606   -15.561 1.00 13.19 ? 52  ARG B CD  1 
ATOM   399  N NE  . ARG A 1 46  ? 7.491   3.614   -16.437 1.00 14.91 ? 52  ARG B NE  1 
ATOM   400  C CZ  . ARG A 1 46  ? 7.600   2.328   -16.159 1.00 13.87 ? 52  ARG B CZ  1 
ATOM   401  N NH1 . ARG A 1 46  ? 7.388   1.855   -14.928 1.00 13.42 ? 52  ARG B NH1 1 
ATOM   402  N NH2 . ARG A 1 46  ? 7.997   1.470   -17.100 1.00 15.46 ? 52  ARG B NH2 1 
ATOM   403  N N   . PHE A 1 47  ? 3.054   6.117   -11.836 1.00 12.07 ? 53  PHE B N   1 
ATOM   404  C CA  . PHE A 1 47  ? 2.940   7.231   -10.886 1.00 11.95 ? 53  PHE B CA  1 
ATOM   405  C C   . PHE A 1 47  ? 4.142   8.164   -11.093 1.00 12.86 ? 53  PHE B C   1 
ATOM   406  O O   . PHE A 1 47  ? 5.296   7.739   -10.953 1.00 13.90 ? 53  PHE B O   1 
ATOM   407  C CB  . PHE A 1 47  ? 2.900   6.753   -9.436  1.00 11.11 ? 53  PHE B CB  1 
ATOM   408  C CG  . PHE A 1 47  ? 1.586   6.094   -9.087  1.00 10.91 ? 53  PHE B CG  1 
ATOM   409  C CD1 . PHE A 1 47  ? 0.484   6.878   -8.782  1.00 10.93 ? 53  PHE B CD1 1 
ATOM   410  C CD2 . PHE A 1 47  ? 1.453   4.717   -9.058  1.00 11.73 ? 53  PHE B CD2 1 
ATOM   411  C CE1 . PHE A 1 47  ? -0.741  6.305   -8.461  1.00 11.70 ? 53  PHE B CE1 1 
ATOM   412  C CE2 . PHE A 1 47  ? 0.213   4.144   -8.735  1.00 11.34 ? 53  PHE B CE2 1 
ATOM   413  C CZ  . PHE A 1 47  ? -0.864  4.957   -8.423  1.00 10.92 ? 53  PHE B CZ  1 
ATOM   414  N N   . SER A 1 48  ? 3.904   9.426   -11.409 1.00 13.10 ? 54  SER B N   1 
ATOM   415  C CA  . SER A 1 48  ? 4.995   10.369  -11.810 1.00 14.35 ? 54  SER B CA  1 
ATOM   416  C C   . SER A 1 48  ? 5.594   11.076  -10.610 1.00 13.74 ? 54  SER B C   1 
ATOM   417  O O   . SER A 1 48  ? 6.845   11.310  -10.616 1.00 16.07 ? 54  SER B O   1 
ATOM   418  C CB  . SER A 1 48  ? 4.496   11.370  -12.828 1.00 14.79 ? 54  SER B CB  1 
ATOM   419  O OG  . SER A 1 48  ? 3.465   12.184  -12.295 1.00 14.93 ? 54  SER B OG  1 
ATOM   420  N N   . ASN A 1 49  ? 4.836   11.441  -9.588  1.00 12.40 ? 55  ASN B N   1 
ATOM   421  C CA  . ASN A 1 49  ? 5.264   12.413  -8.560  1.00 13.64 ? 55  ASN B CA  1 
ATOM   422  C C   . ASN A 1 49  ? 5.722   11.753  -7.260  1.00 12.37 ? 55  ASN B C   1 
ATOM   423  O O   . ASN A 1 49  ? 6.335   12.406  -6.428  1.00 13.90 ? 55  ASN B O   1 
ATOM   424  C CB  . ASN A 1 49  ? 4.173   13.425  -8.209  1.00 15.34 ? 55  ASN B CB  1 
ATOM   425  C CG  . ASN A 1 49  ? 3.915   14.474  -9.294  1.00 16.81 ? 55  ASN B CG  1 
ATOM   426  O OD1 . ASN A 1 49  ? 3.793   14.157  -10.471 1.00 19.25 ? 55  ASN B OD1 1 
ATOM   427  N ND2 . ASN A 1 49  ? 3.863   15.717  -8.869  1.00 21.98 ? 55  ASN B ND2 1 
ATOM   428  N N   . TYR A 1 50  ? 5.408   10.471  -7.057  1.00 11.48 ? 56  TYR B N   1 
ATOM   429  C CA  . TYR A 1 50  ? 5.667   9.773   -5.778  1.00 10.81 ? 56  TYR B CA  1 
ATOM   430  C C   . TYR A 1 50  ? 6.164   8.360   -6.055  1.00 10.38 ? 56  TYR B C   1 
ATOM   431  O O   . TYR A 1 50  ? 5.864   7.790   -7.103  1.00 11.27 ? 56  TYR B O   1 
ATOM   432  C CB  . TYR A 1 50  ? 4.380   9.692   -4.945  1.00 11.32 ? 56  TYR B CB  1 
ATOM   433  C CG  . TYR A 1 50  ? 3.575   10.965  -4.857  1.00 12.39 ? 56  TYR B CG  1 
ATOM   434  C CD1 . TYR A 1 50  ? 3.993   12.006  -4.038  1.00 14.44 ? 56  TYR B CD1 1 
ATOM   435  C CD2 . TYR A 1 50  ? 2.409   11.176  -5.588  1.00 13.19 ? 56  TYR B CD2 1 
ATOM   436  C CE1 . TYR A 1 50  ? 3.262   13.191  -3.931  1.00 16.00 ? 56  TYR B CE1 1 
ATOM   437  C CE2 . TYR A 1 50  ? 1.720   12.373  -5.540  1.00 13.31 ? 56  TYR B CE2 1 
ATOM   438  C CZ  . TYR A 1 50  ? 2.120   13.364  -4.682  1.00 14.54 ? 56  TYR B CZ  1 
ATOM   439  O OH  . TYR A 1 50  ? 1.372   14.512  -4.625  1.00 15.99 ? 56  TYR B OH  1 
ATOM   440  N N   . PRO A 1 51  ? 6.906   7.761   -5.088  1.00 10.37 ? 57  PRO B N   1 
ATOM   441  C CA  . PRO A 1 51  ? 7.495   6.443   -5.284  1.00 10.68 ? 57  PRO B CA  1 
ATOM   442  C C   . PRO A 1 51  ? 6.512   5.260   -5.078  1.00 9.50  ? 57  PRO B C   1 
ATOM   443  O O   . PRO A 1 51  ? 6.674   4.411   -4.237  1.00 9.65  ? 57  PRO B O   1 
ATOM   444  C CB  . PRO A 1 51  ? 8.664   6.381   -4.255  1.00 12.19 ? 57  PRO B CB  1 
ATOM   445  C CG  . PRO A 1 51  ? 8.725   7.732   -3.625  1.00 13.60 ? 57  PRO B CG  1 
ATOM   446  C CD  . PRO A 1 51  ? 7.424   8.410   -3.883  1.00 11.54 ? 57  PRO B CD  1 
ATOM   447  N N   . MET A 1 52  ? 5.464   5.273   -5.911  1.00 9.88  ? 58  MET B N   1 
ATOM   448  C CA  . MET A 1 52  ? 4.276   4.404   -5.800  1.00 8.94  ? 58  MET B CA  1 
ATOM   449  C C   . MET A 1 52  ? 4.271   3.359   -6.894  1.00 9.50  ? 58  MET B C   1 
ATOM   450  O O   . MET A 1 52  ? 4.850   3.504   -8.010  1.00 10.10 ? 58  MET B O   1 
ATOM   451  C CB  . MET A 1 52  ? 2.998   5.233   -5.885  1.00 9.11  ? 58  MET B CB  1 
ATOM   452  C CG  . MET A 1 52  ? 2.806   6.122   -4.698  1.00 9.37  ? 58  MET B CG  1 
ATOM   453  S SD  . MET A 1 52  ? 1.494   7.349   -5.072  1.00 11.21 ? 58  MET B SD  1 
ATOM   454  C CE  . MET A 1 52  ? 1.427   8.297   -3.571  1.00 11.77 ? 58  MET B CE  1 
ATOM   455  N N   . VAL A 1 53  ? 3.627   2.224   -6.590  1.00 9.38  ? 59  VAL B N   1 
ATOM   456  C CA  . VAL A 1 53  ? 3.434   1.084   -7.505  1.00 9.86  ? 59  VAL B CA  1 
ATOM   457  C C   . VAL A 1 53  ? 2.152   0.354   -7.095  1.00 10.00 ? 59  VAL B C   1 
ATOM   458  O O   . VAL A 1 53  ? 1.783   0.357   -5.896  1.00 10.52 ? 59  VAL B O   1 
ATOM   459  C CB  . VAL A 1 53  ? 4.680   0.161   -7.529  1.00 10.13 ? 59  VAL B CB  1 
ATOM   460  C CG1 . VAL A 1 53  ? 4.983   -0.452  -6.180  1.00 10.55 ? 59  VAL B CG1 1 
ATOM   461  C CG2 . VAL A 1 53  ? 4.583   -0.914  -8.610  1.00 10.46 ? 59  VAL B CG2 1 
ATOM   462  N N   . LEU A 1 54  ? 1.523   -0.313  -8.047  1.00 9.85  ? 60  LEU B N   1 
ATOM   463  C CA  . LEU A 1 54  ? 0.322   -1.136  -7.791  1.00 9.88  ? 60  LEU B CA  1 
ATOM   464  C C   . LEU A 1 54  ? 0.635   -2.609  -7.861  1.00 10.54 ? 60  LEU B C   1 
ATOM   465  O O   . LEU A 1 54  ? 1.556   -3.076  -8.636  1.00 11.76 ? 60  LEU B O   1 
ATOM   466  C CB  . LEU A 1 54  ? -0.791  -0.842  -8.796  1.00 11.09 ? 60  LEU B CB  1 
ATOM   467  C CG  . LEU A 1 54  ? -1.200  0.608   -8.855  1.00 11.02 ? 60  LEU B CG  1 
ATOM   468  C CD1 . LEU A 1 54  ? -2.386  0.821   -9.791  1.00 12.95 ? 60  LEU B CD1 1 
ATOM   469  C CD2 . LEU A 1 54  ? -1.545  1.164   -7.478  1.00 11.17 ? 60  LEU B CD2 1 
ATOM   470  N N   . GLY A 1 55  ? -0.113  -3.413  -7.121  1.00 10.51 ? 61  GLY B N   1 
ATOM   471  C CA  . GLY A 1 55  ? -0.169  -4.865  -7.406  1.00 11.25 ? 61  GLY B CA  1 
ATOM   472  C C   . GLY A 1 55  ? -0.801  -5.173  -8.760  1.00 11.51 ? 61  GLY B C   1 
ATOM   473  O O   . GLY A 1 55  ? -1.621  -4.413  -9.234  1.00 11.91 ? 61  GLY B O   1 
ATOM   474  N N   . ALA A 1 56  ? -0.452  -6.318  -9.338  1.00 12.32 ? 62  ALA B N   1 
ATOM   475  C CA  . ALA A 1 56  ? -1.011  -6.739  -10.641 1.00 14.28 ? 62  ALA B CA  1 
ATOM   476  C C   . ALA A 1 56  ? -2.455  -7.212  -10.485 1.00 14.78 ? 62  ALA B C   1 
ATOM   477  O O   . ALA A 1 56  ? -3.257  -7.071  -11.433 1.00 17.98 ? 62  ALA B O   1 
ATOM   478  C CB  . ALA A 1 56  ? -0.147  -7.815  -11.204 1.00 15.62 ? 62  ALA B CB  1 
ATOM   479  N N   . GLN A 1 57  ? -2.779  -7.729  -9.317  1.00 13.87 ? 63  GLN B N   1 
ATOM   480  C CA  . GLN A 1 57  ? -4.111  -8.356  -9.100  1.00 14.73 ? 63  GLN B CA  1 
ATOM   481  C C   . GLN A 1 57  ? -5.201  -7.280  -9.031  1.00 14.86 ? 63  GLN B C   1 
ATOM   482  O O   . GLN A 1 57  ? -4.994  -6.169  -8.494  1.00 15.13 ? 63  GLN B O   1 
ATOM   483  C CB  . GLN A 1 57  ? -4.071  -9.222  -7.836  1.00 16.57 ? 63  GLN B CB  1 
ATOM   484  C CG  . GLN A 1 57  ? -3.204  -10.465 -7.935  1.00 18.79 ? 63  GLN B CG  1 
ATOM   485  C CD  . GLN A 1 57  ? -1.712  -10.186 -7.982  1.00 18.42 ? 63  GLN B CD  1 
ATOM   486  O OE1 . GLN A 1 57  ? -1.246  -9.268  -7.327  1.00 17.35 ? 63  GLN B OE1 1 
ATOM   487  N NE2 . GLN A 1 57  ? -0.940  -10.976 -8.707  1.00 20.05 ? 63  GLN B NE2 1 
ATOM   488  N N   . ARG A 1 58  ? -6.358  -7.567  -9.613  1.00 15.15 ? 64  ARG B N   1 
ATOM   489  C CA  . ARG A 1 58  ? -7.575  -6.739  -9.563  1.00 14.88 ? 64  ARG B CA  1 
ATOM   490  C C   . ARG A 1 58  ? -8.663  -7.497  -8.820  1.00 13.97 ? 64  ARG B C   1 
ATOM   491  O O   . ARG A 1 58  ? -8.843  -8.690  -9.090  1.00 17.10 ? 64  ARG B O   1 
ATOM   492  C CB  . ARG A 1 58  ? -8.127  -6.419  -10.969 1.00 18.86 ? 64  ARG B CB  1 
ATOM   493  C CG  . ARG A 1 58  ? -7.400  -5.328  -11.758 1.00 26.86 ? 64  ARG B CG  1 
ATOM   494  C CD  . ARG A 1 58  ? -5.896  -5.481  -11.717 1.00 27.74 ? 64  ARG B CD  1 
ATOM   495  N NE  . ARG A 1 58  ? -4.926  -5.239  -12.800 1.00 30.70 ? 64  ARG B NE  1 
ATOM   496  C CZ  . ARG A 1 58  ? -5.076  -4.493  -13.884 1.00 29.71 ? 64  ARG B CZ  1 
ATOM   497  N NH1 . ARG A 1 58  ? -4.068  -4.395  -14.740 1.00 34.40 ? 64  ARG B NH1 1 
ATOM   498  N NH2 . ARG A 1 58  ? -6.202  -3.863  -14.137 1.00 30.70 ? 64  ARG B NH2 1 
ATOM   499  N N   . PHE A 1 59  ? -9.314  -6.840  -7.890  1.00 12.66 ? 65  PHE B N   1 
ATOM   500  C CA  . PHE A 1 59  ? -10.380 -7.467  -7.069  1.00 13.93 ? 65  PHE B CA  1 
ATOM   501  C C   . PHE A 1 59  ? -11.692 -6.711  -7.257  1.00 12.38 ? 65  PHE B C   1 
ATOM   502  O O   . PHE A 1 59  ? -11.762 -5.493  -7.118  1.00 12.40 ? 65  PHE B O   1 
ATOM   503  C CB  . PHE A 1 59  ? -9.982  -7.418  -5.581  1.00 15.41 ? 65  PHE B CB  1 
ATOM   504  C CG  . PHE A 1 59  ? -8.651  -8.088  -5.291  1.00 16.89 ? 65  PHE B CG  1 
ATOM   505  C CD1 . PHE A 1 59  ? -8.462  -9.388  -5.730  1.00 20.05 ? 65  PHE B CD1 1 
ATOM   506  C CD2 . PHE A 1 59  ? -7.600  -7.458  -4.669  1.00 24.94 ? 65  PHE B CD2 1 
ATOM   507  C CE1 . PHE A 1 59  ? -7.276  -10.080 -5.534  1.00 23.02 ? 65  PHE B CE1 1 
ATOM   508  C CE2 . PHE A 1 59  ? -6.409  -8.163  -4.438  1.00 19.79 ? 65  PHE B CE2 1 
ATOM   509  C CZ  . PHE A 1 59  ? -6.247  -9.431  -4.930  1.00 20.82 ? 65  PHE B CZ  1 
ATOM   510  N N   A SER A 1 60  ? -12.775 -7.448  -7.553  0.25 13.04 ? 66  SER B N   1 
ATOM   511  N N   B SER A 1 60  ? -12.765 -7.455  -7.569  0.25 12.50 ? 66  SER B N   1 
ATOM   512  C CA  A SER A 1 60  ? -14.125 -6.866  -7.777  0.25 13.75 ? 66  SER B CA  1 
ATOM   513  C CA  B SER A 1 60  ? -14.135 -6.908  -7.763  0.25 12.83 ? 66  SER B CA  1 
ATOM   514  C C   A SER A 1 60  ? -15.197 -7.568  -6.920  0.25 13.29 ? 66  SER B C   1 
ATOM   515  C C   B SER A 1 60  ? -15.169 -7.700  -6.964  0.25 13.02 ? 66  SER B C   1 
ATOM   516  O O   A SER A 1 60  ? -16.369 -7.121  -6.950  0.25 12.90 ? 66  SER B O   1 
ATOM   517  O O   B SER A 1 60  ? -16.358 -7.575  -7.257  0.25 11.85 ? 66  SER B O   1 
ATOM   518  C CB  A SER A 1 60  ? -14.464 -6.833  -9.263  0.25 14.39 ? 66  SER B CB  1 
ATOM   519  C CB  B SER A 1 60  ? -14.522 -6.908  -9.209  0.25 12.72 ? 66  SER B CB  1 
ATOM   520  O OG  A SER A 1 60  ? -13.726 -5.789  -9.929  0.25 16.24 ? 66  SER B OG  1 
ATOM   521  O OG  B SER A 1 60  ? -14.413 -8.212  -9.719  0.25 13.06 ? 66  SER B OG  1 
ATOM   522  N N   A SER A 1 61  ? -14.798 -8.567  -6.123  0.25 12.65 ? 67  SER B N   1 
ATOM   523  N N   B SER A 1 61  ? -14.728 -8.516  -6.015  0.25 13.47 ? 67  SER B N   1 
ATOM   524  C CA  A SER A 1 61  ? -15.689 -9.325  -5.205  0.25 13.22 ? 67  SER B CA  1 
ATOM   525  C CA  B SER A 1 61  ? -15.633 -9.365  -5.211  0.25 15.00 ? 67  SER B CA  1 
ATOM   526  C C   A SER A 1 61  ? -14.846 -9.995  -4.116  0.25 13.51 ? 67  SER B C   1 
ATOM   527  C C   B SER A 1 61  ? -14.820 -10.118 -4.168  0.25 14.46 ? 67  SER B C   1 
ATOM   528  O O   A SER A 1 61  ? -13.626 -9.929  -4.209  0.25 13.52 ? 67  SER B O   1 
ATOM   529  O O   B SER A 1 61  ? -13.600 -10.297 -4.394  0.25 14.17 ? 67  SER B O   1 
ATOM   530  C CB  A SER A 1 61  ? -16.482 -10.367 -5.984  0.25 13.39 ? 67  SER B CB  1 
ATOM   531  C CB  B SER A 1 61  ? -16.353 -10.339 -6.114  0.25 16.39 ? 67  SER B CB  1 
ATOM   532  O OG  A SER A 1 61  ? -15.633 -11.388 -6.485  0.25 13.46 ? 67  SER B OG  1 
ATOM   533  O OG  B SER A 1 61  ? -17.224 -11.154 -5.354  0.25 20.41 ? 67  SER B OG  1 
ATOM   534  N N   . GLY A 1 62  ? -15.495 -10.607 -3.125  1.00 14.89 ? 68  GLY B N   1 
ATOM   535  C CA  . GLY A 1 62  ? -14.846 -11.535 -2.196  1.00 15.92 ? 68  GLY B CA  1 
ATOM   536  C C   . GLY A 1 62  ? -14.042 -10.853 -1.104  1.00 12.31 ? 68  GLY B C   1 
ATOM   537  O O   . GLY A 1 62  ? -14.128 -9.638  -0.883  1.00 14.77 ? 68  GLY B O   1 
ATOM   538  N N   . LYS A 1 63  ? -13.349 -11.726 -0.402  1.00 13.21 ? 69  LYS B N   1 
ATOM   539  C CA  . LYS A 1 63  ? -12.511 -11.373 0.748   1.00 13.12 ? 69  LYS B CA  1 
ATOM   540  C C   . LYS A 1 63  ? -11.082 -11.710 0.369   1.00 13.29 ? 69  LYS B C   1 
ATOM   541  O O   . LYS A 1 63  ? -10.805 -12.827 -0.077  1.00 14.73 ? 69  LYS B O   1 
ATOM   542  C CB  . LYS A 1 63  ? -12.984 -12.125 1.989   1.00 14.62 ? 69  LYS B CB  1 
ATOM   543  C CG  . LYS A 1 63  ? -14.386 -11.748 2.456   1.00 15.10 ? 69  LYS B CG  1 
ATOM   544  C CD  . LYS A 1 63  ? -14.878 -12.654 3.613   1.00 18.05 ? 69  LYS B CD  1 
ATOM   545  C CE  . LYS A 1 63  ? -16.211 -12.232 4.179   1.00 20.26 ? 69  LYS B CE  1 
ATOM   546  N NZ  . LYS A 1 63  ? -16.591 -13.079 5.344   1.00 22.35 ? 69  LYS B NZ  1 
ATOM   547  N N   . MET A 1 64  ? -10.172 -10.792 0.662   1.00 12.29 ? 70  MET B N   1 
ATOM   548  C CA  . MET A 1 64  ? -8.745  -10.914 0.306   1.00 12.07 ? 70  MET B CA  1 
ATOM   549  C C   . MET A 1 64  ? -7.885  -10.480 1.488   1.00 11.95 ? 70  MET B C   1 
ATOM   550  O O   . MET A 1 64  ? -8.246  -9.519  2.171   1.00 12.65 ? 70  MET B O   1 
ATOM   551  C CB  . MET A 1 64  ? -8.397  -9.979  -0.847  1.00 12.11 ? 70  MET B CB  1 
ATOM   552  C CG  . MET A 1 64  ? -8.923  -10.399 -2.210  1.00 13.39 ? 70  MET B CG  1 
ATOM   553  S SD  . MET A 1 64  ? -10.688 -10.291 -2.540  1.00 15.23 ? 70  MET B SD  1 
ATOM   554  C CE  . MET A 1 64  ? -11.068 -8.592  -2.206  1.00 15.92 ? 70  MET B CE  1 
ATOM   555  N N   . TYR A 1 65  ? -6.754  -11.117 1.714   1.00 12.08 ? 71  TYR B N   1 
ATOM   556  C CA  . TYR A 1 65  ? -5.809  -10.786 2.809   1.00 11.63 ? 71  TYR B CA  1 
ATOM   557  C C   . TYR A 1 65  ? -4.402  -10.908 2.267   1.00 12.24 ? 71  TYR B C   1 
ATOM   558  O O   . TYR A 1 65  ? -4.075  -11.919 1.584   1.00 12.59 ? 71  TYR B O   1 
ATOM   559  C CB  . TYR A 1 65  ? -6.030  -11.728 4.000   1.00 12.61 ? 71  TYR B CB  1 
ATOM   560  C CG  . TYR A 1 65  ? -5.117  -11.493 5.171   1.00 12.40 ? 71  TYR B CG  1 
ATOM   561  C CD1 . TYR A 1 65  ? -5.314  -10.420 6.009   1.00 12.17 ? 71  TYR B CD1 1 
ATOM   562  C CD2 . TYR A 1 65  ? -3.996  -12.298 5.382   1.00 13.14 ? 71  TYR B CD2 1 
ATOM   563  C CE1 . TYR A 1 65  ? -4.459  -10.157 7.074   1.00 13.14 ? 71  TYR B CE1 1 
ATOM   564  C CE2 . TYR A 1 65  ? -3.128  -12.044 6.435   1.00 12.38 ? 71  TYR B CE2 1 
ATOM   565  C CZ  . TYR A 1 65  ? -3.365  -10.989 7.286   1.00 13.08 ? 71  TYR B CZ  1 
ATOM   566  O OH  . TYR A 1 65  ? -2.475  -10.736 8.298   1.00 14.93 ? 71  TYR B OH  1 
ATOM   567  N N   . TRP A 1 66  ? -3.548  -9.963  2.634   1.00 11.11 ? 72  TRP B N   1 
ATOM   568  C CA  . TRP A 1 66  ? -2.093  -10.116 2.375   1.00 11.14 ? 72  TRP B CA  1 
ATOM   569  C C   . TRP A 1 66  ? -1.316  -9.386  3.476   1.00 10.95 ? 72  TRP B C   1 
ATOM   570  O O   . TRP A 1 66  ? -1.862  -8.572  4.222   1.00 11.78 ? 72  TRP B O   1 
ATOM   571  C CB  . TRP A 1 66  ? -1.718  -9.657  0.937   1.00 11.46 ? 72  TRP B CB  1 
ATOM   572  C CG  . TRP A 1 66  ? -1.947  -8.222  0.609   1.00 11.01 ? 72  TRP B CG  1 
ATOM   573  C CD1 . TRP A 1 66  ? -1.040  -7.190  0.648   1.00 11.25 ? 72  TRP B CD1 1 
ATOM   574  C CD2 . TRP A 1 66  ? -3.170  -7.612  0.178   1.00 11.64 ? 72  TRP B CD2 1 
ATOM   575  N NE1 . TRP A 1 66  ? -1.597  -6.008  0.246   1.00 10.84 ? 72  TRP B NE1 1 
ATOM   576  C CE2 . TRP A 1 66  ? -2.914  -6.239  -0.053  1.00 11.43 ? 72  TRP B CE2 1 
ATOM   577  C CE3 . TRP A 1 66  ? -4.473  -8.096  -0.048  1.00 12.75 ? 72  TRP B CE3 1 
ATOM   578  C CZ2 . TRP A 1 66  ? -3.889  -5.368  -0.497  1.00 11.62 ? 72  TRP B CZ2 1 
ATOM   579  C CZ3 . TRP A 1 66  ? -5.442  -7.237  -0.519  1.00 15.14 ? 72  TRP B CZ3 1 
ATOM   580  C CH2 . TRP A 1 66  ? -5.167  -5.880  -0.699  1.00 13.81 ? 72  TRP B CH2 1 
ATOM   581  N N   . GLU A 1 67  ? -0.005  -9.646  3.495   1.00 10.83 ? 73  GLU B N   1 
ATOM   582  C CA  . GLU A 1 67  ? 0.925   -9.047  4.482   1.00 10.72 ? 73  GLU B CA  1 
ATOM   583  C C   . GLU A 1 67  ? 2.134   -8.403  3.819   1.00 10.38 ? 73  GLU B C   1 
ATOM   584  O O   . GLU A 1 67  ? 2.592   -8.877  2.797   1.00 11.35 ? 73  GLU B O   1 
ATOM   585  C CB  . GLU A 1 67  ? 1.411   -10.093 5.481   1.00 12.87 ? 73  GLU B CB  1 
ATOM   586  C CG  . GLU A 1 67  ? 0.276   -10.596 6.377   1.00 15.53 ? 73  GLU B CG  1 
ATOM   587  C CD  . GLU A 1 67  ? 0.634   -11.643 7.401   1.00 18.44 ? 73  GLU B CD  1 
ATOM   588  O OE1 . GLU A 1 67  ? 1.830   -12.064 7.431   1.00 22.76 ? 73  GLU B OE1 1 
ATOM   589  O OE2 . GLU A 1 67  ? -0.272  -12.004 8.232   1.00 17.29 ? 73  GLU B OE2 1 
ATOM   590  N N   . VAL A 1 68  ? 2.570   -7.311  4.422   1.00 10.76 ? 74  VAL B N   1 
ATOM   591  C CA  . VAL A 1 68  ? 3.693   -6.514  3.896   1.00 11.18 ? 74  VAL B CA  1 
ATOM   592  C C   . VAL A 1 68  ? 4.688   -6.290  5.017   1.00 10.59 ? 74  VAL B C   1 
ATOM   593  O O   . VAL A 1 68  ? 4.319   -5.800  6.097   1.00 11.73 ? 74  VAL B O   1 
ATOM   594  C CB  . VAL A 1 68  ? 3.229   -5.176  3.302   1.00 11.03 ? 74  VAL B CB  1 
ATOM   595  C CG1 . VAL A 1 68  ? 4.379   -4.450  2.644   1.00 11.97 ? 74  VAL B CG1 1 
ATOM   596  C CG2 . VAL A 1 68  ? 2.051   -5.366  2.364   1.00 11.38 ? 74  VAL B CG2 1 
ATOM   597  N N   . ASP A 1 69  ? 5.970   -6.522  4.712   1.00 10.52 ? 75  ASP B N   1 
ATOM   598  C CA  . ASP A 1 69  ? 7.095   -6.243  5.628   1.00 11.56 ? 75  ASP B CA  1 
ATOM   599  C C   . ASP A 1 69  ? 7.551   -4.812  5.433   1.00 10.34 ? 75  ASP B C   1 
ATOM   600  O O   . ASP A 1 69  ? 7.844   -4.405  4.266   1.00 11.38 ? 75  ASP B O   1 
ATOM   601  C CB  . ASP A 1 69  ? 8.262   -7.210  5.374   1.00 13.26 ? 75  ASP B CB  1 
ATOM   602  C CG  . ASP A 1 69  ? 9.295   -7.172  6.490   1.00 15.64 ? 75  ASP B CG  1 
ATOM   603  O OD1 . ASP A 1 69  ? 9.856   -6.141  6.720   1.00 15.80 ? 75  ASP B OD1 1 
ATOM   604  O OD2 . ASP A 1 69  ? 9.325   -8.139  7.295   1.00 20.04 ? 75  ASP B OD2 1 
ATOM   605  N N   . VAL A 1 70  ? 7.608   -4.037  6.522   1.00 10.80 ? 76  VAL B N   1 
ATOM   606  C CA  . VAL A 1 70  ? 8.008   -2.596  6.553   1.00 11.29 ? 76  VAL B CA  1 
ATOM   607  C C   . VAL A 1 70  ? 9.241   -2.360  7.454   1.00 11.40 ? 76  VAL B C   1 
ATOM   608  O O   . VAL A 1 70  ? 9.487   -1.228  7.861   1.00 12.18 ? 76  VAL B O   1 
ATOM   609  C CB  . VAL A 1 70  ? 6.784   -1.730  6.979   1.00 11.04 ? 76  VAL B CB  1 
ATOM   610  C CG1 . VAL A 1 70  ? 5.583   -1.835  6.008   1.00 10.68 ? 76  VAL B CG1 1 
ATOM   611  C CG2 . VAL A 1 70  ? 6.311   -2.001  8.393   1.00 12.02 ? 76  VAL B CG2 1 
ATOM   612  N N   . THR A 1 71  ? 9.938   -3.433  7.812   1.00 12.37 ? 77  THR B N   1 
ATOM   613  C CA  . THR A 1 71  ? 11.116  -3.393  8.703   1.00 13.53 ? 77  THR B CA  1 
ATOM   614  C C   . THR A 1 71  ? 12.049  -2.241  8.317   1.00 13.31 ? 77  THR B C   1 
ATOM   615  O O   . THR A 1 71  ? 12.459  -2.124  7.169   1.00 14.11 ? 77  THR B O   1 
ATOM   616  C CB  . THR A 1 71  ? 11.882  -4.714  8.663   1.00 14.51 ? 77  THR B CB  1 
ATOM   617  O OG1 . THR A 1 71  ? 11.031  -5.784  9.099   1.00 17.96 ? 77  THR B OG1 1 
ATOM   618  C CG2 . THR A 1 71  ? 13.104  -4.646  9.557   1.00 18.14 ? 77  THR B CG2 1 
ATOM   619  N N   . GLN A 1 72  ? 12.378  -1.462  9.344   1.00 15.72 ? 78  GLN B N   1 
ATOM   620  C CA  . GLN A 1 72  ? 13.383  -0.364  9.411   1.00 19.42 ? 78  GLN B CA  1 
ATOM   621  C C   . GLN A 1 72  ? 13.063  0.786   8.460   1.00 19.06 ? 78  GLN B C   1 
ATOM   622  O O   . GLN A 1 72  ? 13.895  1.716   8.310   1.00 24.44 ? 78  GLN B O   1 
ATOM   623  C CB  . GLN A 1 72  ? 14.811  -0.860  9.194   1.00 26.69 ? 78  GLN B CB  1 
ATOM   624  C CG  . GLN A 1 72  ? 15.072  -1.465  7.825   1.00 33.16 ? 78  GLN B CG  1 
ATOM   625  C CD  . GLN A 1 72  ? 16.473  -1.200  7.324   1.00 37.51 ? 78  GLN B CD  1 
ATOM   626  O OE1 . GLN A 1 72  ? 17.134  -2.088  6.787   1.00 39.69 ? 78  GLN B OE1 1 
ATOM   627  N NE2 . GLN A 1 72  ? 16.892  0.058   7.405   1.00 42.17 ? 78  GLN B NE2 1 
ATOM   628  N N   . LYS A 1 73  ? 11.863  0.889   7.930   1.00 13.46 ? 79  LYS B N   1 
ATOM   629  C CA  . LYS A 1 73  ? 11.509  2.074   7.142   1.00 11.94 ? 79  LYS B CA  1 
ATOM   630  C C   . LYS A 1 73  ? 11.060  3.230   8.028   1.00 11.14 ? 79  LYS B C   1 
ATOM   631  O O   . LYS A 1 73  ? 10.394  2.989   9.075   1.00 13.57 ? 79  LYS B O   1 
ATOM   632  C CB  . LYS A 1 73  ? 10.424  1.699   6.137   1.00 12.15 ? 79  LYS B CB  1 
ATOM   633  C CG  . LYS A 1 73  ? 10.956  0.786   5.008   1.00 12.60 ? 79  LYS B CG  1 
ATOM   634  C CD  . LYS A 1 73  ? 9.994   0.574   3.873   1.00 13.40 ? 79  LYS B CD  1 
ATOM   635  C CE  . LYS A 1 73  ? 9.806   1.798   3.010   1.00 12.19 ? 79  LYS B CE  1 
ATOM   636  N NZ  . LYS A 1 73  ? 11.076  2.411   2.507   1.00 10.58 ? 79  LYS B NZ  1 
ATOM   637  N N   . GLU A 1 74  ? 11.298  4.440   7.572   1.00 10.09 ? 80  GLU B N   1 
ATOM   638  C CA  . GLU A 1 74  ? 10.880  5.678   8.243   1.00 10.34 ? 80  GLU B CA  1 
ATOM   639  C C   . GLU A 1 74  ? 9.585   6.241   7.654   1.00 10.63 ? 80  GLU B C   1 
ATOM   640  O O   . GLU A 1 74  ? 8.948   7.090   8.263   1.00 11.10 ? 80  GLU B O   1 
ATOM   641  C CB  . GLU A 1 74  ? 11.948  6.773   8.070   1.00 11.53 ? 80  GLU B CB  1 
ATOM   642  C CG  . GLU A 1 74  ? 13.256  6.472   8.768   1.00 12.45 ? 80  GLU B CG  1 
ATOM   643  C CD  . GLU A 1 74  ? 14.341  7.511   8.451   1.00 12.15 ? 80  GLU B CD  1 
ATOM   644  O OE1 . GLU A 1 74  ? 15.350  7.498   9.175   1.00 15.05 ? 80  GLU B OE1 1 
ATOM   645  O OE2 . GLU A 1 74  ? 14.131  8.347   7.549   1.00 13.19 ? 80  GLU B OE2 1 
ATOM   646  N N   . ALA A 1 75  ? 9.217   5.874   6.430   1.00 10.11 ? 81  ALA B N   1 
ATOM   647  C CA  . ALA A 1 75  ? 8.055   6.441   5.754   1.00 9.99  ? 81  ALA B CA  1 
ATOM   648  C C   . ALA A 1 75  ? 7.580   5.450   4.715   1.00 10.53 ? 81  ALA B C   1 
ATOM   649  O O   . ALA A 1 75  ? 8.397   4.844   3.980   1.00 10.29 ? 81  ALA B O   1 
ATOM   650  C CB  . ALA A 1 75  ? 8.371   7.750   5.109   1.00 10.98 ? 81  ALA B CB  1 
ATOM   651  N N   . TRP A 1 76  ? 6.258   5.315   4.583   1.00 9.57  ? 82  TRP B N   1 
ATOM   652  C CA  . TRP A 1 76  ? 5.600   4.424   3.584   1.00 9.06  ? 82  TRP B CA  1 
ATOM   653  C C   . TRP A 1 76  ? 4.117   4.690   3.640   1.00 9.71  ? 82  TRP B C   1 
ATOM   654  O O   . TRP A 1 76  ? 3.597   5.202   4.653   1.00 10.23 ? 82  TRP B O   1 
ATOM   655  C CB  . TRP A 1 76  ? 5.900   2.953   3.842   1.00 9.90  ? 82  TRP B CB  1 
ATOM   656  C CG  . TRP A 1 76  ? 5.712   2.453   5.233   1.00 10.20 ? 82  TRP B CG  1 
ATOM   657  C CD1 . TRP A 1 76  ? 6.677   2.283   6.176   1.00 10.81 ? 82  TRP B CD1 1 
ATOM   658  C CD2 . TRP A 1 76  ? 4.487   2.120   5.941   1.00 10.22 ? 82  TRP B CD2 1 
ATOM   659  N NE1 . TRP A 1 76  ? 6.185   1.808   7.346   1.00 10.62 ? 82  TRP B NE1 1 
ATOM   660  C CE2 . TRP A 1 76  ? 4.809   1.706   7.239   1.00 10.92 ? 82  TRP B CE2 1 
ATOM   661  C CE3 . TRP A 1 76  ? 3.119   2.084   5.577   1.00 11.01 ? 82  TRP B CE3 1 
ATOM   662  C CZ2 . TRP A 1 76  ? 3.875   1.277   8.180   1.00 10.95 ? 82  TRP B CZ2 1 
ATOM   663  C CZ3 . TRP A 1 76  ? 2.174   1.696   6.514   1.00 11.49 ? 82  TRP B CZ3 1 
ATOM   664  C CH2 . TRP A 1 76  ? 2.556   1.268   7.792   1.00 11.79 ? 82  TRP B CH2 1 
ATOM   665  N N   . ASP A 1 77  ? 3.416   4.308   2.587   1.00 9.38  ? 83  ASP B N   1 
ATOM   666  C CA  . ASP A 1 77  ? 1.929   4.227   2.567   1.00 9.70  ? 83  ASP B CA  1 
ATOM   667  C C   . ASP A 1 77  ? 1.562   2.810   2.106   1.00 9.31  ? 83  ASP B C   1 
ATOM   668  O O   . ASP A 1 77  ? 2.226   2.294   1.167   1.00 9.52  ? 83  ASP B O   1 
ATOM   669  C CB  . ASP A 1 77  ? 1.300   5.207   1.586   1.00 11.28 ? 83  ASP B CB  1 
ATOM   670  C CG  . ASP A 1 77  ? 1.821   6.624   1.571   1.00 13.28 ? 83  ASP B CG  1 
ATOM   671  O OD1 . ASP A 1 77  ? 2.145   7.076   2.638   1.00 16.79 ? 83  ASP B OD1 1 
ATOM   672  O OD2 . ASP A 1 77  ? 1.884   7.249   0.475   1.00 14.97 ? 83  ASP B OD2 1 
ATOM   673  N N   . LEU A 1 78  ? 0.474   2.241   2.618   1.00 8.52  ? 84  LEU B N   1 
ATOM   674  C CA  . LEU A 1 78  ? 0.004   0.909   2.215   1.00 8.96  ? 84  LEU B CA  1 
ATOM   675  C C   . LEU A 1 78  ? -1.520  0.912   2.201   1.00 8.38  ? 84  LEU B C   1 
ATOM   676  O O   . LEU A 1 78  ? -2.162  1.526   3.058   1.00 8.97  ? 84  LEU B O   1 
ATOM   677  C CB  . LEU A 1 78  ? 0.455   -0.163  3.194   1.00 9.38  ? 84  LEU B CB  1 
ATOM   678  C CG  . LEU A 1 78  ? 1.926   -0.570  3.179   1.00 11.16 ? 84  LEU B CG  1 
ATOM   679  C CD1 . LEU A 1 78  ? 2.196   -1.518  4.345   1.00 12.09 ? 84  LEU B CD1 1 
ATOM   680  C CD2 . LEU A 1 78  ? 2.274   -1.203  1.865   1.00 11.09 ? 84  LEU B CD2 1 
ATOM   681  N N   . GLY A 1 79  ? -2.070  0.138   1.280   1.00 7.84  ? 85  GLY B N   1 
ATOM   682  C CA  . GLY A 1 79  ? -3.513  -0.154  1.324   1.00 8.61  ? 85  GLY B CA  1 
ATOM   683  C C   . GLY A 1 79  ? -3.987  -0.706  -0.004  1.00 8.19  ? 85  GLY B C   1 
ATOM   684  O O   . GLY A 1 79  ? -3.342  -1.588  -0.605  1.00 8.95  ? 85  GLY B O   1 
ATOM   685  N N   A VAL A 1 80  ? -5.135  -0.182  -0.434  0.25 8.49  ? 86  VAL B N   1 
ATOM   686  N N   B VAL A 1 80  ? -5.095  -0.171  -0.484  0.25 8.63  ? 86  VAL B N   1 
ATOM   687  C CA  A VAL A 1 80  ? -5.743  -0.477  -1.765  0.25 8.69  ? 86  VAL B CA  1 
ATOM   688  C CA  B VAL A 1 80  ? -5.749  -0.656  -1.731  0.25 8.89  ? 86  VAL B CA  1 
ATOM   689  C C   A VAL A 1 80  ? -6.180  0.814   -2.434  0.25 9.18  ? 86  VAL B C   1 
ATOM   690  C C   B VAL A 1 80  ? -6.349  0.607   -2.384  0.25 9.43  ? 86  VAL B C   1 
ATOM   691  O O   A VAL A 1 80  ? -6.385  1.859   -1.781  0.25 8.98  ? 86  VAL B O   1 
ATOM   692  O O   B VAL A 1 80  ? -6.682  1.528   -1.636  0.25 9.47  ? 86  VAL B O   1 
ATOM   693  C CB  A VAL A 1 80  ? -6.969  -1.409  -1.711  0.25 9.13  ? 86  VAL B CB  1 
ATOM   694  C CB  B VAL A 1 80  ? -6.763  -1.772  -1.370  0.25 9.47  ? 86  VAL B CB  1 
ATOM   695  C CG1 A VAL A 1 80  ? -6.534  -2.788  -1.290  0.25 8.95  ? 86  VAL B CG1 1 
ATOM   696  C CG1 B VAL A 1 80  ? -7.940  -1.214  -0.578  0.25 9.30  ? 86  VAL B CG1 1 
ATOM   697  C CG2 A VAL A 1 80  ? -8.083  -0.876  -0.816  0.25 8.89  ? 86  VAL B CG2 1 
ATOM   698  C CG2 B VAL A 1 80  ? -7.247  -2.572  -2.571  0.25 9.90  ? 86  VAL B CG2 1 
ATOM   699  N N   . CYS A 1 81  ? -6.426  0.695   -3.723  1.00 9.61  ? 87  CYS B N   1 
ATOM   700  C CA  . CYS A 1 81  ? -6.960  1.835   -4.436  1.00 10.21 ? 87  CYS B CA  1 
ATOM   701  C C   . CYS A 1 81  ? -7.783  1.370   -5.625  1.00 9.81  ? 87  CYS B C   1 
ATOM   702  O O   . CYS A 1 81  ? -7.641  0.224   -6.092  1.00 9.76  ? 87  CYS B O   1 
ATOM   703  C CB  . CYS A 1 81  ? -5.831  2.769   -4.878  1.00 11.60 ? 87  CYS B CB  1 
ATOM   704  S SG  . CYS A 1 81  ? -4.696  2.123   -6.120  1.00 11.31 ? 87  CYS B SG  1 
ATOM   705  N N   A ARG A 1 82  ? -8.610  2.260   -6.132  0.25 9.86  ? 88  ARG B N   1 
ATOM   706  N N   B ARG A 1 82  ? -8.635  2.261   -6.126  0.25 9.59  ? 88  ARG B N   1 
ATOM   707  C CA  A ARG A 1 82  ? -9.304  1.970   -7.404  0.25 10.60 ? 88  ARG B CA  1 
ATOM   708  C CA  B ARG A 1 82  ? -9.401  2.025   -7.383  0.25 10.17 ? 88  ARG B CA  1 
ATOM   709  C C   A ARG A 1 82  ? -8.290  1.786   -8.534  0.25 10.53 ? 88  ARG B C   1 
ATOM   710  C C   B ARG A 1 82  ? -8.427  1.929   -8.574  0.25 10.50 ? 88  ARG B C   1 
ATOM   711  O O   A ARG A 1 82  ? -7.209  2.383   -8.566  0.25 9.54  ? 88  ARG B O   1 
ATOM   712  O O   B ARG A 1 82  ? -7.485  2.782   -8.659  0.25 10.57 ? 88  ARG B O   1 
ATOM   713  C CB  A ARG A 1 82  ? -10.217 3.124   -7.781  0.25 11.82 ? 88  ARG B CB  1 
ATOM   714  C CB  B ARG A 1 82  ? -10.395 3.172   -7.601  0.25 10.84 ? 88  ARG B CB  1 
ATOM   715  C CG  A ARG A 1 82  ? -11.229 3.417   -6.693  0.25 12.75 ? 88  ARG B CG  1 
ATOM   716  C CG  B ARG A 1 82  ? -11.517 2.847   -8.579  0.25 10.88 ? 88  ARG B CG  1 
ATOM   717  C CD  A ARG A 1 82  ? -12.219 4.446   -7.167  0.25 14.40 ? 88  ARG B CD  1 
ATOM   718  C CD  B ARG A 1 82  ? -12.489 3.995   -8.806  0.25 10.97 ? 88  ARG B CD  1 
ATOM   719  N NE  A ARG A 1 82  ? -13.227 4.714   -6.150  0.25 14.15 ? 88  ARG B NE  1 
ATOM   720  N NE  B ARG A 1 82  ? -13.121 4.359   -7.562  0.25 10.90 ? 88  ARG B NE  1 
ATOM   721  C CZ  A ARG A 1 82  ? -13.642 5.921   -5.825  0.25 14.85 ? 88  ARG B CZ  1 
ATOM   722  C CZ  B ARG A 1 82  ? -13.051 5.554   -6.987  0.25 10.43 ? 88  ARG B CZ  1 
ATOM   723  N NH1 A ARG A 1 82  ? -13.127 6.973   -6.428  0.25 14.96 ? 88  ARG B NH1 1 
ATOM   724  N NH1 B ARG A 1 82  ? -12.486 6.574   -7.594  0.25 11.78 ? 88  ARG B NH1 1 
ATOM   725  N NH2 A ARG A 1 82  ? -14.568 6.068   -4.899  0.25 15.86 ? 88  ARG B NH2 1 
ATOM   726  N NH2 B ARG A 1 82  ? -13.622 5.734   -5.814  0.25 10.70 ? 88  ARG B NH2 1 
ATOM   727  N N   . ASP A 1 83  ? -8.663  0.974   -9.501  1.00 11.52 ? 89  ASP B N   1 
ATOM   728  C CA  . ASP A 1 83  ? -7.813  0.829   -10.701 1.00 12.73 ? 89  ASP B CA  1 
ATOM   729  C C   . ASP A 1 83  ? -7.708  2.176   -11.410 1.00 13.84 ? 89  ASP B C   1 
ATOM   730  O O   . ASP A 1 83  ? -6.659  2.400   -12.089 1.00 16.52 ? 89  ASP B O   1 
ATOM   731  C CB  . ASP A 1 83  ? -8.403  -0.232  -11.624 1.00 14.70 ? 89  ASP B CB  1 
ATOM   732  C CG  . ASP A 1 83  ? -9.783  0.019   -12.191 1.00 17.66 ? 89  ASP B CG  1 
ATOM   733  O OD1 . ASP A 1 83  ? -10.478 0.980   -11.743 1.00 20.22 ? 89  ASP B OD1 1 
ATOM   734  O OD2 . ASP A 1 83  ? -10.153 -0.778  -13.090 1.00 21.93 ? 89  ASP B OD2 1 
ATOM   735  N N   . SER A 1 84  ? -8.697  3.057   -11.339 1.00 13.22 ? 90  SER B N   1 
ATOM   736  C CA  . SER A 1 84  ? -8.714  4.307   -12.125 1.00 14.46 ? 90  SER B CA  1 
ATOM   737  C C   . SER A 1 84  ? -8.157  5.533   -11.380 1.00 13.02 ? 90  SER B C   1 
ATOM   738  O O   . SER A 1 84  ? -8.378  6.620   -11.822 1.00 14.03 ? 90  SER B O   1 
ATOM   739  C CB  . SER A 1 84  ? -10.111 4.552   -12.585 1.00 17.53 ? 90  SER B CB  1 
ATOM   740  O OG  . SER A 1 84  ? -10.975 4.627   -11.521 1.00 17.83 ? 90  SER B OG  1 
ATOM   741  N N   . VAL A 1 85  ? -7.436  5.358   -10.274 1.00 12.13 ? 91  VAL B N   1 
ATOM   742  C CA  . VAL A 1 85  ? -6.821  6.519   -9.585  1.00 11.69 ? 91  VAL B CA  1 
ATOM   743  C C   . VAL A 1 85  ? -5.899  7.288   -10.552 1.00 11.42 ? 91  VAL B C   1 
ATOM   744  O O   . VAL A 1 85  ? -5.233  6.698   -11.427 1.00 12.84 ? 91  VAL B O   1 
ATOM   745  C CB  . VAL A 1 85  ? -6.050  6.152   -8.293  1.00 11.20 ? 91  VAL B CB  1 
ATOM   746  C CG1 . VAL A 1 85  ? -7.012  5.655   -7.231  1.00 11.44 ? 91  VAL B CG1 1 
ATOM   747  C CG2 . VAL A 1 85  ? -4.895  5.211   -8.510  1.00 11.57 ? 91  VAL B CG2 1 
ATOM   748  N N   . GLN A 1 86  ? -5.876  8.589   -10.348 1.00 12.95 ? 92  GLN B N   1 
ATOM   749  C CA  . GLN A 1 86  ? -4.904  9.524   -10.989 1.00 14.95 ? 92  GLN B CA  1 
ATOM   750  C C   . GLN A 1 86  ? -3.468  9.004   -10.819 1.00 13.73 ? 92  GLN B C   1 
ATOM   751  O O   . GLN A 1 86  ? -3.080  8.603   -9.725  1.00 14.06 ? 92  GLN B O   1 
ATOM   752  C CB  . GLN A 1 86  ? -5.073  10.879  -10.302 1.00 17.03 ? 92  GLN B CB  1 
ATOM   753  C CG  . GLN A 1 86  ? -4.155  12.009  -10.798 1.00 19.92 ? 92  GLN B CG  1 
ATOM   754  C CD  . GLN A 1 86  ? -4.341  13.264  -9.963  1.00 22.52 ? 92  GLN B CD  1 
ATOM   755  O OE1 . GLN A 1 86  ? -5.327  13.431  -9.210  1.00 23.93 ? 92  GLN B OE1 1 
ATOM   756  N NE2 . GLN A 1 86  ? -3.385  14.192  -10.055 1.00 24.33 ? 92  GLN B NE2 1 
ATOM   757  N N   . ARG A 1 87  ? -2.663  9.048   -11.881 1.00 13.15 ? 93  ARG B N   1 
ATOM   758  C CA  . ARG A 1 87  ? -1.236  8.603   -11.875 1.00 12.60 ? 93  ARG B CA  1 
ATOM   759  C C   . ARG A 1 87  ? -0.319  9.822   -11.932 1.00 13.76 ? 93  ARG B C   1 
ATOM   760  O O   . ARG A 1 87  ? 0.821   9.716   -11.441 1.00 13.72 ? 93  ARG B O   1 
ATOM   761  C CB  . ARG A 1 87  ? -0.910  7.669   -13.017 1.00 13.72 ? 93  ARG B CB  1 
ATOM   762  C CG  . ARG A 1 87  ? -1.848  6.488   -13.147 1.00 13.62 ? 93  ARG B CG  1 
ATOM   763  C CD  . ARG A 1 87  ? -1.910  5.613   -11.873 1.00 13.93 ? 93  ARG B CD  1 
ATOM   764  N NE  . ARG A 1 87  ? -3.010  4.650   -11.982 1.00 14.58 ? 93  ARG B NE  1 
ATOM   765  C CZ  . ARG A 1 87  ? -2.903  3.477   -12.553 1.00 13.74 ? 93  ARG B CZ  1 
ATOM   766  N NH1 . ARG A 1 87  ? -1.751  3.090   -13.060 1.00 16.51 ? 93  ARG B NH1 1 
ATOM   767  N NH2 . ARG A 1 87  ? -3.945  2.677   -12.687 1.00 17.30 ? 93  ARG B NH2 1 
ATOM   768  N N   . LYS A 1 88  ? -0.729  10.914  -12.571 1.00 13.66 ? 94  LYS B N   1 
ATOM   769  C CA  . LYS A 1 88  ? 0.191   12.038  -12.913 1.00 14.42 ? 94  LYS B CA  1 
ATOM   770  C C   . LYS A 1 88  ? -0.104  13.248  -12.060 1.00 15.20 ? 94  LYS B C   1 
ATOM   771  O O   . LYS A 1 88  ? -1.335  13.535  -11.814 1.00 16.95 ? 94  LYS B O   1 
ATOM   772  C CB  . LYS A 1 88  ? 0.053   12.388  -14.399 1.00 14.79 ? 94  LYS B CB  1 
ATOM   773  C CG  . LYS A 1 88  ? 0.209   11.231  -15.359 1.00 16.21 ? 94  LYS B CG  1 
ATOM   774  C CD  . LYS A 1 88  ? 1.537   10.456  -15.228 1.00 17.43 ? 94  LYS B CD  1 
ATOM   775  C CE  . LYS A 1 88  ? 1.620   9.346   -16.237 1.00 17.65 ? 94  LYS B CE  1 
ATOM   776  N NZ  . LYS A 1 88  ? 2.906   8.618   -16.138 1.00 18.15 ? 94  LYS B NZ  1 
ATOM   777  N N   . GLY A 1 89  ? 0.911   13.963  -11.616 1.00 16.08 ? 95  GLY B N   1 
ATOM   778  C CA  . GLY A 1 89  ? 0.745   15.189  -10.840 1.00 15.71 ? 95  GLY B CA  1 
ATOM   779  C C   . GLY A 1 89  ? 0.502   14.931  -9.367  1.00 17.58 ? 95  GLY B C   1 
ATOM   780  O O   . GLY A 1 89  ? 0.725   13.760  -8.887  1.00 16.50 ? 95  GLY B O   1 
ATOM   781  N N   . GLN A 1 90  ? 0.130   15.982  -8.654  1.00 17.65 ? 96  GLN B N   1 
ATOM   782  C CA  . GLN A 1 90  ? -0.055  15.949  -7.197  1.00 18.48 ? 96  GLN B CA  1 
ATOM   783  C C   . GLN A 1 90  ? -1.481  15.565  -6.838  1.00 18.24 ? 96  GLN B C   1 
ATOM   784  O O   . GLN A 1 90  ? -2.427  15.876  -7.590  1.00 18.30 ? 96  GLN B O   1 
ATOM   785  C CB  . GLN A 1 90  ? 0.244   17.316  -6.586  1.00 22.09 ? 96  GLN B CB  1 
ATOM   786  C CG  . GLN A 1 90  ? 1.623   17.797  -6.984  1.00 26.90 ? 96  GLN B CG  1 
ATOM   787  C CD  . GLN A 1 90  ? 1.814   19.190  -6.478  1.00 33.95 ? 96  GLN B CD  1 
ATOM   788  O OE1 . GLN A 1 90  ? 2.016   19.390  -5.283  1.00 39.93 ? 96  GLN B OE1 1 
ATOM   789  N NE2 . GLN A 1 90  ? 1.678   20.146  -7.386  1.00 39.09 ? 96  GLN B NE2 1 
ATOM   790  N N   . PHE A 1 91  ? -1.600  14.787  -5.763  1.00 15.22 ? 97  PHE B N   1 
ATOM   791  C CA  . PHE A 1 91  ? -2.912  14.411  -5.194  1.00 15.05 ? 97  PHE B CA  1 
ATOM   792  C C   . PHE A 1 91  ? -2.731  13.931  -3.765  1.00 15.25 ? 97  PHE B C   1 
ATOM   793  O O   . PHE A 1 91  ? -1.626  13.553  -3.353  1.00 16.20 ? 97  PHE B O   1 
ATOM   794  C CB  . PHE A 1 91  ? -3.540  13.303  -6.035  1.00 15.14 ? 97  PHE B CB  1 
ATOM   795  C CG  . PHE A 1 91  ? -2.675  12.074  -6.199  1.00 14.29 ? 97  PHE B CG  1 
ATOM   796  C CD1 . PHE A 1 91  ? -2.678  11.063  -5.241  1.00 14.74 ? 97  PHE B CD1 1 
ATOM   797  C CD2 . PHE A 1 91  ? -1.878  11.896  -7.322  1.00 14.96 ? 97  PHE B CD2 1 
ATOM   798  C CE1 . PHE A 1 91  ? -1.927  9.914   -5.401  1.00 14.27 ? 97  PHE B CE1 1 
ATOM   799  C CE2 . PHE A 1 91  ? -1.087  10.767  -7.457  1.00 13.83 ? 97  PHE B CE2 1 
ATOM   800  C CZ  . PHE A 1 91  ? -1.142  9.765   -6.516  1.00 13.90 ? 97  PHE B CZ  1 
ATOM   801  N N   A SER A 1 92  ? -3.809  13.976  -2.981  0.25 15.33 ? 98  SER B N   1 
ATOM   802  N N   B SER A 1 92  ? -3.838  13.966  -3.017  0.25 14.75 ? 98  SER B N   1 
ATOM   803  C CA  A SER A 1 92  ? -3.839  13.443  -1.597  0.25 15.82 ? 98  SER B CA  1 
ATOM   804  C CA  B SER A 1 92  ? -3.962  13.453  -1.631  0.25 14.92 ? 98  SER B CA  1 
ATOM   805  C C   A SER A 1 92  ? -4.444  12.039  -1.603  0.25 14.25 ? 98  SER B C   1 
ATOM   806  C C   B SER A 1 92  ? -4.420  11.992  -1.663  0.25 13.69 ? 98  SER B C   1 
ATOM   807  O O   A SER A 1 92  ? -5.347  11.755  -2.419  0.25 14.34 ? 98  SER B O   1 
ATOM   808  O O   B SER A 1 92  ? -5.181  11.600  -2.595  0.25 13.55 ? 98  SER B O   1 
ATOM   809  C CB  A SER A 1 92  ? -4.607  14.333  -0.675  0.25 17.99 ? 98  SER B CB  1 
ATOM   810  C CB  B SER A 1 92  ? -4.924  14.291  -0.831  0.25 16.07 ? 98  SER B CB  1 
ATOM   811  O OG  A SER A 1 92  ? -5.855  14.663  -1.255  0.25 21.03 ? 98  SER B OG  1 
ATOM   812  O OG  B SER A 1 92  ? -4.468  15.636  -0.757  0.25 17.91 ? 98  SER B OG  1 
ATOM   813  N N   . LEU A 1 93  ? -3.972  11.209  -0.682  1.00 13.46 ? 99  LEU B N   1 
ATOM   814  C CA  . LEU A 1 93  ? -4.515  9.860   -0.463  1.00 13.27 ? 99  LEU B CA  1 
ATOM   815  C C   . LEU A 1 93  ? -5.761  9.993   0.379   1.00 14.01 ? 99  LEU B C   1 
ATOM   816  O O   . LEU A 1 93  ? -5.699  10.240  1.581   1.00 16.09 ? 99  LEU B O   1 
ATOM   817  C CB  . LEU A 1 93  ? -3.489  8.965   0.226   1.00 13.91 ? 99  LEU B CB  1 
ATOM   818  C CG  . LEU A 1 93  ? -2.193  8.763   -0.548  1.00 14.43 ? 99  LEU B CG  1 
ATOM   819  C CD1 . LEU A 1 93  ? -1.200  7.948   0.282   1.00 15.77 ? 99  LEU B CD1 1 
ATOM   820  C CD2 . LEU A 1 93  ? -2.434  8.082   -1.872  1.00 15.56 ? 99  LEU B CD2 1 
ATOM   821  N N   . SER A 1 94  ? -6.923  9.755   -0.219  1.00 12.30 ? 100 SER B N   1 
ATOM   822  C CA  . SER A 1 94  ? -8.224  9.864   0.465   1.00 12.48 ? 100 SER B CA  1 
ATOM   823  C C   . SER A 1 94  ? -9.209  8.928   -0.220  1.00 11.36 ? 100 SER B C   1 
ATOM   824  O O   . SER A 1 94  ? -9.070  8.688   -1.416  1.00 11.64 ? 100 SER B O   1 
ATOM   825  C CB  . SER A 1 94  ? -8.776  11.275  0.440   1.00 14.69 ? 100 SER B CB  1 
ATOM   826  O OG  . SER A 1 94  ? -9.072  11.691  -0.888  1.00 17.49 ? 100 SER B OG  1 
ATOM   827  N N   . PRO A 1 95  ? -10.271 8.523   0.464   1.00 11.55 ? 101 PRO B N   1 
ATOM   828  C CA  . PRO A 1 95  ? -11.325 7.751   -0.196  1.00 12.64 ? 101 PRO B CA  1 
ATOM   829  C C   . PRO A 1 95  ? -11.977 8.560   -1.324  1.00 12.60 ? 101 PRO B C   1 
ATOM   830  O O   . PRO A 1 95  ? -12.280 7.924   -2.377  1.00 12.93 ? 101 PRO B O   1 
ATOM   831  C CB  . PRO A 1 95  ? -12.333 7.421   0.933   1.00 13.08 ? 101 PRO B CB  1 
ATOM   832  C CG  . PRO A 1 95  ? -11.421 7.406   2.173   1.00 13.65 ? 101 PRO B CG  1 
ATOM   833  C CD  . PRO A 1 95  ? -10.443 8.529   1.920   1.00 13.54 ? 101 PRO B CD  1 
ATOM   834  N N   . GLU A 1 96  ? -12.102 9.871   -1.205  1.00 13.14 ? 102 GLU B N   1 
ATOM   835  C CA  . GLU A 1 96  ? -12.674 10.694  -2.302  1.00 15.48 ? 102 GLU B CA  1 
ATOM   836  C C   . GLU A 1 96  ? -11.839 10.507  -3.575  1.00 14.77 ? 102 GLU B C   1 
ATOM   837  O O   . GLU A 1 96  ? -12.373 10.646  -4.685  1.00 16.29 ? 102 GLU B O   1 
ATOM   838  C CB  . GLU A 1 96  ? -12.742 12.146  -1.841  1.00 19.68 ? 102 GLU B CB  1 
ATOM   839  C CG  . GLU A 1 96  ? -13.554 12.320  -0.577  1.00 28.48 ? 102 GLU B CG  1 
ATOM   840  C CD  . GLU A 1 96  ? -12.761 12.469  0.717   1.00 33.80 ? 102 GLU B CD  1 
ATOM   841  O OE1 . GLU A 1 96  ? -12.352 11.421  1.354   1.00 22.38 ? 102 GLU B OE1 1 
ATOM   842  O OE2 . GLU A 1 96  ? -12.594 13.666  1.125   1.00 42.75 ? 102 GLU B OE2 1 
ATOM   843  N N   . ASN A 1 97  ? -10.516 10.373  -3.468  1.00 12.72 ? 103 ASN B N   1 
ATOM   844  C CA  . ASN A 1 97  ? -9.620  10.189  -4.629  1.00 12.75 ? 103 ASN B CA  1 
ATOM   845  C C   . ASN A 1 97  ? -9.427  8.708   -4.959  1.00 11.87 ? 103 ASN B C   1 
ATOM   846  O O   . ASN A 1 97  ? -8.671  8.416   -5.887  1.00 12.94 ? 103 ASN B O   1 
ATOM   847  C CB  . ASN A 1 97  ? -8.270  10.894  -4.400  1.00 13.67 ? 103 ASN B CB  1 
ATOM   848  C CG  . ASN A 1 97  ? -8.346  12.391  -4.462  1.00 16.15 ? 103 ASN B CG  1 
ATOM   849  O OD1 . ASN A 1 97  ? -9.319  12.957  -4.993  1.00 18.68 ? 103 ASN B OD1 1 
ATOM   850  N ND2 . ASN A 1 97  ? -7.404  13.060  -3.820  1.00 16.85 ? 103 ASN B ND2 1 
ATOM   851  N N   . GLY A 1 98  ? -10.097 7.763   -4.290  1.00 10.68 ? 104 GLY B N   1 
ATOM   852  C CA  . GLY A 1 98  ? -10.021 6.344   -4.627  1.00 10.34 ? 104 GLY B CA  1 
ATOM   853  C C   . GLY A 1 98  ? -8.944  5.550   -3.897  1.00 9.12  ? 104 GLY B C   1 
ATOM   854  O O   . GLY A 1 98  ? -8.541  4.507   -4.380  1.00 10.06 ? 104 GLY B O   1 
ATOM   855  N N   . PHE A 1 99  ? -8.528  6.032   -2.701  1.00 9.99  ? 105 PHE B N   1 
ATOM   856  C CA  . PHE A 1 99  ? -7.496  5.326   -1.888  1.00 9.37  ? 105 PHE B CA  1 
ATOM   857  C C   . PHE A 1 99  ? -8.020  4.987   -0.490  1.00 8.63  ? 105 PHE B C   1 
ATOM   858  O O   . PHE A 1 99  ? -8.589  5.913   0.144   1.00 10.43 ? 105 PHE B O   1 
ATOM   859  C CB  . PHE A 1 99  ? -6.235  6.184   -1.732  1.00 9.90  ? 105 PHE B CB  1 
ATOM   860  C CG  . PHE A 1 99  ? -5.546  6.565   -3.032  1.00 9.67  ? 105 PHE B CG  1 
ATOM   861  C CD1 . PHE A 1 99  ? -5.899  7.700   -3.737  1.00 10.17 ? 105 PHE B CD1 1 
ATOM   862  C CD2 . PHE A 1 99  ? -4.531  5.796   -3.559  1.00 10.15 ? 105 PHE B CD2 1 
ATOM   863  C CE1 . PHE A 1 99  ? -5.282  8.058   -4.930  1.00 10.87 ? 105 PHE B CE1 1 
ATOM   864  C CE2 . PHE A 1 99  ? -3.923  6.150   -4.744  1.00 10.63 ? 105 PHE B CE2 1 
ATOM   865  C CZ  . PHE A 1 99  ? -4.272  7.290   -5.408  1.00 10.66 ? 105 PHE B CZ  1 
ATOM   866  N N   . TRP A 1 100 ? -7.696  3.803   -0.012  1.00 8.35  ? 106 TRP B N   1 
ATOM   867  C CA  . TRP A 1 100 ? -7.950  3.335   1.374   1.00 9.01  ? 106 TRP B CA  1 
ATOM   868  C C   . TRP A 1 100 ? -6.626  2.842   1.946   1.00 8.02  ? 106 TRP B C   1 
ATOM   869  O O   . TRP A 1 100 ? -6.201  1.740   1.661   1.00 9.44  ? 106 TRP B O   1 
ATOM   870  C CB  . TRP A 1 100 ? -9.066  2.271   1.434   1.00 8.95  ? 106 TRP B CB  1 
ATOM   871  C CG  . TRP A 1 100 ? -10.372 2.808   0.905   1.00 9.39  ? 106 TRP B CG  1 
ATOM   872  C CD1 . TRP A 1 100 ? -11.393 3.361   1.624   1.00 10.32 ? 106 TRP B CD1 1 
ATOM   873  C CD2 . TRP A 1 100 ? -10.793 2.907   -0.484  1.00 9.84  ? 106 TRP B CD2 1 
ATOM   874  N NE1 . TRP A 1 100 ? -12.384 3.844   0.775   1.00 10.12 ? 106 TRP B NE1 1 
ATOM   875  C CE2 . TRP A 1 100 ? -12.035 3.554   -0.511  1.00 10.75 ? 106 TRP B CE2 1 
ATOM   876  C CE3 . TRP A 1 100 ? -10.216 2.499   -1.693  1.00 10.14 ? 106 TRP B CE3 1 
ATOM   877  C CZ2 . TRP A 1 100 ? -12.707 3.817   -1.724  1.00 11.59 ? 106 TRP B CZ2 1 
ATOM   878  C CZ3 . TRP A 1 100 ? -10.896 2.759   -2.873  1.00 11.75 ? 106 TRP B CZ3 1 
ATOM   879  C CH2 . TRP A 1 100 ? -12.084 3.445   -2.882  1.00 12.33 ? 106 TRP B CH2 1 
ATOM   880  N N   . THR A 1 101 ? -5.972  3.729   2.700   1.00 8.61  ? 107 THR B N   1 
ATOM   881  C CA  . THR A 1 101 ? -4.540  3.572   3.046   1.00 9.01  ? 107 THR B CA  1 
ATOM   882  C C   . THR A 1 101 ? -4.272  4.010   4.493   1.00 8.66  ? 107 THR B C   1 
ATOM   883  O O   . THR A 1 101 ? -5.014  4.800   5.079   1.00 8.78  ? 107 THR B O   1 
ATOM   884  C CB  . THR A 1 101 ? -3.644  4.405   2.125   1.00 9.68  ? 107 THR B CB  1 
ATOM   885  O OG1 . THR A 1 101 ? -3.897  5.787   2.261   1.00 10.62 ? 107 THR B OG1 1 
ATOM   886  C CG2 . THR A 1 101 ? -3.741  3.953   0.679   1.00 10.30 ? 107 THR B CG2 1 
ATOM   887  N N   . ILE A 1 102 ? -3.162  3.507   5.013   1.00 8.86  ? 108 ILE B N   1 
ATOM   888  C CA  . ILE A 1 102 ? -2.504  4.055   6.254   1.00 8.81  ? 108 ILE B CA  1 
ATOM   889  C C   . ILE A 1 102 ? -1.060  4.363   5.892   1.00 9.00  ? 108 ILE B C   1 
ATOM   890  O O   . ILE A 1 102 ? -0.511  3.862   4.854   1.00 9.47  ? 108 ILE B O   1 
ATOM   891  C CB  . ILE A 1 102 ? -2.605  3.082   7.455   1.00 9.30  ? 108 ILE B CB  1 
ATOM   892  C CG1 . ILE A 1 102 ? -1.773  1.812   7.244   1.00 10.46 ? 108 ILE B CG1 1 
ATOM   893  C CG2 . ILE A 1 102 ? -4.075  2.765   7.744   1.00 9.59  ? 108 ILE B CG2 1 
ATOM   894  C CD1 . ILE A 1 102 ? -1.626  0.939   8.472   1.00 10.92 ? 108 ILE B CD1 1 
ATOM   895  N N   . TRP A 1 103 ? -0.417  5.114   6.754   1.00 9.30  ? 109 TRP B N   1 
ATOM   896  C CA  . TRP A 1 103 ? 0.992   5.474   6.521   1.00 9.86  ? 109 TRP B CA  1 
ATOM   897  C C   . TRP A 1 103 ? 1.748   5.664   7.805   1.00 9.94  ? 109 TRP B C   1 
ATOM   898  O O   . TRP A 1 103 ? 1.168   5.910   8.886   1.00 10.12 ? 109 TRP B O   1 
ATOM   899  C CB  . TRP A 1 103 ? 1.119   6.665   5.632   1.00 12.07 ? 109 TRP B CB  1 
ATOM   900  C CG  . TRP A 1 103 ? 0.553   7.918   6.137   1.00 13.47 ? 109 TRP B CG  1 
ATOM   901  C CD1 . TRP A 1 103 ? 1.060   8.740   7.092   1.00 13.81 ? 109 TRP B CD1 1 
ATOM   902  C CD2 . TRP A 1 103 ? -0.556  8.591   5.556   1.00 14.21 ? 109 TRP B CD2 1 
ATOM   903  N NE1 . TRP A 1 103 ? 0.334   9.886   7.152   1.00 16.78 ? 109 TRP B NE1 1 
ATOM   904  C CE2 . TRP A 1 103 ? -0.661  9.838   6.217   1.00 14.96 ? 109 TRP B CE2 1 
ATOM   905  C CE3 . TRP A 1 103 ? -1.446  8.270   4.537   1.00 16.03 ? 109 TRP B CE3 1 
ATOM   906  C CZ2 . TRP A 1 103 ? -1.662  10.756  5.899   1.00 18.43 ? 109 TRP B CZ2 1 
ATOM   907  C CZ3 . TRP A 1 103 ? -2.414  9.183   4.215   1.00 18.12 ? 109 TRP B CZ3 1 
ATOM   908  C CH2 . TRP A 1 103 ? -2.516  10.390  4.887   1.00 17.09 ? 109 TRP B CH2 1 
ATOM   909  N N   . LEU A 1 104 ? 3.081   5.601   7.670   1.00 9.58  ? 110 LEU B N   1 
ATOM   910  C CA  . LEU A 1 104 ? 4.051   6.081   8.670   1.00 10.14 ? 110 LEU B CA  1 
ATOM   911  C C   . LEU A 1 104 ? 4.701   7.316   8.095   1.00 9.85  ? 110 LEU B C   1 
ATOM   912  O O   . LEU A 1 104 ? 5.173   7.313   6.953   1.00 10.06 ? 110 LEU B O   1 
ATOM   913  C CB  . LEU A 1 104 ? 5.101   5.017   8.909   1.00 10.89 ? 110 LEU B CB  1 
ATOM   914  C CG  . LEU A 1 104 ? 6.299   5.435   9.770   1.00 11.19 ? 110 LEU B CG  1 
ATOM   915  C CD1 . LEU A 1 104 ? 5.893   5.863   11.190  1.00 11.78 ? 110 LEU B CD1 1 
ATOM   916  C CD2 . LEU A 1 104 ? 7.345   4.344   9.799   1.00 12.90 ? 110 LEU B CD2 1 
ATOM   917  N N   . TRP A 1 105 ? 4.871   8.343   8.921   1.00 11.51 ? 111 TRP B N   1 
ATOM   918  C CA  . TRP A 1 105 ? 5.517   9.613   8.545   1.00 12.51 ? 111 TRP B CA  1 
ATOM   919  C C   . TRP A 1 105 ? 5.968   10.340  9.810   1.00 13.82 ? 111 TRP B C   1 
ATOM   920  O O   . TRP A 1 105 ? 5.136   10.517  10.731  1.00 14.28 ? 111 TRP B O   1 
ATOM   921  C CB  . TRP A 1 105 ? 4.531   10.471  7.777   1.00 15.88 ? 111 TRP B CB  1 
ATOM   922  C CG  . TRP A 1 105 ? 5.009   11.844  7.518   1.00 18.16 ? 111 TRP B CG  1 
ATOM   923  C CD1 . TRP A 1 105 ? 4.541   13.033  8.011   1.00 20.26 ? 111 TRP B CD1 1 
ATOM   924  C CD2 . TRP A 1 105 ? 6.040   12.145  6.582   1.00 18.57 ? 111 TRP B CD2 1 
ATOM   925  N NE1 . TRP A 1 105 ? 5.242   14.048  7.447   1.00 20.33 ? 111 TRP B NE1 1 
ATOM   926  C CE2 . TRP A 1 105 ? 6.180   13.545  6.582   1.00 18.67 ? 111 TRP B CE2 1 
ATOM   927  C CE3 . TRP A 1 105 ? 6.856   11.385  5.738   1.00 17.83 ? 111 TRP B CE3 1 
ATOM   928  C CZ2 . TRP A 1 105 ? 7.102   14.209  5.780   1.00 21.78 ? 111 TRP B CZ2 1 
ATOM   929  C CZ3 . TRP A 1 105 ? 7.814   12.035  4.983   1.00 21.67 ? 111 TRP B CZ3 1 
ATOM   930  C CH2 . TRP A 1 105 ? 7.936   13.428  5.002   1.00 21.98 ? 111 TRP B CH2 1 
ATOM   931  N N   . GLN A 1 106 ? 7.276   10.634  9.918   1.00 12.68 ? 112 GLN B N   1 
ATOM   932  C CA  . GLN A 1 106 ? 7.804   11.441  11.066  1.00 13.07 ? 112 GLN B CA  1 
ATOM   933  C C   . GLN A 1 106 ? 7.342   10.817  12.354  1.00 14.35 ? 112 GLN B C   1 
ATOM   934  O O   . GLN A 1 106 ? 6.873   11.594  13.267  1.00 16.67 ? 112 GLN B O   1 
ATOM   935  C CB  . GLN A 1 106 ? 7.409   12.893  10.913  1.00 15.20 ? 112 GLN B CB  1 
ATOM   936  C CG  . GLN A 1 106 ? 7.982   13.457  9.641   1.00 16.25 ? 112 GLN B CG  1 
ATOM   937  C CD  . GLN A 1 106 ? 7.858   14.956  9.521   1.00 18.22 ? 112 GLN B CD  1 
ATOM   938  O OE1 . GLN A 1 106 ? 8.492   15.587  8.662   1.00 22.31 ? 112 GLN B OE1 1 
ATOM   939  N NE2 . GLN A 1 106 ? 7.045   15.557  10.378  1.00 17.81 ? 112 GLN B NE2 1 
ATOM   940  N N   . ASP A 1 107 ? 7.584   9.554   12.524  1.00 15.02 ? 113 ASP B N   1 
ATOM   941  C CA  . ASP A 1 107 ? 7.471   8.824   13.793  1.00 19.75 ? 113 ASP B CA  1 
ATOM   942  C C   . ASP A 1 107 ? 6.009   8.697   14.264  1.00 19.32 ? 113 ASP B C   1 
ATOM   943  O O   . ASP A 1 107 ? 5.841   8.121   15.408  1.00 24.71 ? 113 ASP B O   1 
ATOM   944  C CB  . ASP A 1 107 ? 8.317   9.591   14.820  1.00 23.55 ? 113 ASP B CB  1 
ATOM   945  C CG  . ASP A 1 107 ? 8.710   8.812   16.035  1.00 32.05 ? 113 ASP B CG  1 
ATOM   946  O OD1 . ASP A 1 107 ? 8.882   7.570   15.937  1.00 35.55 ? 113 ASP B OD1 1 
ATOM   947  O OD2 . ASP A 1 107 ? 8.890   9.487   17.084  1.00 42.66 ? 113 ASP B OD2 1 
ATOM   948  N N   . SER A 1 108 ? 5.021   9.010   13.404  1.00 15.46 ? 114 SER B N   1 
ATOM   949  C CA  . SER A 1 108 ? 3.572   8.822   13.710  1.00 17.19 ? 114 SER B CA  1 
ATOM   950  C C   . SER A 1 108 ? 2.897   8.032   12.590  1.00 14.57 ? 114 SER B C   1 
ATOM   951  O O   . SER A 1 108 ? 3.281   8.145   11.392  1.00 14.29 ? 114 SER B O   1 
ATOM   952  C CB  . SER A 1 108 ? 2.920   10.141  14.064  1.00 18.84 ? 114 SER B CB  1 
ATOM   953  O OG  . SER A 1 108 ? 2.647   10.962  12.964  1.00 29.25 ? 114 SER B OG  1 
ATOM   954  N N   . TYR A 1 109 ? 1.869   7.304   12.967  1.00 12.85 ? 115 TYR B N   1 
ATOM   955  C CA  . TYR A 1 109 ? 1.018   6.525   12.042  1.00 11.67 ? 115 TYR B CA  1 
ATOM   956  C C   . TYR A 1 109 ? -0.320  7.208   11.890  1.00 11.05 ? 115 TYR B C   1 
ATOM   957  O O   . TYR A 1 109 ? -0.911  7.659   12.887  1.00 11.79 ? 115 TYR B O   1 
ATOM   958  C CB  . TYR A 1 109 ? 0.868   5.097   12.534  1.00 11.45 ? 115 TYR B CB  1 
ATOM   959  C CG  . TYR A 1 109 ? 2.177   4.333   12.687  1.00 11.96 ? 115 TYR B CG  1 
ATOM   960  C CD1 . TYR A 1 109 ? 2.917   4.354   13.867  1.00 12.47 ? 115 TYR B CD1 1 
ATOM   961  C CD2 . TYR A 1 109 ? 2.634   3.511   11.679  1.00 11.90 ? 115 TYR B CD2 1 
ATOM   962  C CE1 . TYR A 1 109 ? 4.104   3.632   14.002  1.00 12.96 ? 115 TYR B CE1 1 
ATOM   963  C CE2 . TYR A 1 109 ? 3.815   2.791   11.791  1.00 11.96 ? 115 TYR B CE2 1 
ATOM   964  C CZ  . TYR A 1 109 ? 4.551   2.851   12.965  1.00 11.99 ? 115 TYR B CZ  1 
ATOM   965  O OH  . TYR A 1 109 ? 5.756   2.208   13.133  1.00 13.56 ? 115 TYR B OH  1 
ATOM   966  N N   A GLU A 1 110 ? -0.821  7.306   10.656  0.25 10.65 ? 116 GLU B N   1 
ATOM   967  N N   B GLU A 1 110 ? -0.800  7.318   10.646  0.25 10.97 ? 116 GLU B N   1 
ATOM   968  C CA  A GLU A 1 110 ? -2.126  7.958   10.369  0.25 10.60 ? 116 GLU B CA  1 
ATOM   969  C CA  B GLU A 1 110 ? -2.094  7.964   10.302  0.25 11.10 ? 116 GLU B CA  1 
ATOM   970  C C   A GLU A 1 110 ? -2.889  7.182   9.293   0.25 9.68  ? 116 GLU B C   1 
ATOM   971  C C   B GLU A 1 110 ? -2.893  7.056   9.357   0.25 9.71  ? 116 GLU B C   1 
ATOM   972  O O   A GLU A 1 110 ? -2.268  6.637   8.373   0.25 9.59  ? 116 GLU B O   1 
ATOM   973  O O   B GLU A 1 110 ? -2.303  6.230   8.620   0.25 8.86  ? 116 GLU B O   1 
ATOM   974  C CB  A GLU A 1 110 ? -1.920  9.403   9.933   0.25 11.53 ? 116 GLU B CB  1 
ATOM   975  C CB  B GLU A 1 110 ? -1.854  9.334   9.669   0.25 12.76 ? 116 GLU B CB  1 
ATOM   976  C CG  A GLU A 1 110 ? -1.156  10.256  10.942  0.25 13.01 ? 116 GLU B CG  1 
ATOM   977  C CG  B GLU A 1 110 ? -1.092  10.313  10.556  0.25 15.20 ? 116 GLU B CG  1 
ATOM   978  C CD  A GLU A 1 110 ? -0.921  11.669  10.437  0.25 14.12 ? 116 GLU B CD  1 
ATOM   979  C CD  B GLU A 1 110 ? -1.958  11.116  11.514  0.25 16.75 ? 116 GLU B CD  1 
ATOM   980  O OE1 A GLU A 1 110 ? -0.535  11.811  9.262   0.25 17.20 ? 116 GLU B OE1 1 
ATOM   981  O OE1 B GLU A 1 110 ? -3.187  11.202  11.287  0.25 20.68 ? 116 GLU B OE1 1 
ATOM   982  O OE2 A GLU A 1 110 ? -1.133  12.630  11.216  0.25 15.00 ? 116 GLU B OE2 1 
ATOM   983  O OE2 B GLU A 1 110 ? -1.393  11.684  12.468  0.25 21.82 ? 116 GLU B OE2 1 
ATOM   984  N N   . ALA A 1 111 ? -4.220  7.201   9.389   1.00 9.71  ? 117 ALA B N   1 
ATOM   985  C CA  . ALA A 1 111 ? -5.098  6.677   8.321   1.00 9.97  ? 117 ALA B CA  1 
ATOM   986  C C   . ALA A 1 111 ? -5.382  7.789   7.338   1.00 10.44 ? 117 ALA B C   1 
ATOM   987  O O   . ALA A 1 111 ? -5.616  8.952   7.709   1.00 10.66 ? 117 ALA B O   1 
ATOM   988  C CB  . ALA A 1 111 ? -6.406  6.136   8.881   1.00 10.53 ? 117 ALA B CB  1 
ATOM   989  N N   . GLY A 1 112 ? -5.385  7.427   6.045   1.00 10.65 ? 118 GLY B N   1 
ATOM   990  C CA  . GLY A 1 112 ? -5.625  8.364   4.939   1.00 11.52 ? 118 GLY B CA  1 
ATOM   991  C C   . GLY A 1 112 ? -7.084  8.692   4.743   1.00 11.88 ? 118 GLY B C   1 
ATOM   992  O O   . GLY A 1 112 ? -7.638  8.565   3.663   1.00 13.85 ? 118 GLY B O   1 
ATOM   993  N N   . THR A 1 113 ? -7.785  9.143   5.781   1.00 13.22 ? 119 THR B N   1 
ATOM   994  C CA  . THR A 1 113 ? -9.071  9.852   5.674   1.00 14.35 ? 119 THR B CA  1 
ATOM   995  C C   . THR A 1 113 ? -8.823  11.313  5.292   1.00 14.77 ? 119 THR B C   1 
ATOM   996  O O   . THR A 1 113 ? -7.683  11.738  5.312   1.00 17.17 ? 119 THR B O   1 
ATOM   997  C CB  . THR A 1 113 ? -9.779  9.689   7.003   1.00 12.86 ? 119 THR B CB  1 
ATOM   998  O OG1 . THR A 1 113 ? -8.916  10.174  8.054   1.00 13.15 ? 119 THR B OG1 1 
ATOM   999  C CG2 . THR A 1 113 ? -10.143 8.273   7.329   1.00 14.03 ? 119 THR B CG2 1 
ATOM   1000 N N   . SER A 1 114 ? -9.889  12.083  5.030   1.00 18.85 ? 120 SER B N   1 
ATOM   1001 C CA  . SER A 1 114 ? -9.771  13.527  4.752   1.00 21.87 ? 120 SER B CA  1 
ATOM   1002 C C   . SER A 1 114 ? -10.640 14.295  5.748   1.00 23.01 ? 120 SER B C   1 
ATOM   1003 O O   . SER A 1 114 ? -11.871 14.183  5.722   1.00 24.90 ? 120 SER B O   1 
ATOM   1004 C CB  . SER A 1 114 ? -10.123 13.847  3.306   1.00 25.98 ? 120 SER B CB  1 
ATOM   1005 O OG  . SER A 1 114 ? -9.885  15.234  3.053   1.00 29.81 ? 120 SER B OG  1 
ATOM   1006 N N   . PRO A 1 115 ? -10.036 14.967  6.751   1.00 20.49 ? 121 PRO B N   1 
ATOM   1007 C CA  . PRO A 1 115 ? -8.596  14.993  6.999   1.00 20.21 ? 121 PRO B CA  1 
ATOM   1008 C C   . PRO A 1 115 ? -8.098  13.673  7.632   1.00 16.41 ? 121 PRO B C   1 
ATOM   1009 O O   . PRO A 1 115 ? -8.888  12.850  8.065   1.00 15.36 ? 121 PRO B O   1 
ATOM   1010 C CB  . PRO A 1 115 ? -8.433  16.167  7.968   1.00 23.81 ? 121 PRO B CB  1 
ATOM   1011 C CG  . PRO A 1 115 ? -9.695  16.124  8.766   1.00 24.75 ? 121 PRO B CG  1 
ATOM   1012 C CD  . PRO A 1 115 ? -10.777 15.745  7.769   1.00 23.09 ? 121 PRO B CD  1 
ATOM   1013 N N   . GLN A 1 116 ? -6.782  13.503  7.708   1.00 15.68 ? 122 GLN B N   1 
ATOM   1014 C CA  . GLN A 1 116 ? -6.158  12.251  8.206   1.00 14.93 ? 122 GLN B CA  1 
ATOM   1015 C C   . GLN A 1 116 ? -6.501  12.009  9.684   1.00 12.68 ? 122 GLN B C   1 
ATOM   1016 O O   . GLN A 1 116 ? -6.746  12.990  10.419  1.00 14.20 ? 122 GLN B O   1 
ATOM   1017 C CB  . GLN A 1 116 ? -4.651  12.216  7.938   1.00 19.84 ? 122 GLN B CB  1 
ATOM   1018 C CG  . GLN A 1 116 ? -3.838  13.216  8.733   1.00 27.97 ? 122 GLN B CG  1 
ATOM   1019 C CD  . GLN A 1 116 ? -3.570  14.525  8.025   1.00 36.67 ? 122 GLN B CD  1 
ATOM   1020 O OE1 . GLN A 1 116 ? -4.349  15.007  7.195   1.00 43.83 ? 122 GLN B OE1 1 
ATOM   1021 N NE2 . GLN A 1 116 ? -2.453  15.137  8.386   1.00 45.24 ? 122 GLN B NE2 1 
ATOM   1022 N N   . THR A 1 117 ? -6.458  10.764  10.075  1.00 11.26 ? 123 THR B N   1 
ATOM   1023 C CA  . THR A 1 117 ? -6.826  10.312  11.428  1.00 11.22 ? 123 THR B CA  1 
ATOM   1024 C C   . THR A 1 117 ? -5.601  9.732   12.112  1.00 11.63 ? 123 THR B C   1 
ATOM   1025 O O   . THR A 1 117 ? -4.965  8.822   11.590  1.00 12.41 ? 123 THR B O   1 
ATOM   1026 C CB  . THR A 1 117 ? -7.960  9.279   11.354  1.00 10.81 ? 123 THR B CB  1 
ATOM   1027 O OG1 . THR A 1 117 ? -9.083  9.869   10.702  1.00 12.37 ? 123 THR B OG1 1 
ATOM   1028 C CG2 . THR A 1 117 ? -8.356  8.778   12.719  1.00 11.70 ? 123 THR B CG2 1 
ATOM   1029 N N   . THR A 1 118 ? -5.322  10.194  13.328  1.00 11.60 ? 124 THR B N   1 
ATOM   1030 C CA  . THR A 1 118 ? -4.250  9.657   14.167  1.00 12.27 ? 124 THR B CA  1 
ATOM   1031 C C   . THR A 1 118 ? -4.480  8.201   14.537  1.00 11.65 ? 124 THR B C   1 
ATOM   1032 O O   . THR A 1 118 ? -5.630  7.836   14.958  1.00 13.47 ? 124 THR B O   1 
ATOM   1033 C CB  . THR A 1 118 ? -4.182  10.516  15.433  1.00 14.63 ? 124 THR B CB  1 
ATOM   1034 O OG1 . THR A 1 118 ? -3.822  11.843  15.067  1.00 17.35 ? 124 THR B OG1 1 
ATOM   1035 C CG2 . THR A 1 118 ? -3.259  9.890   16.459  1.00 17.64 ? 124 THR B CG2 1 
ATOM   1036 N N   . LEU A 1 119 ? -3.497  7.345   14.376  1.00 10.57 ? 125 LEU B N   1 
ATOM   1037 C CA  . LEU A 1 119 ? -3.542  5.952   14.796  1.00 10.20 ? 125 LEU B CA  1 
ATOM   1038 C C   . LEU A 1 119 ? -2.831  5.803   16.149  1.00 12.31 ? 125 LEU B C   1 
ATOM   1039 O O   . LEU A 1 119 ? -2.000  6.667   16.519  1.00 15.49 ? 125 LEU B O   1 
ATOM   1040 C CB  . LEU A 1 119 ? -2.931  4.993   13.756  1.00 10.66 ? 125 LEU B CB  1 
ATOM   1041 C CG  . LEU A 1 119 ? -3.593  5.070   12.374  1.00 10.06 ? 125 LEU B CG  1 
ATOM   1042 C CD1 . LEU A 1 119 ? -2.844  4.236   11.347  1.00 10.61 ? 125 LEU B CD1 1 
ATOM   1043 C CD2 . LEU A 1 119 ? -5.053  4.663   12.411  1.00 11.15 ? 125 LEU B CD2 1 
ATOM   1044 N N   . HIS A 1 120 ? -3.217  4.788   16.895  1.00 12.13 ? 126 HIS B N   1 
ATOM   1045 C CA  . HIS A 1 120 ? -2.721  4.521   18.272  1.00 12.51 ? 126 HIS B CA  1 
ATOM   1046 C C   . HIS A 1 120 ? -2.028  3.173   18.261  1.00 13.60 ? 126 HIS B C   1 
ATOM   1047 O O   . HIS A 1 120 ? -2.668  2.107   18.306  1.00 18.51 ? 126 HIS B O   1 
ATOM   1048 C CB  . HIS A 1 120 ? -3.883  4.548   19.288  1.00 13.27 ? 126 HIS B CB  1 
ATOM   1049 C CG  . HIS A 1 120 ? -4.619  5.836   19.329  1.00 13.76 ? 126 HIS B CG  1 
ATOM   1050 N ND1 . HIS A 1 120 ? -5.787  6.026   18.604  1.00 15.83 ? 126 HIS B ND1 1 
ATOM   1051 C CD2 . HIS A 1 120 ? -4.368  6.990   19.946  1.00 15.61 ? 126 HIS B CD2 1 
ATOM   1052 C CE1 . HIS A 1 120 ? -6.203  7.260   18.810  1.00 16.06 ? 126 HIS B CE1 1 
ATOM   1053 N NE2 . HIS A 1 120 ? -5.381  7.874   19.640  1.00 15.44 ? 126 HIS B NE2 1 
ATOM   1054 N N   . ILE A 1 121 ? -0.715  3.188   18.111  1.00 16.21 ? 127 ILE B N   1 
ATOM   1055 C CA  . ILE A 1 121 ? 0.115   1.962   17.948  1.00 18.69 ? 127 ILE B CA  1 
ATOM   1056 C C   . ILE A 1 121 ? 1.201   2.009   19.052  1.00 18.09 ? 127 ILE B C   1 
ATOM   1057 O O   . ILE A 1 121 ? 2.006   2.940   19.115  1.00 24.80 ? 127 ILE B O   1 
ATOM   1058 C CB  . ILE A 1 121 ? 0.681   1.849   16.505  1.00 20.39 ? 127 ILE B CB  1 
ATOM   1059 C CG1 . ILE A 1 121 ? -0.441  1.792   15.449  1.00 19.05 ? 127 ILE B CG1 1 
ATOM   1060 C CG2 . ILE A 1 121 ? 1.657   0.670   16.445  1.00 24.51 ? 127 ILE B CG2 1 
ATOM   1061 C CD1 . ILE A 1 121 ? 0.004   1.628   14.001  1.00 19.07 ? 127 ILE B CD1 1 
ATOM   1062 N N   . GLN A 1 122 ? 1.135   1.059   19.955  1.00 19.60 ? 128 GLN B N   1 
ATOM   1063 C CA  . GLN A 1 122 ? 2.076   0.932   21.106  1.00 21.31 ? 128 GLN B CA  1 
ATOM   1064 C C   . GLN A 1 122 ? 3.327   0.175   20.658  1.00 21.54 ? 128 GLN B C   1 
ATOM   1065 O O   . GLN A 1 122 ? 4.438   0.512   21.155  1.00 21.86 ? 128 GLN B O   1 
ATOM   1066 C CB  . GLN A 1 122 ? 1.364   0.181   22.239  1.00 23.36 ? 128 GLN B CB  1 
ATOM   1067 C CG  . GLN A 1 122 ? 2.230   -0.096  23.470  1.00 28.30 ? 128 GLN B CG  1 
ATOM   1068 C CD  . GLN A 1 122 ? 2.727   1.169   24.137  1.00 31.83 ? 128 GLN B CD  1 
ATOM   1069 O OE1 . GLN A 1 122 ? 2.090   2.220   24.089  1.00 38.01 ? 128 GLN B OE1 1 
ATOM   1070 N NE2 . GLN A 1 122 ? 3.877   1.071   24.790  1.00 35.20 ? 128 GLN B NE2 1 
ATOM   1071 N N   . VAL A 1 123 ? 3.172   -0.784  19.749  1.00 18.66 ? 129 VAL B N   1 
ATOM   1072 C CA  . VAL A 1 123 ? 4.285   -1.664  19.258  1.00 18.48 ? 129 VAL B CA  1 
ATOM   1073 C C   . VAL A 1 123 ? 4.529   -1.360  17.786  1.00 17.73 ? 129 VAL B C   1 
ATOM   1074 O O   . VAL A 1 123 ? 3.711   -1.779  16.946  1.00 16.19 ? 129 VAL B O   1 
ATOM   1075 C CB  . VAL A 1 123 ? 3.948   -3.148  19.446  1.00 18.95 ? 129 VAL B CB  1 
ATOM   1076 C CG1 . VAL A 1 123 ? 5.044   -4.062  18.859  1.00 20.15 ? 129 VAL B CG1 1 
ATOM   1077 C CG2 . VAL A 1 123 ? 3.745   -3.487  20.925  1.00 20.79 ? 129 VAL B CG2 1 
ATOM   1078 N N   . PRO A 1 124 ? 5.548   -0.559  17.406  1.00 16.06 ? 130 PRO B N   1 
ATOM   1079 C CA  . PRO A 1 124 ? 5.751   -0.228  15.992  1.00 16.32 ? 130 PRO B CA  1 
ATOM   1080 C C   . PRO A 1 124 ? 5.797   -1.494  15.157  1.00 15.30 ? 130 PRO B C   1 
ATOM   1081 O O   . PRO A 1 124 ? 6.525   -2.445  15.422  1.00 16.18 ? 130 PRO B O   1 
ATOM   1082 C CB  . PRO A 1 124 ? 7.107   0.505   16.009  1.00 18.81 ? 130 PRO B CB  1 
ATOM   1083 C CG  . PRO A 1 124 ? 7.108   1.165   17.384  1.00 20.20 ? 130 PRO B CG  1 
ATOM   1084 C CD  . PRO A 1 124 ? 6.525   0.118   18.288  1.00 18.63 ? 130 PRO B CD  1 
ATOM   1085 N N   . PRO A 1 125 ? 4.940   -1.611  14.121  1.00 14.55 ? 131 PRO B N   1 
ATOM   1086 C CA  . PRO A 1 125 ? 4.886   -2.821  13.336  1.00 13.77 ? 131 PRO B CA  1 
ATOM   1087 C C   . PRO A 1 125 ? 6.105   -3.013  12.420  1.00 13.81 ? 131 PRO B C   1 
ATOM   1088 O O   . PRO A 1 125 ? 6.536   -2.085  11.775  1.00 14.32 ? 131 PRO B O   1 
ATOM   1089 C CB  . PRO A 1 125 ? 3.566   -2.691  12.539  1.00 14.41 ? 131 PRO B CB  1 
ATOM   1090 C CG  . PRO A 1 125 ? 3.300   -1.234  12.520  1.00 16.82 ? 131 PRO B CG  1 
ATOM   1091 C CD  . PRO A 1 125 ? 3.863   -0.663  13.792  1.00 15.02 ? 131 PRO B CD  1 
ATOM   1092 N N   . CYS A 1 126 ? 6.541   -4.261  12.350  1.00 13.96 ? 132 CYS B N   1 
ATOM   1093 C CA  . CYS A 1 126 ? 7.494   -4.692  11.300  1.00 13.80 ? 132 CYS B CA  1 
ATOM   1094 C C   . CYS A 1 126 ? 6.768   -5.350  10.125  1.00 13.22 ? 132 CYS B C   1 
ATOM   1095 O O   . CYS A 1 126 ? 7.337   -5.442  9.034   1.00 12.95 ? 132 CYS B O   1 
ATOM   1096 C CB  . CYS A 1 126 ? 8.553   -5.631  11.853  1.00 16.71 ? 132 CYS B CB  1 
ATOM   1097 S SG  . CYS A 1 126 ? 9.564   -4.883  13.171  1.00 24.39 ? 132 CYS B SG  1 
ATOM   1098 N N   A GLN A 1 127 ? 5.560   -5.898  10.335  0.25 13.32 ? 133 GLN B N   1 
ATOM   1099 N N   B GLN A 1 127 ? 5.512   -5.728  10.354  0.25 13.72 ? 133 GLN B N   1 
ATOM   1100 C CA  A GLN A 1 127 ? 4.712   -6.410  9.222   0.25 13.39 ? 133 GLN B CA  1 
ATOM   1101 C CA  B GLN A 1 127 ? 4.677   -6.407  9.342   0.25 14.43 ? 133 GLN B CA  1 
ATOM   1102 C C   A GLN A 1 127 ? 3.255   -6.012  9.476   0.25 12.09 ? 133 GLN B C   1 
ATOM   1103 C C   B GLN A 1 127 ? 3.251   -5.882  9.512   0.25 12.74 ? 133 GLN B C   1 
ATOM   1104 O O   A GLN A 1 127 ? 2.791   -6.104  10.644  0.25 11.18 ? 133 GLN B O   1 
ATOM   1105 O O   B GLN A 1 127 ? 2.826   -5.650  10.670  0.25 11.86 ? 133 GLN B O   1 
ATOM   1106 C CB  A GLN A 1 127 ? 4.750   -7.930  9.019   0.25 14.80 ? 133 GLN B CB  1 
ATOM   1107 C CB  B GLN A 1 127 ? 4.778   -7.924  9.499   0.25 16.99 ? 133 GLN B CB  1 
ATOM   1108 C CG  A GLN A 1 127 ? 6.110   -8.514  8.654   0.25 16.07 ? 133 GLN B CG  1 
ATOM   1109 C CG  B GLN A 1 127 ? 6.166   -8.486  9.227   0.25 18.87 ? 133 GLN B CG  1 
ATOM   1110 C CD  A GLN A 1 127 ? 6.878   -8.922  9.886   0.25 17.90 ? 133 GLN B CD  1 
ATOM   1111 C CD  B GLN A 1 127 ? 6.140   -9.946  8.848   0.25 21.21 ? 133 GLN B CD  1 
ATOM   1112 O OE1 A GLN A 1 127 ? 6.302   -9.388  10.868  0.25 18.34 ? 133 GLN B OE1 1 
ATOM   1113 O OE1 B GLN A 1 127 ? 5.087   -10.573 8.766   0.25 25.76 ? 133 GLN B OE1 1 
ATOM   1114 N NE2 A GLN A 1 127 ? 8.187   -8.719  9.854   0.25 18.19 ? 133 GLN B NE2 1 
ATOM   1115 N NE2 B GLN A 1 127 ? 7.315   -10.497 8.614   0.25 23.68 ? 133 GLN B NE2 1 
ATOM   1116 N N   . ILE A 1 128 ? 2.587   -5.613  8.385   1.00 11.48 ? 134 ILE B N   1 
ATOM   1117 C CA  . ILE A 1 128 ? 1.188   -5.095  8.339   1.00 11.17 ? 134 ILE B CA  1 
ATOM   1118 C C   . ILE A 1 128 ? 0.367   -6.149  7.594   1.00 11.78 ? 134 ILE B C   1 
ATOM   1119 O O   . ILE A 1 128 ? 0.746   -6.566  6.475   1.00 11.71 ? 134 ILE B O   1 
ATOM   1120 C CB  . ILE A 1 128 ? 1.144   -3.731  7.625   1.00 11.84 ? 134 ILE B CB  1 
ATOM   1121 C CG1 . ILE A 1 128 ? 2.021   -2.636  8.273   1.00 14.15 ? 134 ILE B CG1 1 
ATOM   1122 C CG2 . ILE A 1 128 ? -0.314  -3.257  7.476   1.00 12.58 ? 134 ILE B CG2 1 
ATOM   1123 C CD1 . ILE A 1 128 ? 1.498   -2.156  9.563   1.00 14.04 ? 134 ILE B CD1 1 
ATOM   1124 N N   . GLY A 1 129 ? -0.804  -6.513  8.140   1.00 11.23 ? 135 GLY B N   1 
ATOM   1125 C CA  . GLY A 1 129 ? -1.809  -7.289  7.412   1.00 10.57 ? 135 GLY B CA  1 
ATOM   1126 C C   . GLY A 1 129 ? -2.914  -6.397  6.890   1.00 10.66 ? 135 GLY B C   1 
ATOM   1127 O O   . GLY A 1 129 ? -3.336  -5.470  7.573   1.00 11.13 ? 135 GLY B O   1 
ATOM   1128 N N   . ILE A 1 130 ? -3.349  -6.662  5.663   1.00 10.87 ? 136 ILE B N   1 
ATOM   1129 C CA  . ILE A 1 130 ? -4.395  -5.869  4.963   1.00 10.55 ? 136 ILE B CA  1 
ATOM   1130 C C   . ILE A 1 130 ? -5.516  -6.820  4.545   1.00 10.54 ? 136 ILE B C   1 
ATOM   1131 O O   . ILE A 1 130 ? -5.272  -7.841  3.887   1.00 11.05 ? 136 ILE B O   1 
ATOM   1132 C CB  . ILE A 1 130 ? -3.811  -5.140  3.743   1.00 11.34 ? 136 ILE B CB  1 
ATOM   1133 C CG1 . ILE A 1 130 ? -2.670  -4.242  4.203   1.00 12.12 ? 136 ILE B CG1 1 
ATOM   1134 C CG2 . ILE A 1 130 ? -4.896  -4.330  3.032   1.00 13.15 ? 136 ILE B CG2 1 
ATOM   1135 C CD1 . ILE A 1 130 ? -1.955  -3.615  3.104   1.00 14.85 ? 136 ILE B CD1 1 
ATOM   1136 N N   . PHE A 1 131 ? -6.722  -6.514  5.028   1.00 10.14 ? 137 PHE B N   1 
ATOM   1137 C CA  . PHE A 1 131 ? -7.930  -7.309  4.728   1.00 10.43 ? 137 PHE B CA  1 
ATOM   1138 C C   . PHE A 1 131 ? -8.931  -6.433  3.984   1.00 10.01 ? 137 PHE B C   1 
ATOM   1139 O O   . PHE A 1 131 ? -9.235  -5.320  4.420   1.00 10.68 ? 137 PHE B O   1 
ATOM   1140 C CB  . PHE A 1 131 ? -8.573  -7.804  6.014   1.00 11.70 ? 137 PHE B CB  1 
ATOM   1141 C CG  . PHE A 1 131 ? -9.875  -8.538  5.844   1.00 13.26 ? 137 PHE B CG  1 
ATOM   1142 C CD1 . PHE A 1 131 ? -9.882  -9.765  5.235   1.00 14.31 ? 137 PHE B CD1 1 
ATOM   1143 C CD2 . PHE A 1 131 ? -11.067 -8.016  6.298   1.00 14.89 ? 137 PHE B CD2 1 
ATOM   1144 C CE1 . PHE A 1 131 ? -11.085 -10.459 5.073   1.00 16.87 ? 137 PHE B CE1 1 
ATOM   1145 C CE2 . PHE A 1 131 ? -12.270 -8.696  6.122   1.00 16.97 ? 137 PHE B CE2 1 
ATOM   1146 C CZ  . PHE A 1 131 ? -12.260 -9.923  5.521   1.00 15.89 ? 137 PHE B CZ  1 
ATOM   1147 N N   . VAL A 1 132 ? -9.441  -6.945  2.870   1.00 10.45 ? 138 VAL B N   1 
ATOM   1148 C CA  . VAL A 1 132 ? -10.491 -6.293  2.050   1.00 10.89 ? 138 VAL B CA  1 
ATOM   1149 C C   . VAL A 1 132 ? -11.691 -7.231  1.955   1.00 9.99  ? 138 VAL B C   1 
ATOM   1150 O O   . VAL A 1 132 ? -11.547 -8.387  1.542   1.00 11.49 ? 138 VAL B O   1 
ATOM   1151 C CB  . VAL A 1 132 ? -9.977  -5.900  0.668   1.00 11.54 ? 138 VAL B CB  1 
ATOM   1152 C CG1 . VAL A 1 132 ? -11.087 -5.253  -0.143  1.00 13.57 ? 138 VAL B CG1 1 
ATOM   1153 C CG2 . VAL A 1 132 ? -8.751  -4.981  0.763   1.00 13.06 ? 138 VAL B CG2 1 
ATOM   1154 N N   . ASP A 1 133 ? -12.838 -6.710  2.355   1.00 10.34 ? 139 ASP B N   1 
ATOM   1155 C CA  . ASP A 1 133 ? -14.152 -7.382  2.111   1.00 11.86 ? 139 ASP B CA  1 
ATOM   1156 C C   . ASP A 1 133 ? -14.914 -6.520  1.108   1.00 10.78 ? 139 ASP B C   1 
ATOM   1157 O O   . ASP A 1 133 ? -15.442 -5.483  1.462   1.00 11.40 ? 139 ASP B O   1 
ATOM   1158 C CB  . ASP A 1 133 ? -14.904 -7.634  3.406   1.00 12.96 ? 139 ASP B CB  1 
ATOM   1159 C CG  . ASP A 1 133 ? -16.231 -8.381  3.245   1.00 14.86 ? 139 ASP B CG  1 
ATOM   1160 O OD1 . ASP A 1 133 ? -16.803 -8.371  2.116   1.00 15.66 ? 139 ASP B OD1 1 
ATOM   1161 O OD2 . ASP A 1 133 ? -16.633 -8.959  4.310   1.00 18.62 ? 139 ASP B OD2 1 
ATOM   1162 N N   . TYR A 1 134 ? -14.900 -6.955  -0.160  1.00 11.61 ? 140 TYR B N   1 
ATOM   1163 C CA  . TYR A 1 134 ? -15.477 -6.123  -1.232  1.00 11.80 ? 140 TYR B CA  1 
ATOM   1164 C C   . TYR A 1 134 ? -16.979 -5.861  -1.000  1.00 12.17 ? 140 TYR B C   1 
ATOM   1165 O O   . TYR A 1 134 ? -17.438 -4.760  -1.005  1.00 13.34 ? 140 TYR B O   1 
ATOM   1166 C CB  . TYR A 1 134 ? -15.182 -6.738  -2.611  1.00 11.69 ? 140 TYR B CB  1 
ATOM   1167 C CG  . TYR A 1 134 ? -15.387 -5.705  -3.700  1.00 12.24 ? 140 TYR B CG  1 
ATOM   1168 C CD1 . TYR A 1 134 ? -16.651 -5.310  -4.140  1.00 12.56 ? 140 TYR B CD1 1 
ATOM   1169 C CD2 . TYR A 1 134 ? -14.303 -5.053  -4.268  1.00 12.16 ? 140 TYR B CD2 1 
ATOM   1170 C CE1 . TYR A 1 134 ? -16.817 -4.294  -5.058  1.00 12.35 ? 140 TYR B CE1 1 
ATOM   1171 C CE2 . TYR A 1 134 ? -14.455 -4.060  -5.222  1.00 11.85 ? 140 TYR B CE2 1 
ATOM   1172 C CZ  . TYR A 1 134 ? -15.712 -3.668  -5.641  1.00 11.98 ? 140 TYR B CZ  1 
ATOM   1173 O OH  . TYR A 1 134 ? -15.893 -2.660  -6.531  1.00 12.18 ? 140 TYR B OH  1 
ATOM   1174 N N   . GLU A 1 135 ? -17.680 -6.928  -0.723  1.00 13.87 ? 141 GLU B N   1 
ATOM   1175 C CA  . GLU A 1 135 ? -19.161 -6.848  -0.625  1.00 14.67 ? 141 GLU B CA  1 
ATOM   1176 C C   . GLU A 1 135 ? -19.546 -5.993  0.569   1.00 14.61 ? 141 GLU B C   1 
ATOM   1177 O O   . GLU A 1 135 ? -20.433 -5.142  0.446   1.00 16.63 ? 141 GLU B O   1 
ATOM   1178 C CB  . GLU A 1 135 ? -19.763 -8.239  -0.463  1.00 16.94 ? 141 GLU B CB  1 
ATOM   1179 C CG  . GLU A 1 135 ? -19.881 -9.025  -1.759  1.00 24.74 ? 141 GLU B CG  1 
ATOM   1180 C CD  . GLU A 1 135 ? -18.670 -9.153  -2.606  1.00 29.44 ? 141 GLU B CD  1 
ATOM   1181 O OE1 . GLU A 1 135 ? -18.760 -8.783  -3.747  1.00 23.73 ? 141 GLU B OE1 1 
ATOM   1182 O OE2 . GLU A 1 135 ? -17.635 -9.617  -2.085  1.00 33.57 ? 141 GLU B OE2 1 
ATOM   1183 N N   . ALA A 1 136 ? -18.856 -6.149  1.696   1.00 12.91 ? 142 ALA B N   1 
ATOM   1184 C CA  . ALA A 1 136 ? -19.179 -5.406  2.919   1.00 13.60 ? 142 ALA B CA  1 
ATOM   1185 C C   . ALA A 1 136 ? -18.704 -3.955  2.830   1.00 13.75 ? 142 ALA B C   1 
ATOM   1186 O O   . ALA A 1 136 ? -19.151 -3.129  3.641   1.00 16.14 ? 142 ALA B O   1 
ATOM   1187 C CB  . ALA A 1 136 ? -18.582 -6.083  4.129   1.00 15.60 ? 142 ALA B CB  1 
ATOM   1188 N N   . GLY A 1 137 ? -17.797 -3.597  1.923   1.00 12.02 ? 143 GLY B N   1 
ATOM   1189 C CA  . GLY A 1 137 ? -17.224 -2.253  1.894   1.00 11.78 ? 143 GLY B CA  1 
ATOM   1190 C C   . GLY A 1 137 ? -16.268 -1.988  3.073   1.00 10.47 ? 143 GLY B C   1 
ATOM   1191 O O   . GLY A 1 137 ? -16.417 -0.934  3.704   1.00 11.16 ? 143 GLY B O   1 
ATOM   1192 N N   . VAL A 1 138 ? -15.359 -2.925  3.329   1.00 11.37 ? 144 VAL B N   1 
ATOM   1193 C CA  . VAL A 1 138 ? -14.421 -2.823  4.486   1.00 11.01 ? 144 VAL B CA  1 
ATOM   1194 C C   . VAL A 1 138 ? -12.993 -3.002  4.008   1.00 10.24 ? 144 VAL B C   1 
ATOM   1195 O O   . VAL A 1 138 ? -12.692 -3.932  3.256   1.00 10.98 ? 144 VAL B O   1 
ATOM   1196 C CB  . VAL A 1 138 ? -14.778 -3.909  5.520   1.00 11.71 ? 144 VAL B CB  1 
ATOM   1197 C CG1 . VAL A 1 138 ? -13.664 -4.073  6.573   1.00 12.70 ? 144 VAL B CG1 1 
ATOM   1198 C CG2 . VAL A 1 138 ? -16.135 -3.601  6.142   1.00 13.23 ? 144 VAL B CG2 1 
ATOM   1199 N N   . VAL A 1 139 ? -12.122 -2.169  4.570   1.00 10.39 ? 145 VAL B N   1 
ATOM   1200 C CA  . VAL A 1 139 ? -10.645 -2.348  4.460   1.00 9.97  ? 145 VAL B CA  1 
ATOM   1201 C C   . VAL A 1 139 ? -10.069 -2.234  5.883   1.00 9.67  ? 145 VAL B C   1 
ATOM   1202 O O   . VAL A 1 139 ? -10.262 -1.173  6.512   1.00 10.43 ? 145 VAL B O   1 
ATOM   1203 C CB  . VAL A 1 139 ? -10.006 -1.292  3.543   1.00 9.65  ? 145 VAL B CB  1 
ATOM   1204 C CG1 . VAL A 1 139 ? -8.511  -1.548  3.406   1.00 10.19 ? 145 VAL B CG1 1 
ATOM   1205 C CG2 . VAL A 1 139 ? -10.670 -1.226  2.176   1.00 10.48 ? 145 VAL B CG2 1 
ATOM   1206 N N   . SER A 1 140 ? -9.427  -3.277  6.356   1.00 9.28  ? 146 SER B N   1 
ATOM   1207 C CA  . SER A 1 140 ? -8.849  -3.293  7.714   1.00 10.04 ? 146 SER B CA  1 
ATOM   1208 C C   . SER A 1 140 ? -7.354  -3.587  7.682   1.00 9.67  ? 146 SER B C   1 
ATOM   1209 O O   . SER A 1 140 ? -6.866  -4.293  6.802   1.00 10.68 ? 146 SER B O   1 
ATOM   1210 C CB  . SER A 1 140 ? -9.565  -4.289  8.616   1.00 10.23 ? 146 SER B CB  1 
ATOM   1211 O OG  . SER A 1 140 ? -10.932 -3.949  8.817   1.00 11.95 ? 146 SER B OG  1 
ATOM   1212 N N   . PHE A 1 141 ? -6.666  -3.054  8.683   1.00 9.41  ? 147 PHE B N   1 
ATOM   1213 C CA  . PHE A 1 141 ? -5.202  -3.109  8.828   1.00 9.90  ? 147 PHE B CA  1 
ATOM   1214 C C   . PHE A 1 141 ? -4.909  -3.722  10.185  1.00 9.92  ? 147 PHE B C   1 
ATOM   1215 O O   . PHE A 1 141 ? -5.491  -3.253  11.211  1.00 10.03 ? 147 PHE B O   1 
ATOM   1216 C CB  . PHE A 1 141 ? -4.568  -1.715  8.680   1.00 9.81  ? 147 PHE B CB  1 
ATOM   1217 C CG  . PHE A 1 141 ? -4.781  -1.083  7.330   1.00 9.64  ? 147 PHE B CG  1 
ATOM   1218 C CD1 . PHE A 1 141 ? -5.963  -0.428  7.015   1.00 9.53  ? 147 PHE B CD1 1 
ATOM   1219 C CD2 . PHE A 1 141 ? -3.790  -1.159  6.350   1.00 9.67  ? 147 PHE B CD2 1 
ATOM   1220 C CE1 . PHE A 1 141 ? -6.163  0.112   5.743   1.00 9.83  ? 147 PHE B CE1 1 
ATOM   1221 C CE2 . PHE A 1 141 ? -4.020  -0.627  5.081   1.00 9.40  ? 147 PHE B CE2 1 
ATOM   1222 C CZ  . PHE A 1 141 ? -5.189  0.022   4.780   1.00 9.41  ? 147 PHE B CZ  1 
ATOM   1223 N N   . TYR A 1 142 ? -3.916  -4.597  10.224  1.00 9.99  ? 148 TYR B N   1 
ATOM   1224 C CA  . TYR A 1 142 ? -3.575  -5.392  11.424  1.00 11.08 ? 148 TYR B CA  1 
ATOM   1225 C C   . TYR A 1 142 ? -2.075  -5.279  11.672  1.00 11.62 ? 148 TYR B C   1 
ATOM   1226 O O   . TYR A 1 142 ? -1.236  -5.338  10.756  1.00 11.68 ? 148 TYR B O   1 
ATOM   1227 C CB  . TYR A 1 142 ? -4.019  -6.843  11.320  1.00 11.73 ? 148 TYR B CB  1 
ATOM   1228 C CG  . TYR A 1 142 ? -5.516  -6.959  11.206  1.00 12.00 ? 148 TYR B CG  1 
ATOM   1229 C CD1 . TYR A 1 142 ? -6.341  -6.923  12.318  1.00 12.95 ? 148 TYR B CD1 1 
ATOM   1230 C CD2 . TYR A 1 142 ? -6.151  -6.995  9.970   1.00 12.80 ? 148 TYR B CD2 1 
ATOM   1231 C CE1 . TYR A 1 142 ? -7.727  -6.946  12.210  1.00 13.20 ? 148 TYR B CE1 1 
ATOM   1232 C CE2 . TYR A 1 142 ? -7.531  -7.046  9.845   1.00 13.66 ? 148 TYR B CE2 1 
ATOM   1233 C CZ  . TYR A 1 142 ? -8.333  -7.063  10.972  1.00 13.55 ? 148 TYR B CZ  1 
ATOM   1234 O OH  . TYR A 1 142 ? -9.708  -7.074  10.844  1.00 15.21 ? 148 TYR B OH  1 
ATOM   1235 N N   . ASN A 1 143 ? -1.706  -5.262  12.950  1.00 12.62 ? 149 ASN B N   1 
ATOM   1236 C CA  . ASN A 1 143 ? -0.298  -5.191  13.424  1.00 12.14 ? 149 ASN B CA  1 
ATOM   1237 C C   . ASN A 1 143 ? 0.190   -6.624  13.638  1.00 12.05 ? 149 ASN B C   1 
ATOM   1238 O O   . ASN A 1 143 ? -0.071  -7.211  14.721  1.00 14.66 ? 149 ASN B O   1 
ATOM   1239 C CB  . ASN A 1 143 ? -0.250  -4.345  14.697  1.00 11.78 ? 149 ASN B CB  1 
ATOM   1240 C CG  . ASN A 1 143 ? 1.178   -4.125  15.184  1.00 12.93 ? 149 ASN B CG  1 
ATOM   1241 O OD1 . ASN A 1 143 ? 2.086   -4.874  14.769  1.00 14.42 ? 149 ASN B OD1 1 
ATOM   1242 N ND2 . ASN A 1 143 ? 1.362   -3.097  15.966  1.00 14.07 ? 149 ASN B ND2 1 
ATOM   1243 N N   . ILE A 1 144 ? 0.912   -7.234  12.687  1.00 13.51 ? 150 ILE B N   1 
ATOM   1244 C CA  . ILE A 1 144 ? 1.312   -8.653  12.794  1.00 15.10 ? 150 ILE B CA  1 
ATOM   1245 C C   . ILE A 1 144 ? 2.344   -8.779  13.927  1.00 15.94 ? 150 ILE B C   1 
ATOM   1246 O O   . ILE A 1 144 ? 2.337   -9.829  14.613  1.00 18.43 ? 150 ILE B O   1 
ATOM   1247 C CB  . ILE A 1 144 ? 1.861   -9.142  11.448  1.00 15.08 ? 150 ILE B CB  1 
ATOM   1248 C CG1 . ILE A 1 144 ? 0.839   -8.958  10.317  1.00 16.05 ? 150 ILE B CG1 1 
ATOM   1249 C CG2 . ILE A 1 144 ? 2.374   -10.563 11.525  1.00 17.06 ? 150 ILE B CG2 1 
ATOM   1250 C CD1 . ILE A 1 144 ? -0.567  -9.332  10.669  1.00 19.18 ? 150 ILE B CD1 1 
ATOM   1251 N N   . THR A 1 145 ? 3.163   -7.766  14.172  1.00 15.67 ? 151 THR B N   1 
ATOM   1252 C CA  . THR A 1 145 ? 4.224   -7.769  15.233  1.00 16.73 ? 151 THR B CA  1 
ATOM   1253 C C   . THR A 1 145 ? 3.544   -7.857  16.601  1.00 19.48 ? 151 THR B C   1 
ATOM   1254 O O   . THR A 1 145 ? 4.104   -8.536  17.495  1.00 23.91 ? 151 THR B O   1 
ATOM   1255 C CB  . THR A 1 145 ? 5.083   -6.507  15.087  1.00 15.50 ? 151 THR B CB  1 
ATOM   1256 O OG1 . THR A 1 145 ? 5.565   -6.441  13.746  1.00 16.32 ? 151 THR B OG1 1 
ATOM   1257 C CG2 . THR A 1 145 ? 6.265   -6.504  16.041  1.00 17.35 ? 151 THR B CG2 1 
ATOM   1258 N N   . ASP A 1 146 ? 2.365   -7.270  16.785  1.00 17.90 ? 152 ASP B N   1 
ATOM   1259 C CA  . ASP A 1 146 ? 1.598   -7.268  18.061  1.00 19.09 ? 152 ASP B CA  1 
ATOM   1260 C C   . ASP A 1 146 ? 0.425   -8.256  18.002  1.00 19.22 ? 152 ASP B C   1 
ATOM   1261 O O   . ASP A 1 146 ? -0.701  -7.821  18.264  1.00 20.04 ? 152 ASP B O   1 
ATOM   1262 C CB  . ASP A 1 146 ? 1.207   -5.853  18.397  1.00 18.40 ? 152 ASP B CB  1 
ATOM   1263 C CG  . ASP A 1 146 ? 0.472   -5.747  19.706  1.00 22.81 ? 152 ASP B CG  1 
ATOM   1264 O OD1 . ASP A 1 146 ? 0.919   -6.389  20.681  1.00 24.83 ? 152 ASP B OD1 1 
ATOM   1265 O OD2 . ASP A 1 146 ? -0.530  -5.044  19.716  1.00 23.10 ? 152 ASP B OD2 1 
ATOM   1266 N N   . HIS A 1 147 ? 0.685   -9.507  17.636  1.00 21.74 ? 153 HIS B N   1 
ATOM   1267 C CA  . HIS A 1 147 ? -0.292  -10.628 17.688  1.00 25.06 ? 153 HIS B CA  1 
ATOM   1268 C C   . HIS A 1 147 ? -1.539  -10.249 16.878  1.00 22.82 ? 153 HIS B C   1 
ATOM   1269 O O   . HIS A 1 147 ? -2.652  -10.590 17.269  1.00 24.78 ? 153 HIS B O   1 
ATOM   1270 C CB  . HIS A 1 147 ? -0.753  -10.973 19.118  1.00 30.59 ? 153 HIS B CB  1 
ATOM   1271 C CG  . HIS A 1 147 ? 0.291   -11.062 20.185  1.00 37.61 ? 153 HIS B CG  1 
ATOM   1272 N ND1 . HIS A 1 147 ? 1.021   -12.211 20.410  1.00 44.14 ? 153 HIS B ND1 1 
ATOM   1273 C CD2 . HIS A 1 147 ? 0.659   -10.181 21.144  1.00 41.68 ? 153 HIS B CD2 1 
ATOM   1274 C CE1 . HIS A 1 147 ? 1.837   -12.021 21.432  1.00 46.70 ? 153 HIS B CE1 1 
ATOM   1275 N NE2 . HIS A 1 147 ? 1.633   -10.778 21.904  1.00 44.26 ? 153 HIS B NE2 1 
ATOM   1276 N N   . GLY A 1 148 ? -1.382  -9.489  15.806  1.00 18.27 ? 154 GLY B N   1 
ATOM   1277 C CA  . GLY A 1 148 ? -2.506  -9.262  14.879  1.00 16.34 ? 154 GLY B CA  1 
ATOM   1278 C C   . GLY A 1 148 ? -3.465  -8.201  15.364  1.00 14.54 ? 154 GLY B C   1 
ATOM   1279 O O   . GLY A 1 148 ? -4.595  -8.236  14.876  1.00 15.62 ? 154 GLY B O   1 
ATOM   1280 N N   . SER A 1 149 ? -3.102  -7.344  16.275  1.00 14.58 ? 155 SER B N   1 
ATOM   1281 C CA  . SER A 1 149 ? -4.033  -6.359  16.846  1.00 13.05 ? 155 SER B CA  1 
ATOM   1282 C C   . SER A 1 149 ? -4.546  -5.415  15.743  1.00 12.93 ? 155 SER B C   1 
ATOM   1283 O O   . SER A 1 149 ? -3.787  -5.025  14.803  1.00 12.97 ? 155 SER B O   1 
ATOM   1284 C CB  . SER A 1 149 ? -3.385  -5.571  17.966  1.00 14.11 ? 155 SER B CB  1 
ATOM   1285 O OG  . SER A 1 149 ? -2.160  -4.937  17.588  1.00 15.23 ? 155 SER B OG  1 
ATOM   1286 N N   . LEU A 1 150 ? -5.775  -4.962  15.843  1.00 11.93 ? 156 LEU B N   1 
ATOM   1287 C CA  . LEU A 1 150 ? -6.358  -4.016  14.864  1.00 11.02 ? 156 LEU B CA  1 
ATOM   1288 C C   . LEU A 1 150 ? -5.675  -2.665  14.940  1.00 10.73 ? 156 LEU B C   1 
ATOM   1289 O O   . LEU A 1 150 ? -5.488  -2.042  16.023  1.00 11.62 ? 156 LEU B O   1 
ATOM   1290 C CB  . LEU A 1 150 ? -7.856  -3.860  15.165  1.00 11.75 ? 156 LEU B CB  1 
ATOM   1291 C CG  . LEU A 1 150 ? -8.612  -2.913  14.210  1.00 11.49 ? 156 LEU B CG  1 
ATOM   1292 C CD1 . LEU A 1 150 ? -8.709  -3.481  12.801  1.00 11.91 ? 156 LEU B CD1 1 
ATOM   1293 C CD2 . LEU A 1 150 ? -10.041 -2.674  14.742  1.00 12.38 ? 156 LEU B CD2 1 
ATOM   1294 N N   . ILE A 1 151 ? -5.305  -2.134  13.753  1.00 10.30 ? 157 ILE B N   1 
ATOM   1295 C CA  . ILE A 1 151 ? -4.796  -0.770  13.590  1.00 10.22 ? 157 ILE B CA  1 
ATOM   1296 C C   . ILE A 1 151 ? -5.916  0.190   13.174  1.00 9.51  ? 157 ILE B C   1 
ATOM   1297 O O   . ILE A 1 151 ? -6.081  1.247   13.723  1.00 10.29 ? 157 ILE B O   1 
ATOM   1298 C CB  . ILE A 1 151 ? -3.628  -0.762  12.573  1.00 10.98 ? 157 ILE B CB  1 
ATOM   1299 C CG1 . ILE A 1 151 ? -2.410  -1.536  13.088  1.00 11.10 ? 157 ILE B CG1 1 
ATOM   1300 C CG2 . ILE A 1 151 ? -3.266  0.671   12.240  1.00 10.69 ? 157 ILE B CG2 1 
ATOM   1301 C CD1 . ILE A 1 151 ? -1.347  -1.762  12.043  1.00 11.39 ? 157 ILE B CD1 1 
ATOM   1302 N N   . TYR A 1 152 ? -6.687  -0.185  12.136  1.00 9.60  ? 158 TYR B N   1 
ATOM   1303 C CA  . TYR A 1 152 ? -7.693  0.743   11.590  1.00 9.81  ? 158 TYR B CA  1 
ATOM   1304 C C   . TYR A 1 152 ? -8.655  -0.027  10.698  1.00 8.88  ? 158 TYR B C   1 
ATOM   1305 O O   . TYR A 1 152 ? -8.222  -0.918  9.961   1.00 9.85  ? 158 TYR B O   1 
ATOM   1306 C CB  . TYR A 1 152 ? -7.053  1.879   10.735  1.00 9.45  ? 158 TYR B CB  1 
ATOM   1307 C CG  . TYR A 1 152 ? -8.013  2.979   10.419  1.00 9.72  ? 158 TYR B CG  1 
ATOM   1308 C CD1 . TYR A 1 152 ? -8.293  3.986   11.338  1.00 10.09 ? 158 TYR B CD1 1 
ATOM   1309 C CD2 . TYR A 1 152 ? -8.678  3.030   9.196   1.00 9.39  ? 158 TYR B CD2 1 
ATOM   1310 C CE1 . TYR A 1 152 ? -9.233  4.952   11.064  1.00 10.50 ? 158 TYR B CE1 1 
ATOM   1311 C CE2 . TYR A 1 152 ? -9.582  4.018   8.906   1.00 10.19 ? 158 TYR B CE2 1 
ATOM   1312 C CZ  . TYR A 1 152 ? -9.889  4.963   9.850   1.00 10.27 ? 158 TYR B CZ  1 
ATOM   1313 O OH  . TYR A 1 152 ? -10.849 5.914   9.640   1.00 12.87 ? 158 TYR B OH  1 
ATOM   1314 N N   . THR A 1 153 ? -9.947  0.353   10.718  1.00 9.32  ? 159 THR B N   1 
ATOM   1315 C CA  . THR A 1 153 ? -10.984 -0.134  9.784   1.00 9.37  ? 159 THR B CA  1 
ATOM   1316 C C   . THR A 1 153 ? -11.659 1.015   9.088   1.00 9.97  ? 159 THR B C   1 
ATOM   1317 O O   . THR A 1 153 ? -12.259 1.863   9.723   1.00 10.26 ? 159 THR B O   1 
ATOM   1318 C CB  . THR A 1 153 ? -12.028 -1.008  10.506  1.00 10.30 ? 159 THR B CB  1 
ATOM   1319 O OG1 . THR A 1 153 ? -11.376 -2.198  10.938  1.00 11.27 ? 159 THR B OG1 1 
ATOM   1320 C CG2 . THR A 1 153 ? -13.209 -1.341  9.606   1.00 11.02 ? 159 THR B CG2 1 
ATOM   1321 N N   . PHE A 1 154 ? -11.540 1.045   7.758   1.00 10.05 ? 160 PHE B N   1 
ATOM   1322 C CA  . PHE A 1 154 ? -12.429 1.846   6.889   1.00 9.73  ? 160 PHE B CA  1 
ATOM   1323 C C   . PHE A 1 154 ? -13.696 1.011   6.637   1.00 9.86  ? 160 PHE B C   1 
ATOM   1324 O O   . PHE A 1 154 ? -13.601 -0.084  6.133   1.00 10.50 ? 160 PHE B O   1 
ATOM   1325 C CB  . PHE A 1 154 ? -11.811 2.119   5.523   1.00 9.98  ? 160 PHE B CB  1 
ATOM   1326 C CG  . PHE A 1 154 ? -10.594 3.015   5.486   1.00 8.83  ? 160 PHE B CG  1 
ATOM   1327 C CD1 . PHE A 1 154 ? -9.303  2.519   5.623   1.00 8.65  ? 160 PHE B CD1 1 
ATOM   1328 C CD2 . PHE A 1 154 ? -10.741 4.358   5.221   1.00 9.15  ? 160 PHE B CD2 1 
ATOM   1329 C CE1 . PHE A 1 154 ? -8.204  3.371   5.538   1.00 9.41  ? 160 PHE B CE1 1 
ATOM   1330 C CE2 . PHE A 1 154 ? -9.640  5.207   5.131   1.00 9.37  ? 160 PHE B CE2 1 
ATOM   1331 C CZ  . PHE A 1 154 ? -8.373  4.686   5.292   1.00 8.71  ? 160 PHE B CZ  1 
ATOM   1332 N N   . SER A 1 155 ? -14.838 1.565   7.034   1.00 11.50 ? 161 SER B N   1 
ATOM   1333 C CA  . SER A 1 155 ? -16.133 0.917   6.744   1.00 12.60 ? 161 SER B CA  1 
ATOM   1334 C C   . SER A 1 155 ? -16.965 1.874   5.908   1.00 12.25 ? 161 SER B C   1 
ATOM   1335 O O   . SER A 1 155 ? -16.625 3.029   5.702   1.00 13.64 ? 161 SER B O   1 
ATOM   1336 C CB  . SER A 1 155 ? -16.770 0.496   8.020   1.00 13.25 ? 161 SER B CB  1 
ATOM   1337 O OG  . SER A 1 155 ? -17.155 1.601   8.782   1.00 17.09 ? 161 SER B OG  1 
ATOM   1338 N N   . GLU A 1 156 ? -18.087 1.357   5.377   1.00 14.04 ? 162 GLU B N   1 
ATOM   1339 C CA  . GLU A 1 156 ? -18.955 2.128   4.433   1.00 15.54 ? 162 GLU B CA  1 
ATOM   1340 C C   . GLU A 1 156 ? -18.132 2.613   3.230   1.00 13.09 ? 162 GLU B C   1 
ATOM   1341 O O   . GLU A 1 156 ? -18.348 3.754   2.719   1.00 15.43 ? 162 GLU B O   1 
ATOM   1342 C CB  . GLU A 1 156 ? -19.605 3.322   5.130   1.00 18.65 ? 162 GLU B CB  1 
ATOM   1343 C CG  . GLU A 1 156 ? -20.252 3.033   6.469   1.00 23.84 ? 162 GLU B CG  1 
ATOM   1344 C CD  . GLU A 1 156 ? -21.064 4.245   6.868   1.00 34.49 ? 162 GLU B CD  1 
ATOM   1345 O OE1 . GLU A 1 156 ? -20.472 5.207   7.401   1.00 36.91 ? 162 GLU B OE1 1 
ATOM   1346 O OE2 . GLU A 1 156 ? -22.258 4.273   6.515   1.00 40.51 ? 162 GLU B OE2 1 
ATOM   1347 N N   . CYS A 1 157 ? -17.178 1.771   2.806   1.00 12.15 ? 163 CYS B N   1 
ATOM   1348 C CA  . CYS A 1 157 ? -16.336 2.131   1.658   1.00 11.48 ? 163 CYS B CA  1 
ATOM   1349 C C   . CYS A 1 157 ? -17.185 2.145   0.380   1.00 12.34 ? 163 CYS B C   1 
ATOM   1350 O O   . CYS A 1 157 ? -17.975 1.176   0.175   1.00 13.99 ? 163 CYS B O   1 
ATOM   1351 C CB  . CYS A 1 157 ? -15.128 1.210   1.455   1.00 11.10 ? 163 CYS B CB  1 
ATOM   1352 S SG  . CYS A 1 157 ? -13.954 1.213   2.834   1.00 11.68 ? 163 CYS B SG  1 
ATOM   1353 N N   . VAL A 1 158 ? -16.932 3.115   -0.463  1.00 12.19 ? 164 VAL B N   1 
ATOM   1354 C CA  . VAL A 1 158 ? -17.604 3.153   -1.795  1.00 13.50 ? 164 VAL B CA  1 
ATOM   1355 C C   . VAL A 1 158 ? -16.467 2.932   -2.804  1.00 11.90 ? 164 VAL B C   1 
ATOM   1356 O O   . VAL A 1 158 ? -15.901 3.884   -3.314  1.00 14.48 ? 164 VAL B O   1 
ATOM   1357 C CB  . VAL A 1 158 ? -18.450 4.450   -1.938  1.00 16.09 ? 164 VAL B CB  1 
ATOM   1358 C CG1 . VAL A 1 158 ? -19.074 4.503   -3.343  1.00 16.09 ? 164 VAL B CG1 1 
ATOM   1359 C CG2 . VAL A 1 158 ? -19.520 4.549   -0.833  1.00 17.45 ? 164 VAL B CG2 1 
ATOM   1360 N N   . PHE A 1 159 ? -16.140 1.688   -3.121  1.00 11.91 ? 165 PHE B N   1 
ATOM   1361 C CA  . PHE A 1 159 ? -14.971 1.324   -3.962  1.00 12.29 ? 165 PHE B CA  1 
ATOM   1362 C C   . PHE A 1 159 ? -15.183 1.911   -5.360  1.00 13.73 ? 165 PHE B C   1 
ATOM   1363 O O   . PHE A 1 159 ? -14.239 2.493   -5.933  1.00 14.17 ? 165 PHE B O   1 
ATOM   1364 C CB  . PHE A 1 159 ? -14.716 -0.169  -3.900  1.00 12.00 ? 165 PHE B CB  1 
ATOM   1365 C CG  . PHE A 1 159 ? -14.349 -0.707  -2.537  1.00 11.18 ? 165 PHE B CG  1 
ATOM   1366 C CD1 . PHE A 1 159 ? -13.363 -0.063  -1.781  1.00 11.16 ? 165 PHE B CD1 1 
ATOM   1367 C CD2 . PHE A 1 159 ? -14.955 -1.833  -2.001  1.00 11.99 ? 165 PHE B CD2 1 
ATOM   1368 C CE1 . PHE A 1 159 ? -13.009 -0.567  -0.528  1.00 11.83 ? 165 PHE B CE1 1 
ATOM   1369 C CE2 . PHE A 1 159 ? -14.585 -2.335  -0.760  1.00 11.94 ? 165 PHE B CE2 1 
ATOM   1370 C CZ  . PHE A 1 159 ? -13.599 -1.714  -0.038  1.00 11.97 ? 165 PHE B CZ  1 
ATOM   1371 N N   . ALA A 1 160 ? -16.364 1.688   -5.957  1.00 12.64 ? 166 ALA B N   1 
ATOM   1372 C CA  . ALA A 1 160 ? -16.801 2.286   -7.242  1.00 13.29 ? 166 ALA B CA  1 
ATOM   1373 C C   . ALA A 1 160 ? -15.923 1.819   -8.398  1.00 12.97 ? 166 ALA B C   1 
ATOM   1374 O O   . ALA A 1 160 ? -15.805 2.567   -9.416  1.00 13.75 ? 166 ALA B O   1 
ATOM   1375 C CB  . ALA A 1 160 ? -16.864 3.765   -7.143  1.00 13.92 ? 166 ALA B CB  1 
ATOM   1376 N N   . GLY A 1 161 ? -15.374 0.637   -8.316  1.00 12.92 ? 167 GLY B N   1 
ATOM   1377 C CA  . GLY A 1 161 ? -14.527 0.073   -9.377  1.00 12.96 ? 167 GLY B CA  1 
ATOM   1378 C C   . GLY A 1 161 ? -13.717 -1.095  -8.871  1.00 12.47 ? 167 GLY B C   1 
ATOM   1379 O O   . GLY A 1 161 ? -13.756 -1.427  -7.654  1.00 12.98 ? 167 GLY B O   1 
ATOM   1380 N N   . PRO A 1 162 ? -12.969 -1.757  -9.746  1.00 11.49 ? 168 PRO B N   1 
ATOM   1381 C CA  . PRO A 1 162 ? -12.017 -2.778  -9.340  1.00 11.20 ? 168 PRO B CA  1 
ATOM   1382 C C   . PRO A 1 162 ? -10.945 -2.168  -8.413  1.00 11.54 ? 168 PRO B C   1 
ATOM   1383 O O   . PRO A 1 162 ? -10.613 -0.997  -8.595  1.00 12.15 ? 168 PRO B O   1 
ATOM   1384 C CB  . PRO A 1 162 ? -11.365 -3.293  -10.638 1.00 12.41 ? 168 PRO B CB  1 
ATOM   1385 C CG  . PRO A 1 162 ? -12.320 -2.731  -11.729 1.00 12.61 ? 168 PRO B CG  1 
ATOM   1386 C CD  . PRO A 1 162 ? -12.888 -1.467  -11.198 1.00 11.84 ? 168 PRO B CD  1 
ATOM   1387 N N   . LEU A 1 163 ? -10.477 -2.973  -7.483  1.00 11.12 ? 169 LEU B N   1 
ATOM   1388 C CA  . LEU A 1 163 ? -9.420  -2.540  -6.521  1.00 10.42 ? 169 LEU B CA  1 
ATOM   1389 C C   . LEU A 1 163 ? -8.093  -3.195  -6.878  1.00 10.47 ? 169 LEU B C   1 
ATOM   1390 O O   . LEU A 1 163 ? -8.037  -4.352  -7.287  1.00 12.13 ? 169 LEU B O   1 
ATOM   1391 C CB  . LEU A 1 163 ? -9.817  -2.930  -5.099  1.00 10.94 ? 169 LEU B CB  1 
ATOM   1392 C CG  . LEU A 1 163 ? -10.979 -2.178  -4.468  1.00 12.61 ? 169 LEU B CG  1 
ATOM   1393 C CD1 . LEU A 1 163 ? -11.307 -2.825  -3.128  1.00 12.22 ? 169 LEU B CD1 1 
ATOM   1394 C CD2 . LEU A 1 163 ? -10.702 -0.697  -4.355  1.00 12.71 ? 169 LEU B CD2 1 
ATOM   1395 N N   . ARG A 1 164 ? -7.014  -2.460  -6.603  1.00 10.65 ? 170 ARG B N   1 
ATOM   1396 C CA  . ARG A 1 164 ? -5.629  -2.961  -6.721  1.00 10.23 ? 170 ARG B CA  1 
ATOM   1397 C C   . ARG A 1 164 ? -4.859  -2.740  -5.430  1.00 9.19  ? 170 ARG B C   1 
ATOM   1398 O O   . ARG A 1 164 ? -5.017  -1.691  -4.805  1.00 9.93  ? 170 ARG B O   1 
ATOM   1399 C CB  . ARG A 1 164 ? -4.923  -2.293  -7.909  1.00 11.72 ? 170 ARG B CB  1 
ATOM   1400 C CG  . ARG A 1 164 ? -5.630  -2.623  -9.226  1.00 13.80 ? 170 ARG B CG  1 
ATOM   1401 C CD  . ARG A 1 164 ? -4.966  -2.079  -10.452 1.00 15.25 ? 170 ARG B CD  1 
ATOM   1402 N NE  . ARG A 1 164 ? -3.695  -2.736  -10.656 1.00 14.58 ? 170 ARG B NE  1 
ATOM   1403 C CZ  . ARG A 1 164 ? -2.933  -2.487  -11.700 1.00 15.84 ? 170 ARG B CZ  1 
ATOM   1404 N NH1 . ARG A 1 164 ? -3.368  -1.667  -12.631 1.00 16.44 ? 170 ARG B NH1 1 
ATOM   1405 N NH2 . ARG A 1 164 ? -1.768  -3.081  -11.781 1.00 15.51 ? 170 ARG B NH2 1 
ATOM   1406 N N   . PRO A 1 165 ? -3.999  -3.691  -5.019  1.00 9.05  ? 171 PRO B N   1 
ATOM   1407 C CA  . PRO A 1 165 ? -3.068  -3.416  -3.910  1.00 9.59  ? 171 PRO B CA  1 
ATOM   1408 C C   . PRO A 1 165 ? -2.220  -2.180  -4.239  1.00 9.20  ? 171 PRO B C   1 
ATOM   1409 O O   . PRO A 1 165 ? -1.808  -1.977  -5.364  1.00 9.65  ? 171 PRO B O   1 
ATOM   1410 C CB  . PRO A 1 165 ? -2.217  -4.673  -3.810  1.00 10.18 ? 171 PRO B CB  1 
ATOM   1411 C CG  . PRO A 1 165 ? -3.115  -5.763  -4.447  1.00 10.82 ? 171 PRO B CG  1 
ATOM   1412 C CD  . PRO A 1 165 ? -3.826  -5.041  -5.565  1.00 11.06 ? 171 PRO B CD  1 
ATOM   1413 N N   . PHE A 1 166 ? -2.008  -1.328  -3.241  1.00 8.94  ? 172 PHE B N   1 
ATOM   1414 C CA  . PHE A 1 166 ? -1.319  -0.032  -3.372  1.00 9.36  ? 172 PHE B CA  1 
ATOM   1415 C C   . PHE A 1 166 ? -0.140  0.054   -2.394  1.00 8.66  ? 172 PHE B C   1 
ATOM   1416 O O   . PHE A 1 166 ? -0.246  -0.328  -1.227  1.00 8.87  ? 172 PHE B O   1 
ATOM   1417 C CB  . PHE A 1 166 ? -2.300  1.096   -3.078  1.00 9.88  ? 172 PHE B CB  1 
ATOM   1418 C CG  . PHE A 1 166 ? -1.655  2.455   -3.055  1.00 9.57  ? 172 PHE B CG  1 
ATOM   1419 C CD1 . PHE A 1 166 ? -1.338  3.113   -4.243  1.00 10.04 ? 172 PHE B CD1 1 
ATOM   1420 C CD2 . PHE A 1 166 ? -1.263  3.063   -1.874  1.00 10.68 ? 172 PHE B CD2 1 
ATOM   1421 C CE1 . PHE A 1 166 ? -0.731  4.350   -4.227  1.00 10.59 ? 172 PHE B CE1 1 
ATOM   1422 C CE2 . PHE A 1 166 ? -0.604  4.271   -1.869  1.00 10.47 ? 172 PHE B CE2 1 
ATOM   1423 C CZ  . PHE A 1 166 ? -0.339  4.918   -3.049  1.00 10.93 ? 172 PHE B CZ  1 
ATOM   1424 N N   . PHE A 1 167 ? 0.996   0.590   -2.899  1.00 8.75  ? 173 PHE B N   1 
ATOM   1425 C CA  . PHE A 1 167 ? 2.267   0.681   -2.157  1.00 8.58  ? 173 PHE B CA  1 
ATOM   1426 C C   . PHE A 1 167 ? 2.897   2.033   -2.445  1.00 9.35  ? 173 PHE B C   1 
ATOM   1427 O O   . PHE A 1 167 ? 3.003   2.434   -3.611  1.00 9.64  ? 173 PHE B O   1 
ATOM   1428 C CB  . PHE A 1 167 ? 3.251   -0.408  -2.601  1.00 9.31  ? 173 PHE B CB  1 
ATOM   1429 C CG  . PHE A 1 167 ? 2.657   -1.794  -2.540  1.00 9.06  ? 173 PHE B CG  1 
ATOM   1430 C CD1 . PHE A 1 167 ? 1.950   -2.310  -3.610  1.00 9.32  ? 173 PHE B CD1 1 
ATOM   1431 C CD2 . PHE A 1 167 ? 2.809   -2.610  -1.428  1.00 10.25 ? 173 PHE B CD2 1 
ATOM   1432 C CE1 . PHE A 1 167 ? 1.333   -3.559  -3.556  1.00 9.39  ? 173 PHE B CE1 1 
ATOM   1433 C CE2 . PHE A 1 167 ? 2.236   -3.874  -1.385  1.00 10.23 ? 173 PHE B CE2 1 
ATOM   1434 C CZ  . PHE A 1 167 ? 1.524   -4.361  -2.462  1.00 10.29 ? 173 PHE B CZ  1 
ATOM   1435 N N   . ASN A 1 168 ? 3.510   2.618   -1.420  1.00 9.51  ? 174 ASN B N   1 
ATOM   1436 C CA  . ASN A 1 168 ? 4.429   3.778   -1.543  1.00 9.44  ? 174 ASN B CA  1 
ATOM   1437 C C   . ASN A 1 168 ? 5.644   3.477   -0.676  1.00 8.80  ? 174 ASN B C   1 
ATOM   1438 O O   . ASN A 1 168 ? 5.486   3.354   0.549   1.00 9.90  ? 174 ASN B O   1 
ATOM   1439 C CB  . ASN A 1 168 ? 3.773   5.089   -1.119  1.00 9.61  ? 174 ASN B CB  1 
ATOM   1440 C CG  . ASN A 1 168 ? 4.647   6.293   -1.397  1.00 10.08 ? 174 ASN B CG  1 
ATOM   1441 O OD1 . ASN A 1 168 ? 5.799   6.202   -1.819  1.00 11.25 ? 174 ASN B OD1 1 
ATOM   1442 N ND2 . ASN A 1 168 ? 4.101   7.470   -1.206  1.00 11.95 ? 174 ASN B ND2 1 
ATOM   1443 N N   . VAL A 1 169 ? 6.840   3.342   -1.271  1.00 8.86  ? 175 VAL B N   1 
ATOM   1444 C CA  . VAL A 1 169 ? 8.072   3.068   -0.486  1.00 9.50  ? 175 VAL B CA  1 
ATOM   1445 C C   . VAL A 1 169 ? 8.557   4.329   0.225   1.00 9.53  ? 175 VAL B C   1 
ATOM   1446 O O   . VAL A 1 169 ? 9.492   4.205   1.050   1.00 10.42 ? 175 VAL B O   1 
ATOM   1447 C CB  . VAL A 1 169 ? 9.200   2.435   -1.333  1.00 10.66 ? 175 VAL B CB  1 
ATOM   1448 C CG1 . VAL A 1 169 ? 8.798   1.103   -1.908  1.00 11.54 ? 175 VAL B CG1 1 
ATOM   1449 C CG2 . VAL A 1 169 ? 9.681   3.376   -2.430  1.00 10.63 ? 175 VAL B CG2 1 
ATOM   1450 N N   . GLY A 1 170 ? 8.067   5.504   -0.149  1.00 9.70  ? 176 GLY B N   1 
ATOM   1451 C CA  . GLY A 1 170 ? 8.502   6.797   0.419   1.00 9.80  ? 176 GLY B CA  1 
ATOM   1452 C C   . GLY A 1 170 ? 9.822   7.249   -0.170  1.00 9.69  ? 176 GLY B C   1 
ATOM   1453 O O   . GLY A 1 170 ? 10.549  6.512   -0.830  1.00 10.02 ? 176 GLY B O   1 
ATOM   1454 N N   . PHE A 1 171 ? 10.036  8.555   -0.034  1.00 10.20 ? 177 PHE B N   1 
ATOM   1455 C CA  . PHE A 1 171 ? 11.314  9.197   -0.409  1.00 9.90  ? 177 PHE B CA  1 
ATOM   1456 C C   . PHE A 1 171 ? 12.407  8.772   0.543   1.00 9.60  ? 177 PHE B C   1 
ATOM   1457 O O   . PHE A 1 171 ? 12.141  8.222   1.614   1.00 10.17 ? 177 PHE B O   1 
ATOM   1458 C CB  . PHE A 1 171 ? 11.179  10.726  -0.533  1.00 10.78 ? 177 PHE B CB  1 
ATOM   1459 C CG  . PHE A 1 171 ? 10.322  11.169  -1.693  1.00 11.01 ? 177 PHE B CG  1 
ATOM   1460 C CD1 . PHE A 1 171 ? 10.828  11.179  -2.981  1.00 13.04 ? 177 PHE B CD1 1 
ATOM   1461 C CD2 . PHE A 1 171 ? 9.007   11.563  -1.509  1.00 12.40 ? 177 PHE B CD2 1 
ATOM   1462 C CE1 . PHE A 1 171 ? 10.028  11.560  -4.056  1.00 14.18 ? 177 PHE B CE1 1 
ATOM   1463 C CE2 . PHE A 1 171 ? 8.231   11.970  -2.592  1.00 13.30 ? 177 PHE B CE2 1 
ATOM   1464 C CZ  . PHE A 1 171 ? 8.761   12.001  -3.840  1.00 14.71 ? 177 PHE B CZ  1 
ATOM   1465 N N   . ASN A 1 172 ? 13.640  9.035   0.132   1.00 10.27 ? 178 ASN B N   1 
ATOM   1466 C CA  . ASN A 1 172 ? 14.801  8.739   0.997   1.00 10.11 ? 178 ASN B CA  1 
ATOM   1467 C C   . ASN A 1 172 ? 15.671  10.001  1.026   1.00 10.47 ? 178 ASN B C   1 
ATOM   1468 O O   . ASN A 1 172 ? 16.904  9.902   0.833   1.00 11.88 ? 178 ASN B O   1 
ATOM   1469 C CB  . ASN A 1 172 ? 15.542  7.508   0.507   1.00 10.76 ? 178 ASN B CB  1 
ATOM   1470 C CG  . ASN A 1 172 ? 16.619  7.066   1.464   1.00 11.08 ? 178 ASN B CG  1 
ATOM   1471 O OD1 . ASN A 1 172 ? 16.567  7.295   2.663   1.00 11.35 ? 178 ASN B OD1 1 
ATOM   1472 N ND2 . ASN A 1 172 ? 17.618  6.389   0.915   1.00 12.10 ? 178 ASN B ND2 1 
ATOM   1473 N N   . TYR A 1 173 ? 15.126  11.132  1.392   1.00 10.72 ? 179 TYR B N   1 
ATOM   1474 C CA  . TYR A 1 173 ? 15.898  12.366  1.646   1.00 10.26 ? 179 TYR B CA  1 
ATOM   1475 C C   . TYR A 1 173 ? 16.831  12.165  2.824   1.00 10.80 ? 179 TYR B C   1 
ATOM   1476 O O   . TYR A 1 173 ? 17.956  12.768  2.841   1.00 11.92 ? 179 TYR B O   1 
ATOM   1477 C CB  . TYR A 1 173 ? 14.983  13.562  1.922   1.00 10.69 ? 179 TYR B CB  1 
ATOM   1478 C CG  . TYR A 1 173 ? 14.081  13.962  0.781   1.00 13.04 ? 179 TYR B CG  1 
ATOM   1479 C CD1 . TYR A 1 173 ? 14.591  14.673  -0.297  1.00 16.08 ? 179 TYR B CD1 1 
ATOM   1480 C CD2 . TYR A 1 173 ? 12.708  13.728  0.834   1.00 14.08 ? 179 TYR B CD2 1 
ATOM   1481 C CE1 . TYR A 1 173 ? 13.771  15.026  -1.363  1.00 17.53 ? 179 TYR B CE1 1 
ATOM   1482 C CE2 . TYR A 1 173 ? 11.887  14.073  -0.248  1.00 15.17 ? 179 TYR B CE2 1 
ATOM   1483 C CZ  . TYR A 1 173 ? 12.434  14.710  -1.322  1.00 16.92 ? 179 TYR B CZ  1 
ATOM   1484 O OH  . TYR A 1 173 ? 11.590  15.113  -2.337  1.00 22.17 ? 179 TYR B OH  1 
ATOM   1485 N N   . SER A 1 174 ? 16.472  11.392  3.844   1.00 10.16 ? 180 SER B N   1 
ATOM   1486 C CA  . SER A 1 174 ? 17.233  11.281  5.112   1.00 11.56 ? 180 SER B CA  1 
ATOM   1487 C C   . SER A 1 174 ? 18.406  10.306  5.012   1.00 11.20 ? 180 SER B C   1 
ATOM   1488 O O   . SER A 1 174 ? 19.290  10.317  5.891   1.00 12.63 ? 180 SER B O   1 
ATOM   1489 C CB  . SER A 1 174 ? 16.347  10.841  6.232   1.00 10.76 ? 180 SER B CB  1 
ATOM   1490 O OG  . SER A 1 174 ? 15.900  9.499   5.939   1.00 11.76 ? 180 SER B OG  1 
ATOM   1491 N N   . GLY A 1 175 ? 18.392  9.410   4.047   1.00 10.14 ? 181 GLY B N   1 
ATOM   1492 C CA  . GLY A 1 175 ? 19.331  8.281   4.042   1.00 11.02 ? 181 GLY B CA  1 
ATOM   1493 C C   . GLY A 1 175 ? 18.947  7.178   5.001   1.00 11.97 ? 181 GLY B C   1 
ATOM   1494 O O   . GLY A 1 175 ? 19.714  6.213   5.117   1.00 14.09 ? 181 GLY B O   1 
ATOM   1495 N N   . GLY A 1 176 ? 17.810  7.274   5.694   1.00 10.78 ? 182 GLY B N   1 
ATOM   1496 C CA  . GLY A 1 176 ? 17.351  6.255   6.648   1.00 11.00 ? 182 GLY B CA  1 
ATOM   1497 C C   . GLY A 1 176 ? 16.148  5.471   6.118   1.00 11.80 ? 182 GLY B C   1 
ATOM   1498 O O   . GLY A 1 176 ? 15.634  4.653   6.906   1.00 13.18 ? 182 GLY B O   1 
ATOM   1499 N N   . ASN A 1 177 ? 15.716  5.684   4.900   1.00 10.11 ? 183 ASN B N   1 
ATOM   1500 C CA  . ASN A 1 177 ? 14.481  5.054   4.372   1.00 10.13 ? 183 ASN B CA  1 
ATOM   1501 C C   . ASN A 1 177 ? 14.746  4.234   3.119   1.00 10.01 ? 183 ASN B C   1 
ATOM   1502 O O   . ASN A 1 177 ? 13.792  4.034   2.342   1.00 11.26 ? 183 ASN B O   1 
ATOM   1503 C CB  . ASN A 1 177 ? 13.377  6.077   4.123   1.00 10.09 ? 183 ASN B CB  1 
ATOM   1504 C CG  . ASN A 1 177 ? 11.998  5.441   4.025   1.00 9.85  ? 183 ASN B CG  1 
ATOM   1505 O OD1 . ASN A 1 177 ? 11.733  4.482   4.745   1.00 10.31 ? 183 ASN B OD1 1 
ATOM   1506 N ND2 . ASN A 1 177 ? 11.173  5.958   3.134   1.00 9.70  ? 183 ASN B ND2 1 
ATOM   1507 N N   . ALA A 1 178 ? 15.936  3.672   2.953   1.00 10.94 ? 184 ALA B N   1 
ATOM   1508 C CA  . ALA A 1 178 ? 16.256  2.901   1.729   1.00 11.51 ? 184 ALA B CA  1 
ATOM   1509 C C   . ALA A 1 178 ? 15.635  1.505   1.724   1.00 11.91 ? 184 ALA B C   1 
ATOM   1510 O O   . ALA A 1 178 ? 15.535  0.894   0.645   1.00 13.46 ? 184 ALA B O   1 
ATOM   1511 C CB  . ALA A 1 178 ? 17.781  2.776   1.578   1.00 12.30 ? 184 ALA B CB  1 
ATOM   1512 N N   . ALA A 1 179 ? 15.246  0.990   2.874   1.00 11.00 ? 185 ALA B N   1 
ATOM   1513 C CA  . ALA A 1 179 ? 14.817  -0.428  2.965   1.00 11.08 ? 185 ALA B CA  1 
ATOM   1514 C C   . ALA A 1 179 ? 13.587  -0.661  2.074   1.00 11.30 ? 185 ALA B C   1 
ATOM   1515 O O   . ALA A 1 179 ? 12.721  0.211   1.859   1.00 11.05 ? 185 ALA B O   1 
ATOM   1516 C CB  . ALA A 1 179 ? 14.506  -0.818  4.390   1.00 11.39 ? 185 ALA B CB  1 
ATOM   1517 N N   . PRO A 1 180 ? 13.425  -1.896  1.571   1.00 10.83 ? 186 PRO B N   1 
ATOM   1518 C CA  . PRO A 1 180 ? 12.293  -2.238  0.705   1.00 11.06 ? 186 PRO B CA  1 
ATOM   1519 C C   . PRO A 1 180 ? 10.960  -2.460  1.465   1.00 10.20 ? 186 PRO B C   1 
ATOM   1520 O O   . PRO A 1 180 ? 10.962  -2.723  2.651   1.00 11.40 ? 186 PRO B O   1 
ATOM   1521 C CB  . PRO A 1 180 ? 12.733  -3.580  0.080   1.00 12.01 ? 186 PRO B CB  1 
ATOM   1522 C CG  . PRO A 1 180 ? 13.580  -4.218  1.147   1.00 14.41 ? 186 PRO B CG  1 
ATOM   1523 C CD  . PRO A 1 180 ? 14.355  -3.034  1.718   1.00 13.83 ? 186 PRO B CD  1 
ATOM   1524 N N   . LEU A 1 181 ? 9.861   -2.403  0.717   1.00 10.67 ? 187 LEU B N   1 
ATOM   1525 C CA  . LEU A 1 181 ? 8.592   -3.088  1.106   1.00 11.13 ? 187 LEU B CA  1 
ATOM   1526 C C   . LEU A 1 181 ? 8.664   -4.493  0.530   1.00 10.89 ? 187 LEU B C   1 
ATOM   1527 O O   . LEU A 1 181 ? 9.072   -4.661  -0.636  1.00 13.07 ? 187 LEU B O   1 
ATOM   1528 C CB  . LEU A 1 181 ? 7.406   -2.347  0.533   1.00 10.70 ? 187 LEU B CB  1 
ATOM   1529 C CG  . LEU A 1 181 ? 7.168   -0.946  1.115   1.00 11.29 ? 187 LEU B CG  1 
ATOM   1530 C CD1 . LEU A 1 181 ? 6.024   -0.232  0.385   1.00 11.66 ? 187 LEU B CD1 1 
ATOM   1531 C CD2 . LEU A 1 181 ? 6.824   -0.975  2.578   1.00 12.79 ? 187 LEU B CD2 1 
ATOM   1532 N N   . LYS A 1 182 ? 8.299   -5.499  1.310   1.00 10.89 ? 188 LYS B N   1 
ATOM   1533 C CA  . LYS A 1 182 ? 8.359   -6.900  0.839   1.00 11.57 ? 188 LYS B CA  1 
ATOM   1534 C C   . LYS A 1 182 ? 7.000   -7.540  1.075   1.00 12.14 ? 188 LYS B C   1 
ATOM   1535 O O   . LYS A 1 182 ? 6.496   -7.522  2.234   1.00 12.51 ? 188 LYS B O   1 
ATOM   1536 C CB  . LYS A 1 182 ? 9.437   -7.714  1.558   1.00 13.33 ? 188 LYS B CB  1 
ATOM   1537 C CG  . LYS A 1 182 ? 10.838  -7.132  1.589   1.00 16.25 ? 188 LYS B CG  1 
ATOM   1538 C CD  . LYS A 1 182 ? 11.880  -8.092  2.197   1.00 18.44 ? 188 LYS B CD  1 
ATOM   1539 C CE  . LYS A 1 182 ? 13.274  -7.525  2.328   1.00 22.70 ? 188 LYS B CE  1 
ATOM   1540 N NZ  . LYS A 1 182 ? 14.136  -8.478  3.074   1.00 29.50 ? 188 LYS B NZ  1 
ATOM   1541 N N   . LEU A 1 183 ? 6.478   -8.243  0.099   1.00 11.96 ? 189 LEU B N   1 
ATOM   1542 C CA  . LEU A 1 183 ? 5.267   -9.092  0.271   1.00 12.48 ? 189 LEU B CA  1 
ATOM   1543 C C   . LEU A 1 183 ? 5.684   -10.386 0.950   1.00 13.81 ? 189 LEU B C   1 
ATOM   1544 O O   . LEU A 1 183 ? 6.549   -11.099 0.376   1.00 17.17 ? 189 LEU B O   1 
ATOM   1545 C CB  . LEU A 1 183 ? 4.597   -9.286  -1.088  1.00 13.45 ? 189 LEU B CB  1 
ATOM   1546 C CG  . LEU A 1 183 ? 3.806   -8.050  -1.528  1.00 14.11 ? 189 LEU B CG  1 
ATOM   1547 C CD1 . LEU A 1 183 ? 3.647   -7.911  -3.032  1.00 18.23 ? 189 LEU B CD1 1 
ATOM   1548 C CD2 . LEU A 1 183 ? 2.460   -7.957  -0.792  1.00 12.14 ? 189 LEU B CD2 1 
ATOM   1549 N N   . CYS A 1 184 ? 5.104   -10.666 2.108   1.00 16.11 ? 190 CYS B N   1 
ATOM   1550 C CA  . CYS A 1 184 ? 5.491   -11.815 2.978   1.00 18.59 ? 190 CYS B CA  1 
ATOM   1551 C C   . CYS A 1 184 ? 4.835   -13.079 2.471   1.00 20.21 ? 190 CYS B C   1 
ATOM   1552 O O   . CYS A 1 184 ? 3.694   -13.058 2.048   1.00 22.21 ? 190 CYS B O   1 
ATOM   1553 C CB  . CYS A 1 184 ? 4.915   -11.688 4.372   1.00 21.20 ? 190 CYS B CB  1 
ATOM   1554 S SG  . CYS A 1 184 ? 5.244   -10.125 5.174   1.00 22.26 ? 190 CYS B SG  1 
ATOM   1555 N N   . PRO A 1 185 ? 5.509   -14.241 2.605   1.00 26.15 ? 191 PRO B N   1 
ATOM   1556 C CA  . PRO A 1 185 ? 4.962   -15.505 2.146   1.00 32.20 ? 191 PRO B CA  1 
ATOM   1557 C C   . PRO A 1 185 ? 3.785   -15.878 3.049   1.00 32.43 ? 191 PRO B C   1 
ATOM   1558 O O   . PRO A 1 185 ? 3.809   -15.532 4.235   1.00 33.35 ? 191 PRO B O   1 
ATOM   1559 C CB  . PRO A 1 185 ? 6.168   -16.461 2.248   1.00 31.04 ? 191 PRO B CB  1 
ATOM   1560 C CG  . PRO A 1 185 ? 7.030   -15.863 3.322   1.00 30.27 ? 191 PRO B CG  1 
ATOM   1561 C CD  . PRO A 1 185 ? 6.871   -14.370 3.149   1.00 28.15 ? 191 PRO B CD  1 
ATOM   1562 N N   . LEU A 1 186 ? 2.806   -16.545 2.433   1.00 38.93 ? 192 LEU B N   1 
ATOM   1563 C CA  . LEU A 1 186 ? 1.652   -17.254 3.047   1.00 39.06 ? 192 LEU B CA  1 
ATOM   1564 C C   . LEU A 1 186 ? 2.152   -18.335 4.008   1.00 45.79 ? 192 LEU B C   1 
ATOM   1565 O O   . LEU A 1 186 ? 1.366   -18.763 4.861   1.00 50.13 ? 192 LEU B O   1 
ATOM   1566 C CB  . LEU A 1 186 ? 0.823   -17.887 1.924   1.00 38.86 ? 192 LEU B CB  1 
HETATM 1567 C C4  . U2R B 2 .   ? 9.546   12.112  -7.664  0.52 16.56 ? 201 U2R B C4  1 
HETATM 1568 C C5  . U2R B 2 .   ? 9.468   10.735  -7.723  0.52 16.42 ? 201 U2R B C5  1 
HETATM 1569 C C6  . U2R B 2 .   ? 10.613  9.955   -7.822  0.52 16.34 ? 201 U2R B C6  1 
HETATM 1570 C C7  . U2R B 2 .   ? 11.847  10.574  -7.878  0.52 15.74 ? 201 U2R B C7  1 
HETATM 1571 C C   . U2R B 2 .   ? 13.889  12.546  -5.604  0.52 17.13 ? 201 U2R B C   1 
HETATM 1572 O O   . U2R B 2 .   ? 14.379  11.848  -4.692  0.52 20.88 ? 201 U2R B O   1 
HETATM 1573 C C1  . U2R B 2 .   ? 14.174  12.134  -7.036  0.52 16.22 ? 201 U2R B C1  1 
HETATM 1574 C C2  . U2R B 2 .   ? 11.927  11.946  -7.814  0.52 16.47 ? 201 U2R B C2  1 
HETATM 1575 C C3  . U2R B 2 .   ? 10.788  12.715  -7.710  0.52 16.48 ? 201 U2R B C3  1 
HETATM 1576 F F   . U2R B 2 .   ? 8.247   10.134  -7.656  0.52 20.06 ? 201 U2R B F   1 
HETATM 1577 O O1  . U2R B 2 .   ? 13.150  13.541  -5.360  0.52 18.64 ? 201 U2R B O1  1 
HETATM 1578 O O2  . U2R B 2 .   ? 13.149  12.608  -7.867  0.52 16.08 ? 201 U2R B O2  1 
HETATM 1579 C C1  . EDO C 3 .   ? 4.414   21.475  -11.996 1.00 37.69 ? 202 EDO B C1  1 
HETATM 1580 O O1  . EDO C 3 .   ? 4.301   20.075  -11.814 1.00 31.54 ? 202 EDO B O1  1 
HETATM 1581 C C2  . EDO C 3 .   ? 4.785   22.189  -10.754 1.00 36.06 ? 202 EDO B C2  1 
HETATM 1582 O O2  . EDO C 3 .   ? 5.777   21.510  -10.012 1.00 41.45 ? 202 EDO B O2  1 
HETATM 1583 S S   . SO4 D 4 .   ? -6.287  16.731  -3.697  1.00 34.40 ? 203 SO4 B S   1 
HETATM 1584 O O1  . SO4 D 4 .   ? -5.920  15.562  -4.404  1.00 23.57 ? 203 SO4 B O1  1 
HETATM 1585 O O2  . SO4 D 4 .   ? -6.516  17.810  -4.620  1.00 42.79 ? 203 SO4 B O2  1 
HETATM 1586 O O3  . SO4 D 4 .   ? -7.497  16.445  -2.956  1.00 42.15 ? 203 SO4 B O3  1 
HETATM 1587 O O4  . SO4 D 4 .   ? -5.250  17.114  -2.756  1.00 37.88 ? 203 SO4 B O4  1 
HETATM 1588 O O   . HOH E 5 .   ? -16.343 6.726   -3.416  1.00 21.58 ? 301 HOH B O   1 
HETATM 1589 O O   . HOH E 5 .   ? 19.524  9.800   -5.372  1.00 37.12 ? 302 HOH B O   1 
HETATM 1590 O O   . HOH E 5 .   ? 2.511   11.579  10.614  1.00 28.75 ? 303 HOH B O   1 
HETATM 1591 O O   . HOH E 5 .   ? 6.827   -8.728  13.223  1.00 26.81 ? 304 HOH B O   1 
HETATM 1592 O O   . HOH E 5 .   ? 19.900  7.092   -13.867 1.00 15.81 ? 305 HOH B O   1 
HETATM 1593 O O   . HOH E 5 .   ? 3.054   18.256  -10.620 1.00 22.16 ? 306 HOH B O   1 
HETATM 1594 O O   . HOH E 5 .   ? 11.636  -2.763  -11.682 1.00 19.70 ? 307 HOH B O   1 
HETATM 1595 O O   . HOH E 5 .   ? 16.779  1.540   -1.701  1.00 16.81 ? 308 HOH B O   1 
HETATM 1596 O O   . HOH E 5 .   ? -15.461 -4.150  -10.897 1.00 15.19 ? 309 HOH B O   1 
HETATM 1597 O O   . HOH E 5 .   ? -18.921 -7.664  -6.063  1.00 13.21 ? 310 HOH B O   1 
HETATM 1598 O O   . HOH E 5 .   ? 15.759  6.048   11.270  1.00 25.78 ? 311 HOH B O   1 
HETATM 1599 O O   . HOH E 5 .   ? -2.245  0.499   -14.617 1.00 21.92 ? 312 HOH B O   1 
HETATM 1600 O O   . HOH E 5 .   ? -15.905 -8.516  6.760   1.00 28.87 ? 313 HOH B O   1 
HETATM 1601 O O   . HOH E 5 .   ? -17.089 -10.293 0.367   1.00 30.27 ? 314 HOH B O   1 
HETATM 1602 O O   . HOH E 5 .   ? 24.077  5.401   -4.696  1.00 37.93 ? 315 HOH B O   1 
HETATM 1603 O O   . HOH E 5 .   ? -16.347 -13.454 -4.483  1.00 41.87 ? 316 HOH B O   1 
HETATM 1604 O O   . HOH E 5 .   ? -18.981 6.285   2.818   1.00 29.81 ? 317 HOH B O   1 
HETATM 1605 O O   . HOH E 5 .   ? -5.944  12.176  3.364   1.00 23.98 ? 318 HOH B O   1 
HETATM 1606 O O   . HOH E 5 .   ? -9.007  14.327  -0.648  1.00 31.02 ? 319 HOH B O   1 
HETATM 1607 O O   . HOH E 5 .   ? -12.662 2.471   -11.555 1.00 27.75 ? 320 HOH B O   1 
HETATM 1608 O O   . HOH E 5 .   ? -0.135  -13.392 10.490  1.00 26.33 ? 321 HOH B O   1 
HETATM 1609 O O   . HOH E 5 .   ? -2.273  8.679   -16.799 1.00 27.38 ? 322 HOH B O   1 
HETATM 1610 O O   . HOH E 5 .   ? -4.351  9.658   -7.647  1.00 26.38 ? 323 HOH B O   1 
HETATM 1611 O O   . HOH E 5 .   ? 2.076   9.887   0.751   1.00 29.13 ? 324 HOH B O   1 
HETATM 1612 O O   . HOH E 5 .   ? 6.313   0.583   11.101  1.00 13.84 ? 325 HOH B O   1 
HETATM 1613 O O   . HOH E 5 .   ? -19.675 1.647   9.647   1.00 27.15 ? 326 HOH B O   1 
HETATM 1614 O O   . HOH E 5 .   ? 4.638   13.012  13.596  1.00 30.44 ? 327 HOH B O   1 
HETATM 1615 O O   . HOH E 5 .   ? 4.671   15.379  11.642  1.00 23.52 ? 328 HOH B O   1 
HETATM 1616 O O   . HOH E 5 .   ? -5.575  6.319   -14.076 1.00 32.27 ? 329 HOH B O   1 
HETATM 1617 O O   . HOH E 5 .   ? 10.288  -9.879  -12.832 1.00 28.44 ? 330 HOH B O   1 
HETATM 1618 O O   . HOH E 5 .   ? -12.868 -3.890  12.420  1.00 17.11 ? 331 HOH B O   1 
HETATM 1619 O O   . HOH E 5 .   ? -7.314  12.385  -7.702  1.00 31.25 ? 332 HOH B O   1 
HETATM 1620 O O   . HOH E 5 .   ? -11.612 -16.017 0.150   1.00 29.56 ? 333 HOH B O   1 
HETATM 1621 O O   . HOH E 5 .   ? -7.244  15.362  11.639  1.00 37.95 ? 334 HOH B O   1 
HETATM 1622 O O   . HOH E 5 .   ? -12.433 -6.162  9.281   1.00 23.16 ? 335 HOH B O   1 
HETATM 1623 O O   . HOH E 5 .   ? 9.971   -9.273  11.825  1.00 33.83 ? 336 HOH B O   1 
HETATM 1624 O O   . HOH E 5 .   ? 19.232  10.036  8.592   1.00 16.40 ? 337 HOH B O   1 
HETATM 1625 O O   . HOH E 5 .   ? 0.796   -12.066 14.619  1.00 30.14 ? 338 HOH B O   1 
HETATM 1626 O O   . HOH E 5 .   ? -18.162 -12.325 -3.089  1.00 29.09 ? 339 HOH B O   1 
HETATM 1627 O O   . HOH E 5 .   ? 6.569   14.849  -5.242  1.00 24.24 ? 340 HOH B O   1 
HETATM 1628 O O   . HOH E 5 .   ? 18.810  14.103  0.621   1.00 21.84 ? 341 HOH B O   1 
HETATM 1629 O O   . HOH E 5 .   ? 17.540  5.597   -1.861  1.00 31.28 ? 342 HOH B O   1 
HETATM 1630 O O   . HOH E 5 .   ? -6.639  6.608   2.044   1.00 11.44 ? 343 HOH B O   1 
HETATM 1631 O O   . HOH E 5 .   ? 0.755   -12.001 -0.945  1.00 17.00 ? 344 HOH B O   1 
HETATM 1632 O O   . HOH E 5 .   ? 12.696  4.879   -0.013  1.00 13.54 ? 345 HOH B O   1 
HETATM 1633 O O   . HOH E 5 .   ? 10.874  -12.157 -2.034  1.00 23.33 ? 346 HOH B O   1 
HETATM 1634 O O   . HOH E 5 .   ? 12.439  -3.715  4.947   1.00 24.30 ? 347 HOH B O   1 
HETATM 1635 O O   . HOH E 5 .   ? 9.274   7.766   10.897  1.00 14.37 ? 348 HOH B O   1 
HETATM 1636 O O   . HOH E 5 .   ? -12.881 5.806   7.802   1.00 16.79 ? 349 HOH B O   1 
HETATM 1637 O O   . HOH E 5 .   ? -11.492 6.994   -10.233 1.00 22.53 ? 350 HOH B O   1 
HETATM 1638 O O   . HOH E 5 .   ? 5.977   9.096   -15.087 1.00 24.82 ? 351 HOH B O   1 
HETATM 1639 O O   . HOH E 5 .   ? -14.266 -5.950  -12.627 1.00 21.65 ? 352 HOH B O   1 
HETATM 1640 O O   . HOH E 5 .   ? 3.285   -7.689  21.284  1.00 50.45 ? 353 HOH B O   1 
HETATM 1641 O O   . HOH E 5 .   ? 11.877  -7.377  11.201  1.00 29.28 ? 354 HOH B O   1 
HETATM 1642 O O   . HOH E 5 .   ? -19.176 -1.239  5.670   1.00 17.52 ? 355 HOH B O   1 
HETATM 1643 O O   . HOH E 5 .   ? -7.664  9.598   -8.187  1.00 17.72 ? 356 HOH B O   1 
HETATM 1644 O O   . HOH E 5 .   ? 1.704   -11.189 1.527   1.00 14.36 ? 357 HOH B O   1 
HETATM 1645 O O   . HOH E 5 .   ? 1.908   11.277  -9.413  1.00 13.43 ? 358 HOH B O   1 
HETATM 1646 O O   . HOH E 5 .   ? -6.847  4.334   16.669  1.00 15.35 ? 359 HOH B O   1 
HETATM 1647 O O   . HOH E 5 .   ? -7.622  5.910   14.701  1.00 16.02 ? 360 HOH B O   1 
HETATM 1648 O O   . HOH E 5 .   ? 8.316   0.908   9.213   1.00 12.44 ? 361 HOH B O   1 
HETATM 1649 O O   . HOH E 5 .   ? -20.221 0.669   1.758   1.00 21.21 ? 362 HOH B O   1 
HETATM 1650 O O   . HOH E 5 .   ? 10.661  1.511   -12.120 1.00 16.87 ? 363 HOH B O   1 
HETATM 1651 O O   . HOH E 5 .   ? -15.387 -11.065 -9.259  1.00 35.45 ? 364 HOH B O   1 
HETATM 1652 O O   . HOH E 5 .   ? -4.830  2.643   15.815  1.00 14.49 ? 365 HOH B O   1 
HETATM 1653 O O   . HOH E 5 .   ? 8.731   -1.153  -16.412 1.00 26.48 ? 366 HOH B O   1 
HETATM 1654 O O   . HOH E 5 .   ? -1.733  0.449   20.376  1.00 25.01 ? 367 HOH B O   1 
HETATM 1655 O O   . HOH E 5 .   ? -6.234  -2.926  18.590  1.00 16.26 ? 368 HOH B O   1 
HETATM 1656 O O   . HOH E 5 .   ? 6.327   -14.358 -7.293  1.00 31.72 ? 369 HOH B O   1 
HETATM 1657 O O   . HOH E 5 .   ? 6.942   1.648   -20.150 1.00 21.80 ? 370 HOH B O   1 
HETATM 1658 O O   . HOH E 5 .   ? 15.737  0.253   -21.054 1.00 22.00 ? 371 HOH B O   1 
HETATM 1659 O O   . HOH E 5 .   ? 12.816  2.119   -0.609  1.00 12.71 ? 372 HOH B O   1 
HETATM 1660 O O   . HOH E 5 .   ? -19.327 -9.736  3.975   1.00 28.54 ? 373 HOH B O   1 
HETATM 1661 O O   . HOH E 5 .   ? 9.296   -11.052 -0.288  1.00 24.80 ? 374 HOH B O   1 
HETATM 1662 O O   . HOH E 5 .   ? 2.796   -11.385 17.827  1.00 36.40 ? 375 HOH B O   1 
HETATM 1663 O O   . HOH E 5 .   ? 12.612  10.288  8.948   1.00 18.33 ? 376 HOH B O   1 
HETATM 1664 O O   . HOH E 5 .   ? 19.087  -0.908  5.100   1.00 25.05 ? 377 HOH B O   1 
HETATM 1665 O O   . HOH E 5 .   ? 15.315  2.096   5.714   1.00 15.22 ? 378 HOH B O   1 
HETATM 1666 O O   . HOH E 5 .   ? 8.828   7.474   -16.542 1.00 23.92 ? 379 HOH B O   1 
HETATM 1667 O O   . HOH E 5 .   ? -8.234  9.085   -13.232 1.00 36.95 ? 380 HOH B O   1 
HETATM 1668 O O   . HOH E 5 .   ? 11.119  7.426   -18.291 1.00 20.30 ? 381 HOH B O   1 
HETATM 1669 O O   . HOH E 5 .   ? 5.216   9.494   -22.087 1.00 27.33 ? 382 HOH B O   1 
HETATM 1670 O O   . HOH E 5 .   ? 4.635   16.496  -6.230  1.00 29.12 ? 383 HOH B O   1 
HETATM 1671 O O   . HOH E 5 .   ? 13.103  11.146  -13.116 1.00 18.23 ? 384 HOH B O   1 
HETATM 1672 O O   . HOH E 5 .   ? 11.271  10.816  17.982  1.00 40.18 ? 385 HOH B O   1 
HETATM 1673 O O   . HOH E 5 .   ? 8.092   21.960  -8.360  1.00 40.86 ? 386 HOH B O   1 
HETATM 1674 O O   . HOH E 5 .   ? -11.691 -6.714  -11.747 1.00 23.16 ? 387 HOH B O   1 
HETATM 1675 O O   . HOH E 5 .   ? -1.324  -2.241  17.008  1.00 17.01 ? 388 HOH B O   1 
HETATM 1676 O O   . HOH E 5 .   ? -0.948  -3.140  -0.187  1.00 12.09 ? 389 HOH B O   1 
HETATM 1677 O O   . HOH E 5 .   ? -12.628 -0.308  -14.506 1.00 22.43 ? 390 HOH B O   1 
HETATM 1678 O O   . HOH E 5 .   ? -14.944 7.211   -1.513  1.00 28.90 ? 391 HOH B O   1 
HETATM 1679 O O   . HOH E 5 .   ? -0.093  9.932   14.473  1.00 28.58 ? 392 HOH B O   1 
HETATM 1680 O O   . HOH E 5 .   ? -17.135 -9.183  -9.641  1.00 28.31 ? 393 HOH B O   1 
HETATM 1681 O O   . HOH E 5 .   ? -3.300  -0.279  16.742  1.00 14.79 ? 394 HOH B O   1 
HETATM 1682 O O   . HOH E 5 .   ? -15.574 -8.495  -12.363 1.00 21.70 ? 395 HOH B O   1 
HETATM 1683 O O   . HOH E 5 .   ? -0.268  18.494  -10.060 1.00 27.85 ? 396 HOH B O   1 
HETATM 1684 O O   . HOH E 5 .   ? 9.617   10.588  8.164   1.00 18.69 ? 397 HOH B O   1 
HETATM 1685 O O   . HOH E 5 .   ? 0.819   7.007   15.682  1.00 19.43 ? 398 HOH B O   1 
HETATM 1686 O O   . HOH E 5 .   ? -15.165 5.214   0.559   1.00 16.16 ? 399 HOH B O   1 
HETATM 1687 O O   . HOH E 5 .   ? 13.795  -4.727  -5.028  1.00 23.05 ? 400 HOH B O   1 
HETATM 1688 O O   . HOH E 5 .   ? 18.329  3.652   4.761   1.00 15.54 ? 401 HOH B O   1 
HETATM 1689 O O   . HOH E 5 .   ? 0.525   -1.916  19.143  1.00 21.53 ? 402 HOH B O   1 
HETATM 1690 O O   . HOH E 5 .   ? 16.006  -9.539  -8.255  1.00 29.06 ? 403 HOH B O   1 
HETATM 1691 O O   . HOH E 5 .   ? -4.923  -9.423  18.749  1.00 42.50 ? 404 HOH B O   1 
HETATM 1692 O O   . HOH E 5 .   ? 6.753   5.386   16.048  1.00 37.23 ? 405 HOH B O   1 
HETATM 1693 O O   . HOH E 5 .   ? -13.662 -14.597 -1.043  1.00 25.31 ? 406 HOH B O   1 
HETATM 1694 O O   . HOH E 5 .   ? 7.892   4.055   14.032  1.00 25.87 ? 407 HOH B O   1 
HETATM 1695 O O   . HOH E 5 .   ? -7.368  -5.633  18.255  1.00 21.59 ? 408 HOH B O   1 
HETATM 1696 O O   . HOH E 5 .   ? 9.735   7.789   -22.382 1.00 21.24 ? 409 HOH B O   1 
HETATM 1697 O O   . HOH E 5 .   ? 14.363  -5.336  -2.525  1.00 24.40 ? 410 HOH B O   1 
HETATM 1698 O O   . HOH E 5 .   ? -7.390  -8.148  15.933  1.00 29.99 ? 411 HOH B O   1 
HETATM 1699 O O   . HOH E 5 .   ? -12.453 -10.415 -7.973  1.00 25.63 ? 412 HOH B O   1 
HETATM 1700 O O   . HOH E 5 .   ? 19.937  2.993   -7.697  1.00 26.64 ? 413 HOH B O   1 
HETATM 1701 O O   . HOH E 5 .   ? -6.386  -10.060 -11.297 1.00 23.81 ? 414 HOH B O   1 
HETATM 1702 O O   . HOH E 5 .   ? 13.589  -12.274 -6.677  1.00 26.67 ? 415 HOH B O   1 
HETATM 1703 O O   . HOH E 5 .   ? 19.029  2.172   7.201   1.00 31.08 ? 416 HOH B O   1 
HETATM 1704 O O   . HOH E 5 .   ? 4.843   10.364  -0.770  1.00 28.17 ? 417 HOH B O   1 
HETATM 1705 O O   . HOH E 5 .   ? 20.068  1.607   -12.406 1.00 29.51 ? 418 HOH B O   1 
HETATM 1706 O O   . HOH E 5 .   ? 11.304  0.246   -20.175 1.00 35.41 ? 419 HOH B O   1 
HETATM 1707 O O   . HOH E 5 .   ? -3.665  -16.097 -4.776  1.00 27.78 ? 420 HOH B O   1 
HETATM 1708 O O   . HOH E 5 .   ? 8.537   10.060  2.136   1.00 13.98 ? 421 HOH B O   1 
HETATM 1709 O O   . HOH E 5 .   ? 7.626   7.758   -13.207 1.00 19.36 ? 422 HOH B O   1 
HETATM 1710 O O   . HOH E 5 .   ? 16.426  8.201   -3.617  1.00 24.01 ? 423 HOH B O   1 
HETATM 1711 O O   . HOH E 5 .   ? 20.558  5.947   1.580   1.00 20.08 ? 424 HOH B O   1 
HETATM 1712 O O   . HOH E 5 .   ? -6.512  3.883   -19.356 1.00 33.99 ? 425 HOH B O   1 
HETATM 1713 O O   . HOH E 5 .   ? 7.583   -14.022 -0.897  1.00 36.69 ? 426 HOH B O   1 
HETATM 1714 O O   . HOH E 5 .   ? 2.434   -7.887  -13.787 1.00 33.76 ? 427 HOH B O   1 
HETATM 1715 O O   . HOH E 5 .   ? -1.421  -11.836 12.764  1.00 24.96 ? 428 HOH B O   1 
HETATM 1716 O O   . HOH E 5 .   ? 17.808  10.749  -12.579 0.50 20.30 ? 429 HOH B O   1 
HETATM 1717 O O   . HOH E 5 .   ? -9.977  9.098   -9.893  1.00 33.75 ? 430 HOH B O   1 
HETATM 1718 O O   . HOH E 5 .   ? -20.594 -12.124 -4.349  1.00 24.81 ? 431 HOH B O   1 
HETATM 1719 O O   . HOH E 5 .   ? 9.483   5.738   12.782  1.00 25.78 ? 432 HOH B O   1 
HETATM 1720 O O   . HOH E 5 .   ? -15.759 6.474   2.951   1.00 32.67 ? 433 HOH B O   1 
HETATM 1721 O O   . HOH E 5 .   ? 11.426  -15.331 -9.610  1.00 27.43 ? 434 HOH B O   1 
HETATM 1722 O O   . HOH E 5 .   ? 17.938  -2.597  3.056   1.00 33.42 ? 435 HOH B O   1 
HETATM 1723 O O   . HOH E 5 .   ? 19.951  2.392   -1.371  1.00 26.65 ? 436 HOH B O   1 
HETATM 1724 O O   . HOH E 5 .   ? 10.225  -11.831 2.075   1.00 34.20 ? 437 HOH B O   1 
HETATM 1725 O O   . HOH E 5 .   ? 13.356  -0.632  -21.657 1.00 34.42 ? 438 HOH B O   1 
HETATM 1726 O O   . HOH E 5 .   ? -1.720  10.402  -18.549 1.00 33.83 ? 439 HOH B O   1 
HETATM 1727 O O   . HOH E 5 .   ? -14.782 -4.983  10.596  1.00 26.84 ? 440 HOH B O   1 
HETATM 1728 O O   . HOH E 5 .   ? -13.784 8.326   7.247   1.00 21.70 ? 441 HOH B O   1 
HETATM 1729 O O   . HOH E 5 .   ? -18.452 7.809   0.669   1.00 24.83 ? 442 HOH B O   1 
HETATM 1730 O O   . HOH E 5 .   ? -18.995 -2.742  8.189   1.00 35.23 ? 443 HOH B O   1 
HETATM 1731 O O   . HOH E 5 .   ? 5.067   12.954  -0.817  1.00 27.55 ? 444 HOH B O   1 
# 
